data_7U5Y
#
_entry.id   7U5Y
#
_cell.length_a   99.010
_cell.length_b   110.130
_cell.length_c   126.760
_cell.angle_alpha   90.000
_cell.angle_beta   90.000
_cell.angle_gamma   90.000
#
_symmetry.space_group_name_H-M   'P 21 21 21'
#
loop_
_entity.id
_entity.type
_entity.pdbx_description
1 polymer 'Ribulose-phosphate 3-epimerase'
2 non-polymer 'ZINC ION'
3 water water
#
_entity_poly.entity_id   1
_entity_poly.type   'polypeptide(L)'
_entity_poly.pdbx_seq_one_letter_code
;MAHHHHHHMQPFAIAPSILSADFARLGEDVDKVLAAGADIVHFDVMDNHYVPNLTIGPMVCSALRKYGVSAPIDVHLMVS
PVDRIIGDFIEAGATYITFHPEASQHIDRSLQLIRDGGCKAGLVFNPATPLEVLKYVMDKVDMVLLMSVNPGFGGQKFIP
GTLDKLREARALIDASGREIRLEIDGGVNVKNIREIAAAGADTFVAGSAIFNAPDYAEVIRAMHAELAQAHQ
;
_entity_poly.pdbx_strand_id   A,B,C,D,E,F
#
# COMPACT_ATOMS: atom_id res chain seq x y z
N HIS A 4 -32.35 -39.73 -4.87
CA HIS A 4 -32.65 -38.31 -4.75
C HIS A 4 -32.12 -37.53 -5.96
N HIS A 5 -30.81 -37.58 -6.16
CA HIS A 5 -30.14 -36.82 -7.22
C HIS A 5 -28.84 -37.53 -7.60
N HIS A 6 -28.16 -37.01 -8.62
CA HIS A 6 -26.92 -37.58 -9.11
C HIS A 6 -25.72 -36.65 -8.95
N HIS A 7 -25.87 -35.55 -8.21
CA HIS A 7 -24.72 -34.69 -7.94
C HIS A 7 -23.67 -35.43 -7.13
N HIS A 8 -22.42 -35.02 -7.31
CA HIS A 8 -21.33 -35.48 -6.45
C HIS A 8 -21.17 -34.47 -5.32
N MET A 9 -22.06 -34.59 -4.34
CA MET A 9 -22.10 -33.70 -3.19
C MET A 9 -21.47 -34.37 -1.97
N GLN A 10 -21.56 -33.68 -0.83
CA GLN A 10 -21.12 -34.18 0.47
C GLN A 10 -22.31 -34.06 1.41
N PRO A 11 -22.32 -34.82 2.51
CA PRO A 11 -23.45 -34.76 3.43
C PRO A 11 -23.68 -33.33 3.93
N PHE A 12 -24.95 -32.93 3.97
CA PHE A 12 -25.33 -31.58 4.38
C PHE A 12 -24.70 -31.22 5.72
N ALA A 13 -24.29 -29.97 5.85
CA ALA A 13 -23.67 -29.48 7.07
C ALA A 13 -24.15 -28.06 7.33
N ILE A 14 -24.50 -27.78 8.58
CA ILE A 14 -24.95 -26.48 9.01
C ILE A 14 -23.80 -25.84 9.79
N ALA A 15 -23.37 -24.65 9.33
CA ALA A 15 -22.18 -23.99 9.83
C ALA A 15 -22.56 -22.62 10.37
N PRO A 16 -23.01 -22.55 11.63
CA PRO A 16 -23.35 -21.25 12.22
C PRO A 16 -22.13 -20.34 12.30
N SER A 17 -22.37 -19.06 12.02
CA SER A 17 -21.33 -18.04 12.09
C SER A 17 -21.34 -17.43 13.48
N ILE A 18 -20.21 -17.50 14.18
CA ILE A 18 -20.15 -17.05 15.57
C ILE A 18 -20.02 -15.54 15.64
N LEU A 19 -20.11 -14.88 14.48
CA LEU A 19 -20.27 -13.42 14.50
C LEU A 19 -21.53 -13.00 15.23
N SER A 20 -22.58 -13.81 15.15
CA SER A 20 -23.85 -13.54 15.81
C SER A 20 -23.94 -14.13 17.21
N ALA A 21 -22.90 -14.81 17.68
CA ALA A 21 -22.92 -15.45 18.98
C ALA A 21 -22.58 -14.45 20.09
N ASP A 22 -22.66 -14.94 21.32
CA ASP A 22 -22.40 -14.15 22.52
C ASP A 22 -20.92 -14.26 22.83
N PHE A 23 -20.16 -13.22 22.50
CA PHE A 23 -18.72 -13.23 22.75
C PHE A 23 -18.38 -13.04 24.22
N ALA A 24 -19.37 -12.76 25.08
CA ALA A 24 -19.12 -12.78 26.51
C ALA A 24 -19.23 -14.18 27.09
N ARG A 25 -19.97 -15.07 26.43
CA ARG A 25 -20.14 -16.46 26.83
C ARG A 25 -19.95 -17.37 25.62
N LEU A 26 -18.82 -17.21 24.91
CA LEU A 26 -18.66 -17.82 23.60
C LEU A 26 -18.60 -19.35 23.68
N GLY A 27 -17.81 -19.88 24.62
CA GLY A 27 -17.73 -21.32 24.78
C GLY A 27 -19.08 -21.94 25.09
N GLU A 28 -19.83 -21.33 26.01
CA GLU A 28 -21.17 -21.78 26.31
C GLU A 28 -22.06 -21.72 25.07
N ASP A 29 -22.03 -20.60 24.35
CA ASP A 29 -22.93 -20.41 23.22
C ASP A 29 -22.62 -21.41 22.11
N VAL A 30 -21.33 -21.69 21.88
CA VAL A 30 -20.94 -22.67 20.88
C VAL A 30 -21.40 -24.07 21.29
N ASP A 31 -21.29 -24.40 22.58
CA ASP A 31 -21.78 -25.68 23.06
C ASP A 31 -23.27 -25.85 22.79
N LYS A 32 -24.06 -24.80 23.01
CA LYS A 32 -25.50 -24.92 22.81
C LYS A 32 -25.82 -25.13 21.34
N VAL A 33 -25.17 -24.39 20.44
CA VAL A 33 -25.48 -24.56 19.03
C VAL A 33 -25.00 -25.92 18.53
N LEU A 34 -23.90 -26.44 19.09
CA LEU A 34 -23.42 -27.77 18.71
C LEU A 34 -24.31 -28.86 19.29
N ALA A 35 -24.69 -28.72 20.56
CA ALA A 35 -25.64 -29.67 21.14
C ALA A 35 -27.00 -29.62 20.45
N ALA A 36 -27.32 -28.50 19.80
CA ALA A 36 -28.58 -28.35 19.08
C ALA A 36 -28.53 -28.92 17.67
N GLY A 37 -27.41 -29.52 17.27
CA GLY A 37 -27.32 -30.23 16.00
C GLY A 37 -26.48 -29.58 14.93
N ALA A 38 -25.86 -28.43 15.21
CA ALA A 38 -24.94 -27.82 14.25
C ALA A 38 -23.70 -28.69 14.06
N ASP A 39 -23.12 -28.63 12.86
CA ASP A 39 -21.96 -29.45 12.51
C ASP A 39 -20.64 -28.71 12.58
N ILE A 40 -20.59 -27.46 12.13
CA ILE A 40 -19.33 -26.74 11.94
C ILE A 40 -19.42 -25.37 12.57
N VAL A 41 -18.34 -24.95 13.24
CA VAL A 41 -18.22 -23.61 13.80
C VAL A 41 -17.59 -22.72 12.74
N HIS A 42 -18.35 -21.75 12.23
CA HIS A 42 -17.86 -20.86 11.20
C HIS A 42 -17.25 -19.61 11.85
N PHE A 43 -16.07 -19.24 11.37
CA PHE A 43 -15.17 -18.27 11.98
C PHE A 43 -14.91 -17.17 10.95
N ASP A 44 -15.46 -15.99 11.15
CA ASP A 44 -15.27 -14.86 10.22
C ASP A 44 -14.12 -13.98 10.70
N VAL A 45 -13.01 -14.02 9.96
CA VAL A 45 -11.81 -13.28 10.34
C VAL A 45 -11.67 -12.10 9.38
N MET A 46 -11.72 -10.88 9.94
CA MET A 46 -11.65 -9.63 9.18
C MET A 46 -10.56 -8.72 9.77
N ASP A 47 -9.69 -8.17 8.91
CA ASP A 47 -8.49 -7.47 9.36
C ASP A 47 -8.54 -5.96 9.18
N ASN A 48 -9.73 -5.39 8.97
CA ASN A 48 -9.94 -3.96 8.79
C ASN A 48 -9.30 -3.42 7.51
N HIS A 49 -8.73 -4.27 6.67
CA HIS A 49 -8.15 -3.83 5.40
C HIS A 49 -8.87 -4.46 4.21
N TYR A 50 -8.94 -5.80 4.14
CA TYR A 50 -9.67 -6.41 3.03
C TYR A 50 -11.15 -6.11 3.10
N VAL A 51 -11.70 -5.96 4.30
CA VAL A 51 -13.09 -5.52 4.51
C VAL A 51 -13.09 -4.42 5.57
N PRO A 52 -14.04 -3.54 5.56
CA PRO A 52 -14.05 -2.43 6.53
C PRO A 52 -14.54 -2.82 7.92
N ASN A 53 -13.92 -3.86 8.50
CA ASN A 53 -14.29 -4.31 9.83
C ASN A 53 -13.19 -5.20 10.38
N LEU A 54 -13.11 -5.26 11.71
CA LEU A 54 -12.13 -6.08 12.41
C LEU A 54 -12.87 -6.97 13.40
N THR A 55 -12.65 -8.30 13.32
CA THR A 55 -13.44 -9.22 14.11
C THR A 55 -12.52 -9.92 15.10
N ILE A 56 -12.09 -11.15 14.84
CA ILE A 56 -11.39 -11.97 15.82
C ILE A 56 -10.26 -12.71 15.13
N GLY A 57 -9.17 -12.92 15.88
CA GLY A 57 -7.99 -13.56 15.35
C GLY A 57 -7.82 -14.97 15.87
N PRO A 58 -6.63 -15.53 15.63
CA PRO A 58 -6.40 -16.94 15.99
C PRO A 58 -6.53 -17.24 17.47
N MET A 59 -6.27 -16.29 18.36
CA MET A 59 -6.37 -16.57 19.79
C MET A 59 -7.77 -17.03 20.18
N VAL A 60 -8.79 -16.56 19.46
CA VAL A 60 -10.15 -16.98 19.78
C VAL A 60 -10.37 -18.41 19.32
N CYS A 61 -9.81 -18.78 18.16
CA CYS A 61 -9.84 -20.17 17.73
C CYS A 61 -9.14 -21.07 18.74
N SER A 62 -7.97 -20.65 19.24
CA SER A 62 -7.28 -21.40 20.29
C SER A 62 -8.16 -21.53 21.53
N ALA A 63 -8.83 -20.45 21.92
CA ALA A 63 -9.64 -20.47 23.14
C ALA A 63 -10.76 -21.49 23.06
N LEU A 64 -11.36 -21.65 21.86
CA LEU A 64 -12.43 -22.63 21.70
C LEU A 64 -11.89 -24.06 21.81
N ARG A 65 -10.70 -24.29 21.26
CA ARG A 65 -10.07 -25.61 21.36
C ARG A 65 -9.66 -25.91 22.80
N LYS A 66 -9.08 -24.92 23.49
CA LYS A 66 -8.70 -25.15 24.89
C LYS A 66 -9.93 -25.32 25.77
N TYR A 67 -11.08 -24.83 25.32
CA TYR A 67 -12.28 -24.96 26.12
C TYR A 67 -12.90 -26.34 25.95
N GLY A 68 -12.65 -26.98 24.81
CA GLY A 68 -13.15 -28.32 24.60
C GLY A 68 -13.88 -28.51 23.29
N VAL A 69 -14.07 -27.44 22.52
CA VAL A 69 -14.81 -27.52 21.27
C VAL A 69 -14.05 -28.41 20.30
N SER A 70 -14.61 -29.59 20.01
CA SER A 70 -13.99 -30.54 19.10
C SER A 70 -14.61 -30.55 17.72
N ALA A 71 -15.65 -29.76 17.49
CA ALA A 71 -16.26 -29.72 16.18
C ALA A 71 -15.29 -29.11 15.16
N PRO A 72 -15.46 -29.43 13.88
CA PRO A 72 -14.64 -28.76 12.86
C PRO A 72 -14.89 -27.26 12.85
N ILE A 73 -13.80 -26.50 12.85
CA ILE A 73 -13.81 -25.05 12.85
C ILE A 73 -13.42 -24.56 11.47
N ASP A 74 -14.30 -23.76 10.87
CA ASP A 74 -14.21 -23.29 9.49
C ASP A 74 -13.81 -21.82 9.52
N VAL A 75 -12.55 -21.55 9.23
CA VAL A 75 -12.00 -20.21 9.31
C VAL A 75 -12.11 -19.55 7.94
N HIS A 76 -12.94 -18.51 7.85
CA HIS A 76 -13.10 -17.71 6.65
C HIS A 76 -12.25 -16.45 6.81
N LEU A 77 -11.18 -16.35 6.01
CA LEU A 77 -10.24 -15.24 6.10
C LEU A 77 -10.69 -14.11 5.18
N MET A 78 -11.23 -13.04 5.77
CA MET A 78 -11.41 -11.78 5.05
C MET A 78 -10.29 -10.82 5.42
N VAL A 79 -9.08 -11.23 5.04
CA VAL A 79 -7.85 -10.52 5.34
C VAL A 79 -7.00 -10.52 4.07
N SER A 80 -6.02 -9.62 4.05
CA SER A 80 -5.09 -9.55 2.93
C SER A 80 -3.85 -8.78 3.36
N PRO A 81 -2.64 -9.35 3.23
CA PRO A 81 -2.28 -10.71 2.74
C PRO A 81 -2.67 -11.83 3.71
N VAL A 82 -2.54 -13.10 3.30
CA VAL A 82 -3.11 -14.20 4.06
C VAL A 82 -2.07 -15.18 4.62
N ASP A 83 -0.86 -15.27 4.06
CA ASP A 83 0.00 -16.42 4.36
C ASP A 83 0.42 -16.49 5.82
N ARG A 84 0.85 -15.37 6.40
CA ARG A 84 1.32 -15.39 7.79
C ARG A 84 0.18 -15.80 8.73
N ILE A 85 -0.99 -15.17 8.58
CA ILE A 85 -2.06 -15.52 9.50
C ILE A 85 -2.58 -16.93 9.22
N ILE A 86 -2.36 -17.47 8.02
CA ILE A 86 -2.72 -18.87 7.75
C ILE A 86 -1.98 -19.79 8.70
N GLY A 87 -0.68 -19.55 8.90
CA GLY A 87 0.08 -20.36 9.84
C GLY A 87 -0.51 -20.33 11.23
N ASP A 88 -0.93 -19.16 11.69
CA ASP A 88 -1.44 -19.05 13.06
C ASP A 88 -2.74 -19.82 13.23
N PHE A 89 -3.59 -19.85 12.21
CA PHE A 89 -4.83 -20.59 12.30
C PHE A 89 -4.61 -22.09 12.20
N ILE A 90 -3.55 -22.51 11.50
CA ILE A 90 -3.16 -23.92 11.50
C ILE A 90 -2.73 -24.32 12.91
N GLU A 91 -1.83 -23.52 13.51
CA GLU A 91 -1.36 -23.85 14.85
C GLU A 91 -2.46 -23.71 15.88
N ALA A 92 -3.48 -22.88 15.61
CA ALA A 92 -4.58 -22.69 16.54
C ALA A 92 -5.61 -23.82 16.49
N GLY A 93 -5.53 -24.71 15.51
CA GLY A 93 -6.45 -25.82 15.43
C GLY A 93 -7.62 -25.67 14.47
N ALA A 94 -7.50 -24.82 13.46
CA ALA A 94 -8.53 -24.71 12.45
C ALA A 94 -8.63 -26.01 11.66
N THR A 95 -9.83 -26.30 11.16
CA THR A 95 -10.08 -27.47 10.33
C THR A 95 -10.14 -27.11 8.85
N TYR A 96 -10.95 -26.11 8.51
CA TYR A 96 -10.95 -25.49 7.19
C TYR A 96 -10.34 -24.09 7.30
N ILE A 97 -9.58 -23.70 6.29
CA ILE A 97 -9.15 -22.32 6.12
C ILE A 97 -9.46 -21.93 4.69
N THR A 98 -10.29 -20.92 4.52
CA THR A 98 -10.63 -20.43 3.18
C THR A 98 -10.28 -18.96 3.08
N PHE A 99 -9.92 -18.54 1.87
CA PHE A 99 -9.52 -17.17 1.63
C PHE A 99 -9.96 -16.79 0.24
N HIS A 100 -9.98 -15.49 -0.03
CA HIS A 100 -10.38 -14.91 -1.30
C HIS A 100 -9.19 -14.88 -2.26
N PRO A 101 -9.41 -15.27 -3.52
CA PRO A 101 -8.32 -15.24 -4.49
C PRO A 101 -7.72 -13.86 -4.68
N GLU A 102 -8.49 -12.80 -4.53
CA GLU A 102 -7.96 -11.45 -4.68
C GLU A 102 -6.98 -11.08 -3.57
N ALA A 103 -7.02 -11.75 -2.44
CA ALA A 103 -6.27 -11.34 -1.26
C ALA A 103 -4.87 -11.92 -1.21
N SER A 104 -4.51 -12.80 -2.15
CA SER A 104 -3.19 -13.43 -2.16
C SER A 104 -2.52 -13.19 -3.50
N GLN A 105 -1.26 -12.74 -3.47
CA GLN A 105 -0.50 -12.60 -4.70
C GLN A 105 -0.14 -13.96 -5.31
N HIS A 106 -0.20 -15.05 -4.52
CA HIS A 106 0.20 -16.37 -5.00
C HIS A 106 -0.77 -17.40 -4.45
N ILE A 107 -1.86 -17.61 -5.19
CA ILE A 107 -2.97 -18.41 -4.69
C ILE A 107 -2.53 -19.85 -4.44
N ASP A 108 -1.74 -20.42 -5.37
CA ASP A 108 -1.36 -21.82 -5.24
C ASP A 108 -0.53 -22.05 -3.99
N ARG A 109 0.48 -21.21 -3.77
CA ARG A 109 1.31 -21.35 -2.58
C ARG A 109 0.47 -21.21 -1.31
N SER A 110 -0.52 -20.31 -1.33
CA SER A 110 -1.37 -20.12 -0.15
C SER A 110 -2.24 -21.35 0.11
N LEU A 111 -2.84 -21.90 -0.94
CA LEU A 111 -3.60 -23.13 -0.80
C LEU A 111 -2.72 -24.26 -0.31
N GLN A 112 -1.49 -24.37 -0.86
CA GLN A 112 -0.60 -25.44 -0.43
C GLN A 112 -0.22 -25.29 1.04
N LEU A 113 -0.06 -24.04 1.49
CA LEU A 113 0.27 -23.79 2.90
C LEU A 113 -0.79 -24.37 3.83
N ILE A 114 -2.06 -24.21 3.47
CA ILE A 114 -3.14 -24.74 4.30
C ILE A 114 -3.11 -26.26 4.28
N ARG A 115 -2.97 -26.86 3.10
CA ARG A 115 -2.98 -28.32 3.00
C ARG A 115 -1.82 -28.94 3.78
N ASP A 116 -0.64 -28.34 3.71
CA ASP A 116 0.51 -28.87 4.44
C ASP A 116 0.35 -28.72 5.94
N GLY A 117 -0.59 -27.89 6.39
CA GLY A 117 -0.90 -27.86 7.81
C GLY A 117 -1.81 -28.97 8.26
N GLY A 118 -2.35 -29.75 7.31
CA GLY A 118 -3.33 -30.74 7.67
C GLY A 118 -4.76 -30.25 7.59
N CYS A 119 -4.99 -29.02 7.13
CA CYS A 119 -6.31 -28.43 7.02
C CYS A 119 -6.89 -28.62 5.63
N LYS A 120 -8.20 -28.42 5.53
CA LYS A 120 -8.87 -28.38 4.24
C LYS A 120 -8.91 -26.95 3.75
N ALA A 121 -8.65 -26.75 2.45
CA ALA A 121 -8.47 -25.41 1.91
C ALA A 121 -9.66 -25.03 1.03
N GLY A 122 -9.90 -23.73 0.92
CA GLY A 122 -11.01 -23.26 0.11
C GLY A 122 -10.79 -21.86 -0.44
N LEU A 123 -11.57 -21.55 -1.48
CA LEU A 123 -11.57 -20.23 -2.10
C LEU A 123 -12.95 -19.60 -1.92
N VAL A 124 -12.96 -18.33 -1.52
CA VAL A 124 -14.19 -17.59 -1.26
C VAL A 124 -14.44 -16.66 -2.43
N PHE A 125 -15.69 -16.59 -2.87
CA PHE A 125 -16.05 -15.78 -4.03
C PHE A 125 -17.03 -14.68 -3.64
N ASN A 126 -16.58 -13.44 -3.82
CA ASN A 126 -17.43 -12.29 -3.66
C ASN A 126 -18.56 -12.36 -4.69
N PRO A 127 -19.67 -11.68 -4.42
CA PRO A 127 -20.78 -11.70 -5.38
C PRO A 127 -20.35 -11.50 -6.83
N ALA A 128 -19.38 -10.62 -7.09
CA ALA A 128 -19.00 -10.36 -8.47
C ALA A 128 -17.87 -11.25 -8.97
N THR A 129 -17.18 -11.97 -8.11
CA THR A 129 -15.99 -12.70 -8.56
C THR A 129 -16.37 -13.91 -9.40
N PRO A 130 -15.93 -14.01 -10.64
CA PRO A 130 -16.24 -15.19 -11.45
C PRO A 130 -15.41 -16.39 -11.02
N LEU A 131 -15.88 -17.57 -11.43
CA LEU A 131 -15.30 -18.83 -10.98
C LEU A 131 -14.09 -19.30 -11.79
N GLU A 132 -13.62 -18.50 -12.75
CA GLU A 132 -12.59 -18.98 -13.68
C GLU A 132 -11.31 -19.39 -12.95
N VAL A 133 -10.99 -18.78 -11.81
CA VAL A 133 -9.73 -19.06 -11.13
C VAL A 133 -9.66 -20.47 -10.56
N LEU A 134 -10.80 -21.18 -10.49
CA LEU A 134 -10.80 -22.55 -9.99
C LEU A 134 -10.20 -23.55 -10.98
N LYS A 135 -10.01 -23.16 -12.24
CA LYS A 135 -9.67 -24.12 -13.29
C LYS A 135 -8.40 -24.90 -12.96
N TYR A 136 -7.38 -24.23 -12.45
CA TYR A 136 -6.07 -24.84 -12.23
C TYR A 136 -5.76 -25.08 -10.76
N VAL A 137 -6.77 -25.13 -9.91
CA VAL A 137 -6.53 -25.41 -8.50
C VAL A 137 -7.57 -26.44 -8.03
N MET A 138 -8.22 -27.11 -8.98
CA MET A 138 -9.27 -28.06 -8.63
C MET A 138 -8.74 -29.18 -7.75
N ASP A 139 -7.49 -29.56 -7.93
CA ASP A 139 -6.89 -30.58 -7.08
C ASP A 139 -6.52 -30.08 -5.70
N LYS A 140 -6.59 -28.77 -5.45
CA LYS A 140 -6.14 -28.21 -4.19
C LYS A 140 -7.23 -27.51 -3.41
N VAL A 141 -8.47 -27.50 -3.88
CA VAL A 141 -9.59 -26.93 -3.14
C VAL A 141 -10.43 -28.07 -2.60
N ASP A 142 -10.71 -28.02 -1.30
CA ASP A 142 -11.65 -28.93 -0.67
C ASP A 142 -13.03 -28.31 -0.49
N MET A 143 -13.14 -26.97 -0.55
CA MET A 143 -14.40 -26.27 -0.39
C MET A 143 -14.39 -25.00 -1.21
N VAL A 144 -15.57 -24.65 -1.74
CA VAL A 144 -15.81 -23.41 -2.46
C VAL A 144 -16.90 -22.66 -1.71
N LEU A 145 -16.60 -21.44 -1.28
CA LEU A 145 -17.53 -20.61 -0.53
C LEU A 145 -18.04 -19.52 -1.46
N LEU A 146 -19.35 -19.50 -1.65
CA LEU A 146 -19.98 -18.46 -2.44
C LEU A 146 -20.59 -17.46 -1.47
N MET A 147 -20.21 -16.18 -1.61
CA MET A 147 -20.78 -15.10 -0.82
C MET A 147 -22.04 -14.59 -1.52
N SER A 148 -23.17 -14.64 -0.82
CA SER A 148 -24.40 -14.06 -1.32
C SER A 148 -24.68 -12.66 -0.78
N VAL A 149 -23.78 -12.12 0.05
CA VAL A 149 -23.74 -10.70 0.38
C VAL A 149 -22.29 -10.23 0.28
N ASN A 150 -22.11 -8.91 0.31
CA ASN A 150 -20.78 -8.35 0.33
C ASN A 150 -20.20 -8.48 1.73
N PRO A 151 -19.11 -9.22 1.90
CA PRO A 151 -18.63 -9.51 3.26
C PRO A 151 -18.12 -8.26 3.98
N GLY A 152 -18.42 -8.19 5.27
CA GLY A 152 -17.92 -7.10 6.08
C GLY A 152 -18.82 -5.89 6.17
N PHE A 153 -19.95 -5.87 5.47
CA PHE A 153 -20.83 -4.70 5.49
C PHE A 153 -22.13 -4.97 6.25
N GLN A 156 -26.72 -6.73 3.20
CA GLN A 156 -27.24 -7.62 4.23
C GLN A 156 -28.43 -8.45 3.72
N LYS A 157 -28.75 -8.31 2.43
CA LYS A 157 -29.84 -9.03 1.79
C LYS A 157 -29.28 -10.02 0.77
N PHE A 158 -29.84 -11.23 0.75
CA PHE A 158 -29.37 -12.27 -0.17
C PHE A 158 -29.48 -11.80 -1.61
N ILE A 159 -28.37 -11.83 -2.32
CA ILE A 159 -28.31 -11.45 -3.73
C ILE A 159 -28.82 -12.60 -4.59
N PRO A 160 -29.94 -12.43 -5.31
CA PRO A 160 -30.57 -13.57 -6.00
C PRO A 160 -29.68 -14.23 -7.04
N GLY A 161 -28.81 -13.47 -7.72
CA GLY A 161 -27.95 -14.05 -8.72
C GLY A 161 -27.02 -15.13 -8.20
N THR A 162 -26.87 -15.24 -6.88
CA THR A 162 -26.02 -16.26 -6.29
C THR A 162 -26.53 -17.66 -6.62
N LEU A 163 -27.86 -17.82 -6.73
CA LEU A 163 -28.42 -19.12 -7.07
C LEU A 163 -27.90 -19.60 -8.42
N ASP A 164 -27.76 -18.68 -9.38
CA ASP A 164 -27.19 -19.05 -10.67
C ASP A 164 -25.72 -19.44 -10.51
N LYS A 165 -24.98 -18.71 -9.69
CA LYS A 165 -23.57 -19.06 -9.46
C LYS A 165 -23.45 -20.35 -8.67
N LEU A 166 -24.38 -20.61 -7.75
CA LEU A 166 -24.39 -21.90 -7.06
C LEU A 166 -24.53 -23.02 -8.07
N ARG A 167 -25.46 -22.87 -9.01
CA ARG A 167 -25.65 -23.88 -10.03
C ARG A 167 -24.40 -24.02 -10.89
N GLU A 168 -23.76 -22.90 -11.23
CA GLU A 168 -22.51 -22.97 -12.00
C GLU A 168 -21.43 -23.66 -11.19
N ALA A 169 -21.32 -23.35 -9.90
CA ALA A 169 -20.30 -23.99 -9.08
C ALA A 169 -20.59 -25.48 -8.91
N ARG A 170 -21.86 -25.82 -8.65
CA ARG A 170 -22.23 -27.22 -8.52
C ARG A 170 -21.86 -28.01 -9.77
N ALA A 171 -22.04 -27.42 -10.95
CA ALA A 171 -21.68 -28.10 -12.19
C ALA A 171 -20.18 -28.31 -12.30
N LEU A 172 -19.36 -27.31 -11.92
CA LEU A 172 -17.90 -27.48 -12.02
C LEU A 172 -17.42 -28.61 -11.11
N ILE A 173 -17.93 -28.66 -9.88
CA ILE A 173 -17.55 -29.72 -8.97
C ILE A 173 -18.02 -31.07 -9.49
N ASP A 174 -19.25 -31.14 -10.02
CA ASP A 174 -19.79 -32.41 -10.49
C ASP A 174 -18.96 -33.03 -11.62
N ALA A 175 -18.46 -32.20 -12.53
CA ALA A 175 -17.70 -32.66 -13.70
C ALA A 175 -16.21 -32.85 -13.43
N SER A 176 -15.74 -32.48 -12.23
CA SER A 176 -14.32 -32.48 -11.90
C SER A 176 -13.79 -33.81 -11.37
N GLY A 177 -14.63 -34.67 -10.80
CA GLY A 177 -14.12 -35.87 -10.19
C GLY A 177 -13.51 -35.69 -8.82
N ARG A 178 -13.55 -34.49 -8.27
CA ARG A 178 -12.98 -34.19 -6.96
C ARG A 178 -14.09 -34.06 -5.90
N GLU A 179 -13.71 -34.30 -4.65
CA GLU A 179 -14.61 -34.13 -3.51
C GLU A 179 -14.47 -32.69 -3.01
N ILE A 180 -15.42 -31.82 -3.40
CA ILE A 180 -15.38 -30.41 -3.03
C ILE A 180 -16.72 -29.99 -2.43
N ARG A 181 -16.68 -29.42 -1.23
CA ARG A 181 -17.88 -28.89 -0.60
C ARG A 181 -18.25 -27.55 -1.24
N LEU A 182 -19.55 -27.33 -1.39
CA LEU A 182 -20.10 -26.08 -1.93
C LEU A 182 -20.79 -25.37 -0.78
N GLU A 183 -20.19 -24.29 -0.32
CA GLU A 183 -20.65 -23.53 0.84
C GLU A 183 -21.30 -22.23 0.39
N ILE A 184 -22.26 -21.77 1.18
CA ILE A 184 -23.00 -20.54 0.89
C ILE A 184 -23.09 -19.72 2.17
N ASP A 185 -22.94 -18.40 2.06
CA ASP A 185 -22.99 -17.56 3.23
C ASP A 185 -23.54 -16.19 2.84
N GLY A 186 -24.58 -15.77 3.55
CA GLY A 186 -25.19 -14.46 3.35
C GLY A 186 -26.71 -14.54 3.22
N GLY A 187 -27.42 -14.21 4.30
CA GLY A 187 -28.87 -14.22 4.28
C GLY A 187 -29.51 -15.59 4.17
N VAL A 188 -28.85 -16.65 4.66
CA VAL A 188 -29.41 -17.99 4.62
C VAL A 188 -30.32 -18.16 5.84
N ASN A 189 -31.60 -18.46 5.58
CA ASN A 189 -32.58 -18.66 6.64
C ASN A 189 -33.46 -19.85 6.26
N VAL A 190 -34.43 -20.14 7.14
CA VAL A 190 -35.31 -21.30 6.92
C VAL A 190 -36.15 -21.11 5.67
N LYS A 191 -36.56 -19.87 5.39
CA LYS A 191 -37.46 -19.63 4.25
C LYS A 191 -36.78 -19.83 2.90
N ASN A 192 -35.44 -19.81 2.84
CA ASN A 192 -34.75 -19.95 1.56
C ASN A 192 -33.72 -21.08 1.50
N ILE A 193 -33.52 -21.83 2.59
CA ILE A 193 -32.46 -22.84 2.60
C ILE A 193 -32.77 -23.97 1.62
N ARG A 194 -34.05 -24.25 1.37
CA ARG A 194 -34.43 -25.28 0.41
C ARG A 194 -34.01 -24.91 -1.01
N GLU A 195 -34.33 -23.68 -1.43
CA GLU A 195 -33.95 -23.23 -2.75
C GLU A 195 -32.42 -23.16 -2.89
N ILE A 196 -31.75 -22.73 -1.83
CA ILE A 196 -30.29 -22.66 -1.84
C ILE A 196 -29.69 -24.05 -1.98
N ALA A 197 -30.21 -25.02 -1.22
CA ALA A 197 -29.71 -26.39 -1.35
C ALA A 197 -30.03 -26.96 -2.72
N ALA A 198 -31.24 -26.69 -3.22
CA ALA A 198 -31.61 -27.18 -4.55
C ALA A 198 -30.72 -26.59 -5.65
N ALA A 199 -30.20 -25.39 -5.45
CA ALA A 199 -29.24 -24.82 -6.40
C ALA A 199 -27.91 -25.55 -6.38
N GLY A 200 -27.59 -26.27 -5.31
CA GLY A 200 -26.42 -27.11 -5.32
C GLY A 200 -25.49 -26.98 -4.11
N ALA A 201 -25.87 -26.17 -3.13
CA ALA A 201 -25.03 -26.03 -1.95
C ALA A 201 -25.27 -27.21 -1.02
N ASP A 202 -24.20 -27.66 -0.38
CA ASP A 202 -24.28 -28.74 0.60
C ASP A 202 -23.73 -28.31 1.95
N THR A 203 -23.27 -27.07 2.06
CA THR A 203 -22.73 -26.54 3.31
C THR A 203 -23.34 -25.15 3.48
N PHE A 204 -24.00 -24.91 4.61
CA PHE A 204 -24.83 -23.73 4.78
C PHE A 204 -24.39 -22.94 6.00
N VAL A 205 -23.94 -21.71 5.78
CA VAL A 205 -23.58 -20.79 6.85
C VAL A 205 -24.80 -19.92 7.14
N ALA A 206 -25.25 -19.93 8.38
CA ALA A 206 -26.27 -18.99 8.85
C ALA A 206 -25.79 -18.36 10.13
N GLY A 207 -26.16 -17.10 10.33
CA GLY A 207 -25.68 -16.42 11.51
C GLY A 207 -26.81 -16.01 12.43
N SER A 208 -27.42 -14.85 12.14
CA SER A 208 -28.48 -14.35 13.01
C SER A 208 -29.62 -15.36 13.13
N ALA A 209 -29.94 -16.07 12.04
CA ALA A 209 -31.10 -16.95 12.04
C ALA A 209 -31.03 -17.99 13.15
N ILE A 210 -29.82 -18.36 13.57
CA ILE A 210 -29.65 -19.39 14.60
C ILE A 210 -29.35 -18.72 15.93
N PHE A 211 -28.31 -17.89 15.97
CA PHE A 211 -27.87 -17.35 17.26
C PHE A 211 -28.81 -16.29 17.81
N ASN A 212 -29.58 -15.62 16.96
CA ASN A 212 -30.56 -14.65 17.44
C ASN A 212 -31.93 -15.26 17.67
N ALA A 213 -32.11 -16.54 17.38
CA ALA A 213 -33.34 -17.26 17.63
C ALA A 213 -33.48 -17.65 19.09
N PRO A 214 -34.72 -17.78 19.59
CA PRO A 214 -34.91 -18.16 21.00
C PRO A 214 -34.59 -19.61 21.30
N ASP A 215 -34.75 -20.52 20.34
CA ASP A 215 -34.45 -21.93 20.54
C ASP A 215 -33.58 -22.40 19.39
N TYR A 216 -32.33 -22.75 19.68
CA TYR A 216 -31.39 -23.15 18.63
C TYR A 216 -31.77 -24.48 18.01
N ALA A 217 -32.22 -25.44 18.81
CA ALA A 217 -32.49 -26.76 18.28
C ALA A 217 -33.69 -26.74 17.32
N GLU A 218 -34.73 -25.96 17.66
CA GLU A 218 -35.91 -25.90 16.80
C GLU A 218 -35.58 -25.33 15.43
N VAL A 219 -34.77 -24.27 15.39
CA VAL A 219 -34.42 -23.67 14.11
C VAL A 219 -33.66 -24.67 13.24
N ILE A 220 -32.68 -25.36 13.84
CA ILE A 220 -31.87 -26.30 13.08
C ILE A 220 -32.72 -27.44 12.54
N ARG A 221 -33.68 -27.92 13.34
CA ARG A 221 -34.60 -28.94 12.85
C ARG A 221 -35.41 -28.42 11.67
N ALA A 222 -35.86 -27.17 11.74
CA ALA A 222 -36.63 -26.59 10.64
C ALA A 222 -35.78 -26.49 9.38
N MET A 223 -34.50 -26.17 9.53
CA MET A 223 -33.60 -26.15 8.38
C MET A 223 -33.46 -27.54 7.78
N HIS A 224 -33.24 -28.55 8.62
CA HIS A 224 -33.15 -29.90 8.11
C HIS A 224 -34.46 -30.37 7.48
N ALA A 225 -35.59 -29.86 7.97
CA ALA A 225 -36.86 -30.19 7.36
C ALA A 225 -36.91 -29.72 5.92
N GLU A 226 -36.46 -28.49 5.66
CA GLU A 226 -36.43 -28.01 4.28
C GLU A 226 -35.35 -28.70 3.46
N LEU A 227 -34.20 -29.02 4.08
CA LEU A 227 -33.13 -29.67 3.33
C LEU A 227 -33.54 -31.05 2.84
N ALA A 228 -34.45 -31.72 3.54
CA ALA A 228 -34.89 -33.05 3.13
C ALA A 228 -35.73 -32.97 1.87
N GLN A 229 -36.58 -31.95 1.76
CA GLN A 229 -37.40 -31.76 0.56
C GLN A 229 -36.68 -30.95 -0.51
N ALA A 230 -35.37 -31.05 -0.63
CA ALA A 230 -34.66 -30.16 -1.54
C ALA A 230 -34.35 -30.80 -2.88
N HIS A 231 -34.49 -32.12 -2.99
CA HIS A 231 -34.32 -32.82 -4.25
C HIS A 231 -35.53 -33.71 -4.45
N GLN A 232 -36.56 -33.16 -5.09
CA GLN A 232 -37.85 -33.82 -5.25
C GLN A 232 -37.85 -34.83 -6.40
N HIS B 8 36.42 10.39 21.69
CA HIS B 8 36.17 8.95 21.80
C HIS B 8 35.63 8.38 20.48
N MET B 9 36.43 8.49 19.43
CA MET B 9 36.08 7.93 18.13
C MET B 9 36.52 6.46 18.08
N GLN B 10 36.43 5.88 16.89
CA GLN B 10 36.84 4.53 16.55
C GLN B 10 37.88 4.57 15.44
N PRO B 11 38.66 3.50 15.27
CA PRO B 11 39.71 3.51 14.24
C PRO B 11 39.14 3.75 12.84
N PHE B 12 39.84 4.59 12.08
CA PHE B 12 39.42 4.94 10.74
C PHE B 12 39.21 3.69 9.89
N ALA B 13 38.16 3.71 9.07
CA ALA B 13 37.86 2.59 8.19
C ALA B 13 37.33 3.12 6.87
N ILE B 14 37.86 2.59 5.77
CA ILE B 14 37.45 2.98 4.43
C ILE B 14 36.59 1.85 3.87
N ALA B 15 35.36 2.17 3.49
CA ALA B 15 34.35 1.18 3.11
C ALA B 15 33.86 1.45 1.68
N PRO B 16 34.58 0.96 0.67
CA PRO B 16 34.14 1.15 -0.71
C PRO B 16 32.77 0.54 -0.97
N SER B 17 31.97 1.24 -1.76
CA SER B 17 30.64 0.78 -2.13
C SER B 17 30.74 0.00 -3.44
N ILE B 18 30.28 -1.26 -3.41
CA ILE B 18 30.44 -2.14 -4.55
C ILE B 18 29.39 -1.90 -5.63
N LEU B 19 28.53 -0.89 -5.47
CA LEU B 19 27.67 -0.52 -6.59
C LEU B 19 28.49 -0.08 -7.77
N SER B 20 29.67 0.50 -7.53
CA SER B 20 30.57 0.93 -8.57
C SER B 20 31.57 -0.15 -8.98
N ALA B 21 31.48 -1.34 -8.40
CA ALA B 21 32.40 -2.42 -8.73
C ALA B 21 31.92 -3.15 -9.98
N ASP B 22 32.73 -4.09 -10.44
CA ASP B 22 32.42 -4.86 -11.64
C ASP B 22 31.65 -6.09 -11.22
N PHE B 23 30.32 -6.05 -11.42
CA PHE B 23 29.52 -7.20 -11.02
C PHE B 23 29.69 -8.38 -11.96
N ALA B 24 30.41 -8.22 -13.07
CA ALA B 24 30.74 -9.39 -13.87
C ALA B 24 31.95 -10.13 -13.33
N ARG B 25 32.81 -9.45 -12.57
CA ARG B 25 33.98 -10.03 -11.93
C ARG B 25 34.05 -9.57 -10.48
N LEU B 26 32.96 -9.79 -9.74
CA LEU B 26 32.80 -9.13 -8.43
C LEU B 26 33.86 -9.61 -7.44
N GLY B 27 34.07 -10.93 -7.36
CA GLY B 27 35.08 -11.45 -6.44
C GLY B 27 36.46 -10.89 -6.75
N GLU B 28 36.83 -10.86 -8.02
CA GLU B 28 38.09 -10.26 -8.43
C GLU B 28 38.14 -8.79 -8.03
N ASP B 29 37.06 -8.05 -8.33
CA ASP B 29 37.06 -6.62 -8.07
C ASP B 29 37.18 -6.33 -6.58
N VAL B 30 36.49 -7.11 -5.75
CA VAL B 30 36.56 -6.93 -4.31
C VAL B 30 37.94 -7.30 -3.79
N ASP B 31 38.53 -8.39 -4.29
CA ASP B 31 39.88 -8.74 -3.88
C ASP B 31 40.85 -7.61 -4.16
N LYS B 32 40.71 -6.94 -5.31
CA LYS B 32 41.63 -5.86 -5.65
C LYS B 32 41.47 -4.68 -4.70
N VAL B 33 40.23 -4.28 -4.39
CA VAL B 33 40.10 -3.14 -3.49
C VAL B 33 40.55 -3.51 -2.09
N LEU B 34 40.35 -4.75 -1.67
CA LEU B 34 40.82 -5.19 -0.36
C LEU B 34 42.33 -5.31 -0.33
N ALA B 35 42.94 -5.86 -1.39
CA ALA B 35 44.39 -5.88 -1.47
C ALA B 35 44.98 -4.48 -1.55
N ALA B 36 44.20 -3.51 -2.03
CA ALA B 36 44.66 -2.12 -2.10
C ALA B 36 44.47 -1.36 -0.79
N GLY B 37 43.99 -2.01 0.27
CA GLY B 37 43.92 -1.37 1.58
C GLY B 37 42.52 -1.03 2.08
N ALA B 38 41.46 -1.36 1.34
CA ALA B 38 40.12 -1.11 1.83
C ALA B 38 39.84 -1.98 3.05
N ASP B 39 39.03 -1.45 3.97
CA ASP B 39 38.77 -2.13 5.24
C ASP B 39 37.45 -2.89 5.26
N ILE B 40 36.39 -2.31 4.71
CA ILE B 40 35.04 -2.85 4.80
C ILE B 40 34.42 -2.87 3.41
N VAL B 41 33.67 -3.93 3.11
CA VAL B 41 32.92 -4.03 1.87
C VAL B 41 31.52 -3.46 2.13
N HIS B 42 31.22 -2.33 1.50
CA HIS B 42 29.94 -1.67 1.70
C HIS B 42 28.92 -2.21 0.70
N PHE B 43 27.74 -2.54 1.19
CA PHE B 43 26.73 -3.30 0.46
C PHE B 43 25.44 -2.48 0.41
N ASP B 44 25.14 -1.88 -0.74
CA ASP B 44 23.97 -1.02 -0.92
C ASP B 44 22.80 -1.84 -1.48
N VAL B 45 21.81 -2.09 -0.65
CA VAL B 45 20.67 -2.95 -0.99
C VAL B 45 19.44 -2.07 -1.20
N MET B 46 18.84 -2.14 -2.39
CA MET B 46 17.70 -1.32 -2.76
C MET B 46 16.57 -2.20 -3.28
N ASP B 47 15.33 -1.92 -2.83
CA ASP B 47 14.20 -2.83 -3.09
C ASP B 47 13.20 -2.27 -4.09
N ASN B 48 13.54 -1.22 -4.84
CA ASN B 48 12.68 -0.55 -5.81
C ASN B 48 11.46 0.14 -5.19
N HIS B 49 11.33 0.15 -3.87
CA HIS B 49 10.20 0.82 -3.23
C HIS B 49 10.65 1.98 -2.34
N TYR B 50 11.52 1.73 -1.37
CA TYR B 50 12.03 2.82 -0.53
C TYR B 50 12.85 3.82 -1.34
N VAL B 51 13.54 3.37 -2.38
CA VAL B 51 14.24 4.24 -3.32
C VAL B 51 13.93 3.74 -4.72
N PRO B 52 14.01 4.59 -5.72
CA PRO B 52 13.62 4.21 -7.08
C PRO B 52 14.71 3.43 -7.82
N ASN B 53 15.18 2.36 -7.20
CA ASN B 53 16.22 1.53 -7.78
C ASN B 53 16.25 0.18 -7.09
N LEU B 54 16.73 -0.83 -7.83
CA LEU B 54 16.90 -2.19 -7.31
C LEU B 54 18.32 -2.65 -7.60
N THR B 55 19.05 -3.08 -6.57
CA THR B 55 20.47 -3.37 -6.70
C THR B 55 20.68 -4.87 -6.50
N ILE B 56 21.10 -5.32 -5.32
CA ILE B 56 21.51 -6.71 -5.11
C ILE B 56 20.99 -7.22 -3.77
N GLY B 57 20.69 -8.51 -3.71
CA GLY B 57 20.14 -9.12 -2.52
C GLY B 57 21.09 -10.02 -1.77
N PRO B 58 20.56 -10.79 -0.81
CA PRO B 58 21.42 -11.59 0.07
C PRO B 58 22.26 -12.63 -0.64
N MET B 59 21.82 -13.15 -1.79
CA MET B 59 22.62 -14.17 -2.47
C MET B 59 23.98 -13.64 -2.87
N VAL B 60 24.09 -12.33 -3.14
CA VAL B 60 25.36 -11.76 -3.55
C VAL B 60 26.29 -11.65 -2.35
N CYS B 61 25.74 -11.32 -1.18
CA CYS B 61 26.54 -11.40 0.04
C CYS B 61 27.01 -12.82 0.28
N SER B 62 26.12 -13.80 0.11
CA SER B 62 26.51 -15.20 0.22
C SER B 62 27.60 -15.55 -0.78
N ALA B 63 27.47 -15.08 -2.01
CA ALA B 63 28.46 -15.40 -3.03
C ALA B 63 29.84 -14.87 -2.62
N LEU B 64 29.88 -13.70 -1.96
CA LEU B 64 31.16 -13.16 -1.53
C LEU B 64 31.77 -14.00 -0.43
N ARG B 65 30.93 -14.51 0.47
CA ARG B 65 31.45 -15.37 1.53
C ARG B 65 31.90 -16.71 0.98
N LYS B 66 31.11 -17.30 0.07
CA LYS B 66 31.47 -18.58 -0.54
C LYS B 66 32.70 -18.46 -1.43
N TYR B 67 33.02 -17.23 -1.89
CA TYR B 67 34.20 -17.01 -2.73
C TYR B 67 35.46 -16.87 -1.89
N GLY B 68 35.34 -16.43 -0.64
CA GLY B 68 36.49 -16.33 0.22
C GLY B 68 36.63 -14.97 0.91
N VAL B 69 35.75 -14.02 0.57
CA VAL B 69 35.84 -12.70 1.18
C VAL B 69 35.56 -12.83 2.67
N SER B 70 36.58 -12.63 3.50
CA SER B 70 36.43 -12.69 4.95
C SER B 70 36.34 -11.32 5.58
N ALA B 71 36.48 -10.25 4.79
CA ALA B 71 36.40 -8.91 5.31
C ALA B 71 34.98 -8.63 5.81
N PRO B 72 34.81 -7.68 6.73
CA PRO B 72 33.46 -7.34 7.19
C PRO B 72 32.62 -6.79 6.05
N ILE B 73 31.41 -7.30 5.91
CA ILE B 73 30.48 -6.87 4.88
C ILE B 73 29.40 -6.03 5.54
N ASP B 74 29.29 -4.79 5.10
CA ASP B 74 28.45 -3.77 5.73
C ASP B 74 27.22 -3.58 4.82
N VAL B 75 26.09 -4.13 5.26
CA VAL B 75 24.87 -4.14 4.45
C VAL B 75 24.02 -2.94 4.85
N HIS B 76 23.85 -2.02 3.92
CA HIS B 76 22.99 -0.85 4.07
C HIS B 76 21.67 -1.18 3.41
N LEU B 77 20.61 -1.30 4.22
CA LEU B 77 19.28 -1.64 3.71
C LEU B 77 18.52 -0.37 3.37
N MET B 78 18.39 -0.09 2.08
CA MET B 78 17.45 0.91 1.58
C MET B 78 16.17 0.19 1.12
N VAL B 79 15.50 -0.45 2.08
CA VAL B 79 14.31 -1.26 1.81
C VAL B 79 13.25 -0.98 2.85
N SER B 80 12.01 -1.31 2.51
CA SER B 80 10.90 -1.14 3.43
C SER B 80 9.73 -2.03 3.04
N PRO B 81 9.22 -2.88 3.95
CA PRO B 81 9.66 -3.13 5.34
C PRO B 81 11.00 -3.88 5.41
N VAL B 82 11.60 -4.07 6.58
CA VAL B 82 12.97 -4.56 6.65
C VAL B 82 13.10 -5.93 7.31
N ASP B 83 12.17 -6.35 8.16
CA ASP B 83 12.46 -7.46 9.08
C ASP B 83 12.77 -8.75 8.33
N ARG B 84 12.00 -9.08 7.30
CA ARG B 84 12.19 -10.37 6.62
C ARG B 84 13.55 -10.46 5.96
N ILE B 85 13.94 -9.44 5.20
CA ILE B 85 15.23 -9.49 4.54
C ILE B 85 16.39 -9.37 5.53
N ILE B 86 16.16 -8.78 6.71
CA ILE B 86 17.20 -8.76 7.73
C ILE B 86 17.61 -10.18 8.09
N GLY B 87 16.62 -11.07 8.31
CA GLY B 87 16.93 -12.45 8.63
C GLY B 87 17.78 -13.11 7.58
N ASP B 88 17.49 -12.86 6.30
CA ASP B 88 18.26 -13.50 5.25
C ASP B 88 19.70 -13.00 5.22
N PHE B 89 19.91 -11.70 5.51
CA PHE B 89 21.27 -11.17 5.48
C PHE B 89 22.08 -11.65 6.68
N ILE B 90 21.41 -11.97 7.79
CA ILE B 90 22.13 -12.57 8.90
C ILE B 90 22.70 -13.92 8.48
N GLU B 91 21.85 -14.77 7.91
CA GLU B 91 22.30 -16.07 7.43
C GLU B 91 23.25 -15.94 6.24
N ALA B 92 23.15 -14.85 5.48
CA ALA B 92 24.02 -14.70 4.32
C ALA B 92 25.44 -14.30 4.70
N GLY B 93 25.70 -14.02 5.98
CA GLY B 93 27.03 -13.74 6.47
C GLY B 93 27.41 -12.28 6.58
N ALA B 94 26.43 -11.37 6.67
CA ALA B 94 26.69 -9.95 6.85
C ALA B 94 27.32 -9.67 8.22
N THR B 95 28.09 -8.59 8.28
CA THR B 95 28.69 -8.16 9.53
C THR B 95 27.94 -6.99 10.16
N TYR B 96 27.70 -5.93 9.38
CA TYR B 96 26.82 -4.85 9.77
C TYR B 96 25.53 -4.93 8.98
N ILE B 97 24.42 -4.62 9.63
CA ILE B 97 23.14 -4.43 8.96
C ILE B 97 22.53 -3.13 9.48
N THR B 98 22.32 -2.17 8.58
CA THR B 98 21.76 -0.88 8.92
C THR B 98 20.54 -0.58 8.07
N PHE B 99 19.62 0.20 8.64
CA PHE B 99 18.38 0.54 7.95
C PHE B 99 17.93 1.93 8.38
N HIS B 100 17.02 2.50 7.59
CA HIS B 100 16.48 3.83 7.87
C HIS B 100 15.34 3.72 8.87
N PRO B 101 15.29 4.59 9.89
CA PRO B 101 14.20 4.51 10.87
C PRO B 101 12.82 4.64 10.25
N GLU B 102 12.67 5.44 9.18
CA GLU B 102 11.38 5.57 8.54
C GLU B 102 10.92 4.28 7.89
N ALA B 103 11.82 3.32 7.65
CA ALA B 103 11.47 2.15 6.88
C ALA B 103 10.92 1.01 7.73
N SER B 104 10.94 1.15 9.06
CA SER B 104 10.46 0.14 9.97
C SER B 104 9.41 0.72 10.90
N GLN B 105 8.26 0.04 11.00
CA GLN B 105 7.21 0.46 11.93
C GLN B 105 7.62 0.25 13.38
N HIS B 106 8.60 -0.61 13.65
CA HIS B 106 9.03 -0.93 15.01
C HIS B 106 10.55 -1.02 15.01
N ILE B 107 11.19 0.13 15.23
CA ILE B 107 12.63 0.27 15.07
C ILE B 107 13.37 -0.63 16.06
N ASP B 108 12.92 -0.65 17.31
CA ASP B 108 13.63 -1.40 18.34
C ASP B 108 13.64 -2.89 18.01
N ARG B 109 12.47 -3.45 17.68
CA ARG B 109 12.40 -4.87 17.33
C ARG B 109 13.27 -5.19 16.12
N SER B 110 13.35 -4.26 15.17
CA SER B 110 14.19 -4.47 13.99
C SER B 110 15.67 -4.42 14.35
N LEU B 111 16.08 -3.45 15.17
CA LEU B 111 17.45 -3.43 15.65
C LEU B 111 17.76 -4.67 16.48
N GLN B 112 16.82 -5.04 17.36
CA GLN B 112 17.02 -6.21 18.20
C GLN B 112 17.16 -7.47 17.35
N LEU B 113 16.44 -7.51 16.23
CA LEU B 113 16.53 -8.64 15.31
C LEU B 113 17.96 -8.81 14.78
N ILE B 114 18.60 -7.70 14.42
CA ILE B 114 19.96 -7.78 13.89
C ILE B 114 20.93 -8.26 14.97
N ARG B 115 20.84 -7.67 16.16
CA ARG B 115 21.75 -8.04 17.23
C ARG B 115 21.60 -9.50 17.60
N ASP B 116 20.37 -9.99 17.64
CA ASP B 116 20.14 -11.37 18.04
C ASP B 116 20.65 -12.36 17.00
N GLY B 117 20.94 -11.91 15.78
CA GLY B 117 21.56 -12.77 14.80
C GLY B 117 23.06 -12.85 14.89
N GLY B 118 23.69 -12.04 15.74
CA GLY B 118 25.13 -11.95 15.79
C GLY B 118 25.72 -10.85 14.95
N CYS B 119 24.90 -10.02 14.31
CA CYS B 119 25.40 -8.92 13.50
C CYS B 119 25.44 -7.63 14.31
N LYS B 120 26.16 -6.65 13.76
CA LYS B 120 26.17 -5.29 14.30
C LYS B 120 25.11 -4.48 13.57
N ALA B 121 24.35 -3.69 14.33
CA ALA B 121 23.18 -2.99 13.83
C ALA B 121 23.42 -1.48 13.74
N GLY B 122 22.69 -0.83 12.83
CA GLY B 122 22.82 0.61 12.65
C GLY B 122 21.58 1.26 12.06
N LEU B 123 21.52 2.59 12.19
CA LEU B 123 20.46 3.41 11.61
C LEU B 123 21.01 4.42 10.62
N VAL B 124 20.36 4.53 9.46
CA VAL B 124 20.76 5.42 8.39
C VAL B 124 19.83 6.62 8.35
N PHE B 125 20.39 7.81 8.18
CA PHE B 125 19.65 9.06 8.24
C PHE B 125 19.77 9.77 6.91
N ASN B 126 18.63 9.98 6.24
CA ASN B 126 18.61 10.76 5.01
C ASN B 126 19.09 12.18 5.31
N PRO B 127 19.52 12.92 4.28
CA PRO B 127 19.98 14.29 4.50
C PRO B 127 19.04 15.12 5.37
N ALA B 128 17.72 14.98 5.22
CA ALA B 128 16.79 15.80 5.99
C ALA B 128 16.37 15.17 7.32
N THR B 129 16.67 13.90 7.53
CA THR B 129 16.18 13.20 8.72
C THR B 129 16.93 13.65 9.96
N PRO B 130 16.25 14.10 11.00
CA PRO B 130 16.92 14.52 12.23
C PRO B 130 17.39 13.33 13.06
N LEU B 131 18.32 13.62 13.97
CA LEU B 131 18.97 12.60 14.78
C LEU B 131 18.22 12.25 16.06
N GLU B 132 17.07 12.87 16.32
CA GLU B 132 16.44 12.73 17.62
C GLU B 132 16.11 11.27 17.94
N VAL B 133 15.79 10.46 16.93
CA VAL B 133 15.31 9.10 17.18
C VAL B 133 16.37 8.21 17.82
N LEU B 134 17.63 8.63 17.84
CA LEU B 134 18.67 7.83 18.46
C LEU B 134 18.60 7.83 19.98
N LYS B 135 17.83 8.74 20.59
CA LYS B 135 17.92 8.95 22.03
C LYS B 135 17.64 7.66 22.80
N TYR B 136 16.65 6.88 22.37
CA TYR B 136 16.20 5.71 23.13
C TYR B 136 16.65 4.40 22.50
N VAL B 137 17.65 4.45 21.62
CA VAL B 137 18.17 3.24 20.99
C VAL B 137 19.69 3.29 20.98
N MET B 138 20.27 4.16 21.83
CA MET B 138 21.73 4.30 21.84
C MET B 138 22.42 2.99 22.22
N ASP B 139 21.78 2.18 23.07
CA ASP B 139 22.35 0.91 23.47
C ASP B 139 22.25 -0.17 22.40
N LYS B 140 21.52 0.08 21.32
CA LYS B 140 21.27 -0.94 20.33
C LYS B 140 21.82 -0.60 18.95
N VAL B 141 22.52 0.52 18.79
CA VAL B 141 23.15 0.88 17.53
C VAL B 141 24.66 0.72 17.66
N ASP B 142 25.26 0.00 16.71
CA ASP B 142 26.71 -0.11 16.63
C ASP B 142 27.32 0.85 15.62
N MET B 143 26.53 1.36 14.68
CA MET B 143 27.01 2.29 13.67
C MET B 143 25.91 3.28 13.35
N VAL B 144 26.31 4.50 13.03
CA VAL B 144 25.39 5.54 12.58
C VAL B 144 25.83 6.01 11.21
N LEU B 145 24.96 5.85 10.22
CA LEU B 145 25.27 6.23 8.85
C LEU B 145 24.49 7.50 8.50
N LEU B 146 25.21 8.55 8.16
CA LEU B 146 24.63 9.79 7.63
C LEU B 146 24.79 9.81 6.12
N MET B 147 23.68 9.99 5.41
CA MET B 147 23.72 10.15 3.98
C MET B 147 24.02 11.61 3.65
N SER B 148 25.08 11.85 2.90
CA SER B 148 25.41 13.20 2.43
C SER B 148 24.86 13.45 1.04
N VAL B 149 24.19 12.46 0.46
CA VAL B 149 23.36 12.63 -0.73
C VAL B 149 22.03 11.93 -0.47
N ASN B 150 21.07 12.17 -1.34
CA ASN B 150 19.80 11.45 -1.24
C ASN B 150 20.00 10.04 -1.77
N PRO B 151 19.84 9.01 -0.95
CA PRO B 151 20.20 7.65 -1.38
C PRO B 151 19.31 7.14 -2.50
N GLY B 152 19.92 6.45 -3.46
CA GLY B 152 19.19 5.79 -4.52
C GLY B 152 18.92 6.63 -5.74
N PHE B 153 19.27 7.91 -5.72
CA PHE B 153 18.99 8.78 -6.84
C PHE B 153 20.29 9.08 -7.61
N GLN B 156 24.37 13.21 -6.49
CA GLN B 156 25.72 12.67 -6.55
C GLN B 156 26.75 13.68 -6.04
N LYS B 157 26.27 14.81 -5.53
CA LYS B 157 27.14 15.86 -4.98
C LYS B 157 26.96 15.93 -3.48
N PHE B 158 28.08 16.05 -2.76
CA PHE B 158 28.06 16.10 -1.31
C PHE B 158 27.25 17.30 -0.81
N ILE B 159 26.26 17.03 0.06
CA ILE B 159 25.44 18.10 0.62
C ILE B 159 26.20 18.76 1.77
N PRO B 160 26.52 20.06 1.65
CA PRO B 160 27.41 20.70 2.64
C PRO B 160 26.89 20.68 4.07
N GLY B 161 25.58 20.74 4.28
CA GLY B 161 25.03 20.69 5.62
C GLY B 161 25.33 19.40 6.38
N THR B 162 25.80 18.36 5.69
CA THR B 162 26.10 17.09 6.36
C THR B 162 27.21 17.24 7.38
N LEU B 163 28.17 18.15 7.15
CA LEU B 163 29.26 18.33 8.11
C LEU B 163 28.72 18.76 9.47
N ASP B 164 27.73 19.64 9.48
CA ASP B 164 27.13 20.07 10.74
C ASP B 164 26.45 18.91 11.45
N LYS B 165 25.74 18.06 10.69
CA LYS B 165 25.09 16.91 11.29
C LYS B 165 26.11 15.89 11.77
N LEU B 166 27.24 15.78 11.07
CA LEU B 166 28.32 14.92 11.54
C LEU B 166 28.82 15.36 12.90
N ARG B 167 29.04 16.66 13.08
CA ARG B 167 29.52 17.16 14.36
C ARG B 167 28.49 16.93 15.46
N GLU B 168 27.21 17.11 15.16
CA GLU B 168 26.15 16.82 16.12
C GLU B 168 26.09 15.34 16.45
N ALA B 169 26.26 14.48 15.45
CA ALA B 169 26.21 13.04 15.70
C ALA B 169 27.39 12.58 16.55
N ARG B 170 28.60 13.05 16.22
CA ARG B 170 29.78 12.68 16.99
C ARG B 170 29.64 13.08 18.45
N ALA B 171 29.01 14.23 18.70
CA ALA B 171 28.80 14.65 20.09
C ALA B 171 27.85 13.71 20.81
N LEU B 172 26.78 13.27 20.14
CA LEU B 172 25.84 12.34 20.76
C LEU B 172 26.51 11.02 21.08
N ILE B 173 27.32 10.50 20.14
CA ILE B 173 28.05 9.25 20.39
C ILE B 173 29.10 9.45 21.48
N ASP B 174 29.81 10.57 21.44
CA ASP B 174 30.81 10.85 22.47
C ASP B 174 30.16 10.93 23.84
N ALA B 175 28.96 11.49 23.93
CA ALA B 175 28.32 11.64 25.23
C ALA B 175 27.65 10.36 25.72
N SER B 176 27.59 9.33 24.88
CA SER B 176 26.93 8.08 25.24
C SER B 176 27.87 7.09 25.93
N GLY B 177 29.18 7.21 25.69
CA GLY B 177 30.15 6.28 26.23
C GLY B 177 30.21 4.94 25.53
N ARG B 178 29.46 4.76 24.44
CA ARG B 178 29.42 3.49 23.73
C ARG B 178 30.27 3.53 22.48
N GLU B 179 30.69 2.34 22.04
CA GLU B 179 31.51 2.18 20.85
C GLU B 179 30.58 2.10 19.64
N ILE B 180 30.40 3.24 18.95
CA ILE B 180 29.50 3.37 17.82
C ILE B 180 30.26 4.02 16.67
N ARG B 181 30.25 3.39 15.50
CA ARG B 181 30.91 3.97 14.34
C ARG B 181 30.05 5.08 13.72
N LEU B 182 30.72 6.12 13.24
CA LEU B 182 30.04 7.22 12.55
C LEU B 182 30.43 7.15 11.09
N GLU B 183 29.50 6.71 10.25
CA GLU B 183 29.75 6.45 8.85
C GLU B 183 29.15 7.57 8.01
N ILE B 184 29.78 7.82 6.86
CA ILE B 184 29.38 8.85 5.92
C ILE B 184 29.39 8.26 4.52
N ASP B 185 28.40 8.61 3.70
CA ASP B 185 28.31 8.07 2.35
C ASP B 185 27.63 9.07 1.44
N GLY B 186 28.28 9.41 0.33
CA GLY B 186 27.69 10.28 -0.67
C GLY B 186 28.62 11.41 -1.07
N GLY B 187 29.28 11.26 -2.22
CA GLY B 187 30.18 12.27 -2.70
C GLY B 187 31.46 12.43 -1.88
N VAL B 188 31.89 11.36 -1.20
CA VAL B 188 33.12 11.39 -0.41
C VAL B 188 34.29 11.09 -1.32
N ASN B 189 35.27 11.99 -1.36
CA ASN B 189 36.43 11.84 -2.22
C ASN B 189 37.68 12.25 -1.44
N VAL B 190 38.83 12.20 -2.11
CA VAL B 190 40.08 12.57 -1.46
C VAL B 190 40.09 14.05 -1.11
N LYS B 191 39.49 14.88 -1.97
CA LYS B 191 39.54 16.32 -1.77
C LYS B 191 38.69 16.79 -0.58
N ASN B 192 37.76 15.99 -0.09
CA ASN B 192 36.94 16.41 1.06
C ASN B 192 36.98 15.45 2.25
N ILE B 193 37.69 14.33 2.16
CA ILE B 193 37.64 13.33 3.23
C ILE B 193 38.27 13.86 4.52
N ARG B 194 39.27 14.75 4.43
CA ARG B 194 39.86 15.32 5.63
C ARG B 194 38.84 16.15 6.41
N GLU B 195 38.13 17.05 5.71
CA GLU B 195 37.12 17.87 6.34
C GLU B 195 35.99 17.02 6.91
N ILE B 196 35.61 15.96 6.19
CA ILE B 196 34.60 15.04 6.70
C ILE B 196 35.08 14.37 7.98
N ALA B 197 36.33 13.90 7.98
CA ALA B 197 36.85 13.26 9.18
C ALA B 197 36.94 14.24 10.34
N ALA B 198 37.39 15.48 10.06
CA ALA B 198 37.47 16.48 11.12
C ALA B 198 36.10 16.77 11.70
N ALA B 199 35.04 16.64 10.90
CA ALA B 199 33.68 16.79 11.40
C ALA B 199 33.29 15.67 12.35
N GLY B 200 33.96 14.53 12.29
CA GLY B 200 33.73 13.48 13.27
C GLY B 200 33.47 12.09 12.73
N ALA B 201 33.55 11.90 11.41
CA ALA B 201 33.34 10.58 10.83
C ALA B 201 34.59 9.72 10.95
N ASP B 202 34.39 8.42 11.20
CA ASP B 202 35.49 7.47 11.29
C ASP B 202 35.34 6.31 10.33
N THR B 203 34.24 6.26 9.57
CA THR B 203 33.99 5.20 8.59
C THR B 203 33.52 5.88 7.31
N PHE B 204 34.21 5.61 6.21
CA PHE B 204 34.06 6.40 5.00
C PHE B 204 33.67 5.49 3.84
N VAL B 205 32.51 5.75 3.26
CA VAL B 205 32.04 5.06 2.06
C VAL B 205 32.38 5.93 0.86
N ALA B 206 33.10 5.36 -0.09
CA ALA B 206 33.33 5.96 -1.39
C ALA B 206 33.05 4.90 -2.44
N GLY B 207 32.56 5.32 -3.59
CA GLY B 207 32.29 4.36 -4.62
C GLY B 207 33.13 4.62 -5.84
N SER B 208 32.66 5.56 -6.67
CA SER B 208 33.35 5.90 -7.91
C SER B 208 34.79 6.34 -7.65
N ALA B 209 35.03 7.06 -6.54
CA ALA B 209 36.37 7.58 -6.28
C ALA B 209 37.41 6.47 -6.21
N ILE B 210 37.01 5.25 -5.82
CA ILE B 210 37.95 4.15 -5.71
C ILE B 210 37.81 3.21 -6.90
N PHE B 211 36.61 2.68 -7.14
CA PHE B 211 36.46 1.63 -8.13
C PHE B 211 36.59 2.13 -9.57
N ASN B 212 36.35 3.42 -9.82
CA ASN B 212 36.55 3.96 -11.15
C ASN B 212 37.95 4.52 -11.36
N ALA B 213 38.79 4.49 -10.33
CA ALA B 213 40.17 4.93 -10.44
C ALA B 213 41.02 3.86 -11.13
N PRO B 214 42.10 4.26 -11.79
CA PRO B 214 42.95 3.27 -12.48
C PRO B 214 43.76 2.41 -11.53
N ASP B 215 44.13 2.92 -10.36
CA ASP B 215 44.87 2.15 -9.36
C ASP B 215 44.19 2.35 -8.03
N TYR B 216 43.62 1.27 -7.48
CA TYR B 216 42.87 1.39 -6.23
C TYR B 216 43.80 1.77 -5.08
N ALA B 217 45.02 1.25 -5.10
CA ALA B 217 45.94 1.46 -3.98
C ALA B 217 46.34 2.93 -3.84
N GLU B 218 46.58 3.62 -4.96
CA GLU B 218 46.98 5.02 -4.88
C GLU B 218 45.87 5.90 -4.30
N VAL B 219 44.62 5.68 -4.73
CA VAL B 219 43.50 6.45 -4.21
C VAL B 219 43.31 6.20 -2.73
N ILE B 220 43.32 4.93 -2.32
CA ILE B 220 43.16 4.59 -0.91
C ILE B 220 44.32 5.15 -0.11
N ARG B 221 45.53 5.07 -0.65
CA ARG B 221 46.70 5.66 -0.01
C ARG B 221 46.55 7.17 0.13
N ALA B 222 46.00 7.82 -0.89
CA ALA B 222 45.78 9.26 -0.83
C ALA B 222 44.76 9.61 0.25
N MET B 223 43.71 8.79 0.40
CA MET B 223 42.71 9.06 1.42
C MET B 223 43.33 9.01 2.82
N HIS B 224 44.12 7.97 3.10
CA HIS B 224 44.78 7.88 4.40
C HIS B 224 45.74 9.04 4.63
N ALA B 225 46.35 9.57 3.56
CA ALA B 225 47.21 10.73 3.73
C ALA B 225 46.41 11.93 4.22
N GLU B 226 45.25 12.17 3.61
CA GLU B 226 44.41 13.28 4.06
C GLU B 226 43.78 13.02 5.41
N LEU B 227 43.50 11.74 5.73
CA LEU B 227 42.95 11.44 7.05
C LEU B 227 43.92 11.78 8.15
N ALA B 228 45.23 11.77 7.86
CA ALA B 228 46.21 12.12 8.87
C ALA B 228 46.23 13.62 9.15
N GLN B 229 46.14 14.44 8.11
CA GLN B 229 46.11 15.89 8.26
C GLN B 229 44.70 16.42 8.51
N ALA B 230 43.93 15.73 9.36
CA ALA B 230 42.55 16.11 9.64
C ALA B 230 42.42 16.75 11.01
N HIS B 231 42.47 15.94 12.06
CA HIS B 231 42.35 16.42 13.44
C HIS B 231 43.68 17.02 13.93
N MET C 9 11.23 39.52 8.20
CA MET C 9 10.02 39.07 7.53
C MET C 9 10.06 39.39 6.03
N GLN C 10 8.95 39.14 5.36
CA GLN C 10 8.77 39.45 3.95
C GLN C 10 7.53 40.32 3.79
N PRO C 11 7.44 41.10 2.70
CA PRO C 11 6.27 41.95 2.51
C PRO C 11 5.00 41.12 2.51
N PHE C 12 3.98 41.63 3.21
CA PHE C 12 2.71 40.92 3.34
C PHE C 12 2.14 40.54 1.98
N ALA C 13 1.57 39.34 1.90
CA ALA C 13 1.00 38.84 0.66
C ALA C 13 -0.28 38.07 0.96
N ILE C 14 -1.32 38.32 0.18
CA ILE C 14 -2.60 37.66 0.33
C ILE C 14 -2.76 36.67 -0.81
N ALA C 15 -3.01 35.40 -0.46
CA ALA C 15 -3.04 34.30 -1.40
C ALA C 15 -4.40 33.61 -1.31
N PRO C 16 -5.42 34.12 -2.00
CA PRO C 16 -6.74 33.47 -1.99
C PRO C 16 -6.65 32.05 -2.53
N SER C 17 -7.39 31.15 -1.90
CA SER C 17 -7.42 29.74 -2.31
C SER C 17 -8.57 29.53 -3.27
N ILE C 18 -8.26 29.04 -4.47
CA ILE C 18 -9.24 28.94 -5.54
C ILE C 18 -10.15 27.73 -5.35
N LEU C 19 -10.03 27.04 -4.22
CA LEU C 19 -11.05 26.06 -3.88
C LEU C 19 -12.42 26.70 -3.72
N SER C 20 -12.45 27.96 -3.27
CA SER C 20 -13.69 28.69 -3.10
C SER C 20 -14.10 29.49 -4.33
N ALA C 21 -13.34 29.39 -5.42
CA ALA C 21 -13.64 30.12 -6.65
C ALA C 21 -14.67 29.37 -7.49
N ASP C 22 -15.06 30.01 -8.60
CA ASP C 22 -16.06 29.48 -9.53
C ASP C 22 -15.32 28.67 -10.59
N PHE C 23 -15.39 27.35 -10.49
CA PHE C 23 -14.68 26.54 -11.46
C PHE C 23 -15.40 26.50 -12.81
N ALA C 24 -16.59 27.07 -12.92
CA ALA C 24 -17.20 27.23 -14.23
C ALA C 24 -16.71 28.46 -14.96
N ARG C 25 -16.24 29.47 -14.23
CA ARG C 25 -15.71 30.72 -14.77
C ARG C 25 -14.39 31.05 -14.11
N LEU C 26 -13.46 30.10 -14.14
CA LEU C 26 -12.28 30.21 -13.30
C LEU C 26 -11.40 31.39 -13.72
N GLY C 27 -11.12 31.51 -15.02
CA GLY C 27 -10.29 32.61 -15.49
C GLY C 27 -10.84 33.96 -15.12
N GLU C 28 -12.15 34.16 -15.30
CA GLU C 28 -12.83 35.38 -14.88
C GLU C 28 -12.68 35.62 -13.39
N ASP C 29 -12.95 34.59 -12.58
CA ASP C 29 -12.91 34.76 -11.13
C ASP C 29 -11.49 35.07 -10.66
N VAL C 30 -10.49 34.37 -11.22
CA VAL C 30 -9.11 34.66 -10.86
C VAL C 30 -8.71 36.06 -11.33
N ASP C 31 -9.17 36.45 -12.51
CA ASP C 31 -8.93 37.82 -12.94
C ASP C 31 -9.50 38.82 -11.94
N LYS C 32 -10.70 38.54 -11.43
CA LYS C 32 -11.37 39.46 -10.53
C LYS C 32 -10.64 39.54 -9.18
N VAL C 33 -10.22 38.40 -8.63
CA VAL C 33 -9.55 38.44 -7.34
C VAL C 33 -8.20 39.13 -7.46
N LEU C 34 -7.52 38.98 -8.61
CA LEU C 34 -6.25 39.67 -8.81
C LEU C 34 -6.47 41.16 -9.05
N ALA C 35 -7.46 41.52 -9.86
CA ALA C 35 -7.75 42.94 -10.03
C ALA C 35 -8.21 43.59 -8.73
N ALA C 36 -8.72 42.80 -7.78
CA ALA C 36 -9.10 43.32 -6.49
C ALA C 36 -7.94 43.42 -5.52
N GLY C 37 -6.71 43.08 -5.95
CA GLY C 37 -5.52 43.30 -5.17
C GLY C 37 -4.85 42.06 -4.61
N ALA C 38 -5.36 40.86 -4.91
CA ALA C 38 -4.71 39.64 -4.45
C ALA C 38 -3.33 39.52 -5.09
N ASP C 39 -2.41 38.92 -4.34
CA ASP C 39 -1.00 38.81 -4.72
C ASP C 39 -0.66 37.46 -5.34
N ILE C 40 -1.20 36.38 -4.78
CA ILE C 40 -0.83 35.02 -5.14
C ILE C 40 -2.11 34.23 -5.34
N VAL C 41 -2.13 33.39 -6.37
CA VAL C 41 -3.23 32.47 -6.59
C VAL C 41 -2.85 31.16 -5.91
N HIS C 42 -3.59 30.81 -4.87
CA HIS C 42 -3.30 29.60 -4.08
C HIS C 42 -4.06 28.41 -4.64
N PHE C 43 -3.35 27.28 -4.77
CA PHE C 43 -3.78 26.11 -5.52
C PHE C 43 -3.70 24.91 -4.58
N ASP C 44 -4.85 24.39 -4.13
CA ASP C 44 -4.90 23.28 -3.17
C ASP C 44 -5.07 21.95 -3.91
N VAL C 45 -4.01 21.13 -3.92
CA VAL C 45 -3.99 19.87 -4.67
C VAL C 45 -4.11 18.71 -3.71
N MET C 46 -5.17 17.91 -3.88
CA MET C 46 -5.48 16.76 -3.05
C MET C 46 -5.69 15.53 -3.92
N ASP C 47 -5.12 14.39 -3.51
CA ASP C 47 -5.10 13.20 -4.36
C ASP C 47 -5.99 12.07 -3.83
N ASN C 48 -6.89 12.38 -2.89
CA ASN C 48 -7.80 11.42 -2.27
C ASN C 48 -7.07 10.37 -1.43
N HIS C 49 -5.75 10.49 -1.28
CA HIS C 49 -4.99 9.55 -0.45
C HIS C 49 -4.36 10.22 0.76
N TYR C 50 -3.54 11.26 0.59
CA TYR C 50 -3.00 11.93 1.75
C TYR C 50 -4.09 12.61 2.56
N VAL C 51 -5.15 13.06 1.89
CA VAL C 51 -6.33 13.62 2.53
C VAL C 51 -7.56 13.01 1.87
N PRO C 52 -8.73 12.98 2.60
CA PRO C 52 -9.94 12.34 2.07
C PRO C 52 -10.75 13.20 1.11
N ASN C 53 -10.08 13.73 0.08
CA ASN C 53 -10.71 14.57 -0.93
C ASN C 53 -9.82 14.65 -2.17
N LEU C 54 -10.44 14.90 -3.33
CA LEU C 54 -9.72 15.08 -4.59
C LEU C 54 -10.15 16.39 -5.23
N THR C 55 -9.19 17.27 -5.54
CA THR C 55 -9.51 18.62 -5.96
C THR C 55 -9.11 18.79 -7.42
N ILE C 56 -7.96 19.41 -7.72
CA ILE C 56 -7.60 19.81 -9.08
C ILE C 56 -6.13 19.52 -9.30
N GLY C 57 -5.80 19.17 -10.53
CA GLY C 57 -4.44 18.80 -10.88
C GLY C 57 -3.70 19.81 -11.73
N PRO C 58 -2.56 19.40 -12.27
CA PRO C 58 -1.72 20.31 -13.07
C PRO C 58 -2.43 20.89 -14.29
N MET C 59 -3.39 20.17 -14.88
CA MET C 59 -4.05 20.70 -16.06
C MET C 59 -4.73 22.03 -15.79
N VAL C 60 -5.18 22.25 -14.55
CA VAL C 60 -5.83 23.50 -14.20
C VAL C 60 -4.82 24.65 -14.08
N CYS C 61 -3.64 24.37 -13.52
CA CYS C 61 -2.57 25.36 -13.53
C CYS C 61 -2.15 25.71 -14.95
N SER C 62 -2.01 24.69 -15.80
CA SER C 62 -1.70 24.90 -17.20
C SER C 62 -2.79 25.74 -17.87
N ALA C 63 -4.06 25.45 -17.55
CA ALA C 63 -5.17 26.19 -18.16
C ALA C 63 -5.13 27.67 -17.80
N LEU C 64 -4.73 27.98 -16.56
CA LEU C 64 -4.67 29.38 -16.14
C LEU C 64 -3.53 30.11 -16.86
N ARG C 65 -2.42 29.44 -17.08
CA ARG C 65 -1.31 30.07 -17.79
C ARG C 65 -1.67 30.29 -19.26
N LYS C 66 -2.32 29.31 -19.90
CA LYS C 66 -2.69 29.49 -21.30
C LYS C 66 -3.72 30.58 -21.46
N TYR C 67 -4.47 30.85 -20.38
CA TYR C 67 -5.51 31.86 -20.39
C TYR C 67 -4.93 33.26 -20.23
N GLY C 68 -3.74 33.38 -19.65
CA GLY C 68 -3.07 34.66 -19.55
C GLY C 68 -2.62 35.03 -18.15
N VAL C 69 -2.94 34.20 -17.16
CA VAL C 69 -2.61 34.50 -15.77
C VAL C 69 -1.09 34.51 -15.62
N SER C 70 -0.52 35.68 -15.36
CA SER C 70 0.91 35.81 -15.14
C SER C 70 1.28 35.98 -13.66
N ALA C 71 0.29 36.05 -12.78
CA ALA C 71 0.52 36.18 -11.35
C ALA C 71 1.17 34.93 -10.78
N PRO C 72 1.83 35.05 -9.62
CA PRO C 72 2.38 33.85 -8.98
C PRO C 72 1.29 32.89 -8.57
N ILE C 73 1.47 31.61 -8.92
CA ILE C 73 0.55 30.53 -8.57
C ILE C 73 1.25 29.63 -7.54
N ASP C 74 0.63 29.51 -6.36
CA ASP C 74 1.20 28.80 -5.22
C ASP C 74 0.52 27.45 -5.06
N VAL C 75 1.21 26.38 -5.45
CA VAL C 75 0.65 25.04 -5.48
C VAL C 75 0.99 24.34 -4.17
N HIS C 76 -0.03 24.08 -3.36
CA HIS C 76 0.14 23.32 -2.12
C HIS C 76 -0.27 21.87 -2.39
N LEU C 77 0.71 20.97 -2.29
CA LEU C 77 0.50 19.55 -2.58
C LEU C 77 0.07 18.83 -1.32
N MET C 78 -1.21 18.49 -1.23
CA MET C 78 -1.71 17.50 -0.27
C MET C 78 -1.85 16.14 -0.97
N VAL C 79 -0.71 15.61 -1.41
CA VAL C 79 -0.63 14.35 -2.12
C VAL C 79 0.51 13.53 -1.54
N SER C 80 0.50 12.24 -1.83
CA SER C 80 1.56 11.32 -1.41
C SER C 80 1.54 10.08 -2.28
N PRO C 81 2.66 9.72 -2.97
CA PRO C 81 3.97 10.39 -3.06
C PRO C 81 3.95 11.68 -3.89
N VAL C 82 5.03 12.48 -3.91
CA VAL C 82 4.97 13.82 -4.46
C VAL C 82 5.83 14.03 -5.69
N ASP C 83 6.89 13.25 -5.91
CA ASP C 83 7.90 13.65 -6.90
C ASP C 83 7.32 13.71 -8.30
N ARG C 84 6.52 12.71 -8.70
CA ARG C 84 6.04 12.71 -10.08
C ARG C 84 5.18 13.93 -10.37
N ILE C 85 4.24 14.25 -9.47
CA ILE C 85 3.38 15.40 -9.73
C ILE C 85 4.13 16.72 -9.58
N ILE C 86 5.23 16.74 -8.82
CA ILE C 86 6.07 17.93 -8.80
C ILE C 86 6.57 18.25 -10.20
N GLY C 87 7.04 17.22 -10.91
CA GLY C 87 7.45 17.42 -12.29
C GLY C 87 6.35 18.04 -13.14
N ASP C 88 5.10 17.59 -12.95
CA ASP C 88 4.00 18.10 -13.77
C ASP C 88 3.70 19.56 -13.47
N PHE C 89 3.77 19.97 -12.20
CA PHE C 89 3.48 21.36 -11.88
C PHE C 89 4.60 22.30 -12.30
N ILE C 90 5.83 21.80 -12.40
CA ILE C 90 6.90 22.60 -13.00
C ILE C 90 6.59 22.89 -14.46
N GLU C 91 6.16 21.86 -15.20
CA GLU C 91 5.81 22.10 -16.60
C GLU C 91 4.60 23.02 -16.73
N ALA C 92 3.69 22.98 -15.74
CA ALA C 92 2.45 23.74 -15.81
C ALA C 92 2.62 25.22 -15.50
N GLY C 93 3.78 25.64 -15.00
CA GLY C 93 3.99 27.05 -14.72
C GLY C 93 3.76 27.45 -13.28
N ALA C 94 3.88 26.53 -12.34
CA ALA C 94 3.75 26.89 -10.94
C ALA C 94 4.87 27.84 -10.51
N THR C 95 4.56 28.68 -9.53
CA THR C 95 5.55 29.61 -8.97
C THR C 95 6.13 29.09 -7.66
N TYR C 96 5.28 28.71 -6.72
CA TYR C 96 5.66 27.98 -5.52
C TYR C 96 5.14 26.54 -5.63
N ILE C 97 5.88 25.59 -5.08
CA ILE C 97 5.39 24.22 -4.87
C ILE C 97 5.76 23.78 -3.46
N THR C 98 4.75 23.46 -2.65
CA THR C 98 4.97 23.02 -1.28
C THR C 98 4.35 21.65 -1.04
N PHE C 99 4.95 20.90 -0.12
CA PHE C 99 4.48 19.56 0.16
C PHE C 99 4.75 19.26 1.64
N HIS C 100 4.09 18.22 2.13
CA HIS C 100 4.24 17.75 3.50
C HIS C 100 5.42 16.81 3.63
N PRO C 101 6.28 16.98 4.63
CA PRO C 101 7.42 16.06 4.79
C PRO C 101 7.01 14.61 4.95
N GLU C 102 5.87 14.37 5.61
CA GLU C 102 5.39 12.99 5.77
C GLU C 102 5.00 12.37 4.43
N ALA C 103 4.78 13.18 3.41
CA ALA C 103 4.31 12.65 2.14
C ALA C 103 5.43 12.26 1.20
N SER C 104 6.68 12.54 1.58
CA SER C 104 7.85 12.24 0.76
C SER C 104 8.80 11.36 1.57
N GLN C 105 9.22 10.23 0.98
CA GLN C 105 10.23 9.39 1.63
C GLN C 105 11.61 10.03 1.65
N HIS C 106 11.84 11.03 0.80
CA HIS C 106 13.15 11.67 0.67
C HIS C 106 12.93 13.17 0.52
N ILE C 107 12.87 13.86 1.65
CA ILE C 107 12.47 15.27 1.66
C ILE C 107 13.45 16.14 0.88
N ASP C 108 14.75 15.92 1.09
CA ASP C 108 15.74 16.78 0.45
C ASP C 108 15.66 16.69 -1.07
N ARG C 109 15.60 15.47 -1.60
CA ARG C 109 15.52 15.29 -3.04
C ARG C 109 14.26 15.94 -3.60
N SER C 110 13.15 15.89 -2.85
CA SER C 110 11.91 16.48 -3.33
C SER C 110 12.00 18.00 -3.35
N LEU C 111 12.55 18.60 -2.29
CA LEU C 111 12.76 20.05 -2.32
C LEU C 111 13.69 20.41 -3.47
N GLN C 112 14.73 19.61 -3.67
CA GLN C 112 15.69 19.89 -4.73
C GLN C 112 15.04 19.79 -6.11
N LEU C 113 14.10 18.87 -6.29
CA LEU C 113 13.42 18.73 -7.57
C LEU C 113 12.69 20.02 -7.93
N ILE C 114 12.05 20.64 -6.93
CA ILE C 114 11.33 21.88 -7.14
C ILE C 114 12.31 23.00 -7.50
N ARG C 115 13.39 23.13 -6.72
CA ARG C 115 14.37 24.19 -6.96
C ARG C 115 15.02 24.03 -8.32
N ASP C 116 15.32 22.79 -8.71
CA ASP C 116 15.93 22.56 -10.01
C ASP C 116 14.98 22.87 -11.15
N GLY C 117 13.68 22.89 -10.89
CA GLY C 117 12.71 23.29 -11.89
C GLY C 117 12.52 24.78 -12.05
N GLY C 118 13.11 25.59 -11.18
CA GLY C 118 12.91 27.02 -11.19
C GLY C 118 11.82 27.54 -10.29
N CYS C 119 11.14 26.68 -9.53
CA CYS C 119 10.09 27.12 -8.64
C CYS C 119 10.67 27.36 -7.26
N LYS C 120 9.88 28.01 -6.43
CA LYS C 120 10.20 28.15 -5.03
C LYS C 120 9.58 26.98 -4.27
N ALA C 121 10.33 26.45 -3.30
CA ALA C 121 9.96 25.23 -2.61
C ALA C 121 9.54 25.54 -1.19
N GLY C 122 8.68 24.69 -0.64
CA GLY C 122 8.24 24.87 0.72
C GLY C 122 7.80 23.56 1.33
N LEU C 123 7.72 23.57 2.65
CA LEU C 123 7.24 22.45 3.44
C LEU C 123 6.00 22.87 4.22
N VAL C 124 4.99 22.02 4.22
CA VAL C 124 3.72 22.26 4.90
C VAL C 124 3.71 21.43 6.17
N PHE C 125 3.23 22.01 7.26
CA PHE C 125 3.24 21.36 8.57
C PHE C 125 1.80 21.19 9.06
N ASN C 126 1.39 19.93 9.24
CA ASN C 126 0.10 19.64 9.84
C ASN C 126 0.05 20.20 11.27
N PRO C 127 -1.15 20.39 11.81
CA PRO C 127 -1.26 20.90 13.19
C PRO C 127 -0.37 20.21 14.19
N ALA C 128 -0.22 18.88 14.07
CA ALA C 128 0.57 18.12 15.04
C ALA C 128 2.03 18.00 14.65
N THR C 129 2.39 18.36 13.42
CA THR C 129 3.75 18.15 12.94
C THR C 129 4.71 19.17 13.56
N PRO C 130 5.77 18.74 14.23
CA PRO C 130 6.75 19.69 14.78
C PRO C 130 7.67 20.24 13.70
N LEU C 131 8.34 21.33 14.05
CA LEU C 131 9.17 22.03 13.08
C LEU C 131 10.56 21.44 12.97
N GLU C 132 10.83 20.34 13.68
CA GLU C 132 12.19 19.83 13.80
C GLU C 132 12.81 19.50 12.44
N VAL C 133 11.99 19.06 11.47
CA VAL C 133 12.53 18.61 10.19
C VAL C 133 13.14 19.74 9.37
N LEU C 134 12.90 21.00 9.74
CA LEU C 134 13.45 22.12 8.98
C LEU C 134 14.96 22.30 9.21
N LYS C 135 15.52 21.67 10.24
CA LYS C 135 16.88 22.00 10.67
C LYS C 135 17.89 21.84 9.54
N TYR C 136 17.76 20.78 8.75
CA TYR C 136 18.77 20.44 7.76
C TYR C 136 18.31 20.75 6.33
N VAL C 137 17.27 21.56 6.16
CA VAL C 137 16.82 21.93 4.83
C VAL C 137 16.52 23.42 4.76
N MET C 138 17.02 24.18 5.75
CA MET C 138 16.75 25.61 5.78
C MET C 138 17.23 26.30 4.52
N ASP C 139 18.29 25.79 3.90
CA ASP C 139 18.77 26.40 2.66
C ASP C 139 17.90 26.05 1.47
N LYS C 140 16.96 25.13 1.61
CA LYS C 140 16.17 24.64 0.48
C LYS C 140 14.69 24.96 0.56
N VAL C 141 14.24 25.67 1.60
CA VAL C 141 12.84 26.07 1.71
C VAL C 141 12.75 27.58 1.46
N ASP C 142 11.85 27.96 0.56
CA ASP C 142 11.52 29.35 0.30
C ASP C 142 10.29 29.82 1.06
N MET C 143 9.47 28.88 1.53
CA MET C 143 8.24 29.18 2.27
C MET C 143 7.97 28.06 3.26
N VAL C 144 7.41 28.43 4.41
CA VAL C 144 6.97 27.48 5.40
C VAL C 144 5.49 27.73 5.62
N LEU C 145 4.67 26.71 5.35
CA LEU C 145 3.23 26.81 5.46
C LEU C 145 2.78 26.06 6.69
N LEU C 146 2.12 26.76 7.60
CA LEU C 146 1.57 26.18 8.81
C LEU C 146 0.07 25.99 8.64
N MET C 147 -0.39 24.74 8.77
CA MET C 147 -1.82 24.47 8.72
C MET C 147 -2.40 24.70 10.11
N SER C 148 -3.37 25.60 10.20
CA SER C 148 -4.11 25.89 11.41
C SER C 148 -5.41 25.11 11.52
N VAL C 149 -5.72 24.29 10.51
CA VAL C 149 -6.78 23.30 10.57
C VAL C 149 -6.23 22.01 10.00
N ASN C 150 -6.98 20.94 10.18
CA ASN C 150 -6.61 19.66 9.59
C ASN C 150 -6.94 19.71 8.10
N PRO C 151 -5.94 19.60 7.22
CA PRO C 151 -6.19 19.81 5.79
C PRO C 151 -7.07 18.72 5.19
N GLY C 152 -7.99 19.15 4.33
CA GLY C 152 -8.85 18.23 3.60
C GLY C 152 -10.12 17.84 4.32
N PHE C 153 -10.32 18.29 5.56
CA PHE C 153 -11.51 17.91 6.32
C PHE C 153 -12.49 19.08 6.47
N GLN C 156 -12.43 23.05 10.02
CA GLN C 156 -12.61 24.34 9.37
C GLN C 156 -12.53 25.51 10.35
N LYS C 157 -12.23 25.20 11.61
CA LYS C 157 -12.10 26.21 12.66
C LYS C 157 -10.64 26.35 13.07
N PHE C 158 -10.19 27.59 13.20
CA PHE C 158 -8.79 27.89 13.52
C PHE C 158 -8.36 27.24 14.83
N ILE C 159 -7.30 26.43 14.77
CA ILE C 159 -6.75 25.76 15.94
C ILE C 159 -5.86 26.74 16.70
N PRO C 160 -6.20 27.06 17.95
CA PRO C 160 -5.51 28.17 18.64
C PRO C 160 -4.01 27.96 18.85
N GLY C 161 -3.55 26.73 19.03
CA GLY C 161 -2.13 26.48 19.23
C GLY C 161 -1.26 26.89 18.07
N THR C 162 -1.86 27.17 16.91
CA THR C 162 -1.08 27.55 15.73
C THR C 162 -0.30 28.84 15.97
N LEU C 163 -0.86 29.76 16.76
CA LEU C 163 -0.16 31.01 17.05
C LEU C 163 1.18 30.74 17.73
N ASP C 164 1.21 29.75 18.64
CA ASP C 164 2.46 29.38 19.30
C ASP C 164 3.47 28.84 18.31
N LYS C 165 3.03 28.02 17.37
CA LYS C 165 3.94 27.49 16.36
C LYS C 165 4.39 28.57 15.38
N LEU C 166 3.53 29.55 15.10
CA LEU C 166 3.92 30.68 14.25
C LEU C 166 5.08 31.46 14.88
N ARG C 167 4.97 31.78 16.16
CA ARG C 167 6.02 32.50 16.83
C ARG C 167 7.30 31.67 16.88
N GLU C 168 7.16 30.37 17.15
CA GLU C 168 8.34 29.50 17.16
C GLU C 168 8.97 29.43 15.77
N ALA C 169 8.15 29.34 14.73
CA ALA C 169 8.67 29.27 13.37
C ALA C 169 9.33 30.58 12.96
N ARG C 170 8.66 31.71 13.25
CA ARG C 170 9.22 33.02 12.92
C ARG C 170 10.59 33.19 13.56
N ALA C 171 10.76 32.67 14.78
CA ALA C 171 12.06 32.76 15.44
C ALA C 171 13.11 31.96 14.68
N LEU C 172 12.75 30.75 14.24
CA LEU C 172 13.71 29.91 13.52
C LEU C 172 14.14 30.58 12.22
N ILE C 173 13.19 31.18 11.49
CA ILE C 173 13.54 31.87 10.25
C ILE C 173 14.35 33.13 10.56
N ASP C 174 13.95 33.90 11.58
CA ASP C 174 14.70 35.11 11.91
C ASP C 174 16.14 34.77 12.28
N ALA C 175 16.35 33.64 12.95
CA ALA C 175 17.70 33.29 13.39
C ALA C 175 18.52 32.65 12.28
N SER C 176 17.92 32.33 11.13
CA SER C 176 18.62 31.69 10.04
C SER C 176 19.27 32.67 9.08
N GLY C 177 18.75 33.89 9.00
CA GLY C 177 19.26 34.83 8.03
C GLY C 177 18.80 34.59 6.61
N ARG C 178 17.93 33.61 6.39
CA ARG C 178 17.47 33.27 5.04
C ARG C 178 16.11 33.90 4.78
N GLU C 179 15.83 34.17 3.51
CA GLU C 179 14.56 34.79 3.11
C GLU C 179 13.52 33.70 2.88
N ILE C 180 12.69 33.46 3.90
CA ILE C 180 11.69 32.41 3.88
C ILE C 180 10.34 33.00 4.29
N ARG C 181 9.34 32.81 3.46
CA ARG C 181 8.00 33.28 3.77
C ARG C 181 7.36 32.38 4.82
N LEU C 182 6.56 32.99 5.70
CA LEU C 182 5.82 32.25 6.71
C LEU C 182 4.34 32.32 6.35
N GLU C 183 3.81 31.22 5.83
CA GLU C 183 2.46 31.17 5.31
C GLU C 183 1.53 30.49 6.31
N ILE C 184 0.28 30.91 6.30
CA ILE C 184 -0.73 30.42 7.22
C ILE C 184 -1.96 30.06 6.41
N ASP C 185 -2.65 28.99 6.80
CA ASP C 185 -3.80 28.51 6.06
C ASP C 185 -4.77 27.83 7.02
N GLY C 186 -6.02 28.30 7.03
CA GLY C 186 -7.03 27.66 7.85
C GLY C 186 -7.77 28.62 8.74
N GLY C 187 -8.98 29.02 8.36
CA GLY C 187 -9.77 29.92 9.19
C GLY C 187 -9.23 31.32 9.29
N VAL C 188 -8.53 31.80 8.26
CA VAL C 188 -7.97 33.14 8.25
C VAL C 188 -9.06 34.10 7.78
N ASN C 189 -9.40 35.09 8.61
CA ASN C 189 -10.45 36.04 8.28
C ASN C 189 -10.03 37.45 8.70
N VAL C 190 -10.91 38.42 8.45
CA VAL C 190 -10.59 39.81 8.78
C VAL C 190 -10.47 39.99 10.28
N LYS C 191 -11.26 39.25 11.06
CA LYS C 191 -11.26 39.43 12.51
C LYS C 191 -10.00 38.87 13.17
N ASN C 192 -9.26 37.96 12.53
CA ASN C 192 -8.09 37.38 13.17
C ASN C 192 -6.77 37.57 12.41
N ILE C 193 -6.80 38.20 11.23
CA ILE C 193 -5.58 38.30 10.43
C ILE C 193 -4.54 39.18 11.10
N ARG C 194 -4.97 40.15 11.91
CA ARG C 194 -4.02 41.02 12.61
C ARG C 194 -3.19 40.23 13.61
N GLU C 195 -3.84 39.42 14.44
CA GLU C 195 -3.13 38.63 15.44
C GLU C 195 -2.21 37.61 14.79
N ILE C 196 -2.66 37.00 13.70
CA ILE C 196 -1.86 36.00 12.99
C ILE C 196 -0.58 36.64 12.46
N ALA C 197 -0.69 37.83 11.87
CA ALA C 197 0.49 38.54 11.39
C ALA C 197 1.37 38.94 12.57
N ALA C 198 0.76 39.31 13.70
CA ALA C 198 1.53 39.62 14.90
C ALA C 198 2.31 38.41 15.40
N ALA C 199 1.78 37.21 15.17
CA ALA C 199 2.50 35.99 15.53
C ALA C 199 3.71 35.74 14.64
N GLY C 200 3.73 36.33 13.43
CA GLY C 200 4.91 36.23 12.59
C GLY C 200 4.65 35.80 11.17
N ALA C 201 3.39 35.63 10.80
CA ALA C 201 3.05 35.24 9.44
C ALA C 201 3.09 36.45 8.52
N ASP C 202 3.55 36.22 7.29
CA ASP C 202 3.58 37.26 6.28
C ASP C 202 2.88 36.87 4.98
N THR C 203 2.37 35.65 4.89
CA THR C 203 1.65 35.18 3.71
C THR C 203 0.39 34.49 4.18
N PHE C 204 -0.75 34.94 3.69
CA PHE C 204 -2.04 34.60 4.28
C PHE C 204 -2.93 33.95 3.23
N VAL C 205 -3.34 32.72 3.48
CA VAL C 205 -4.27 32.02 2.62
C VAL C 205 -5.67 32.18 3.19
N ALA C 206 -6.58 32.70 2.37
CA ALA C 206 -7.99 32.76 2.69
C ALA C 206 -8.75 32.16 1.52
N GLY C 207 -9.86 31.50 1.81
CA GLY C 207 -10.62 30.90 0.74
C GLY C 207 -11.99 31.53 0.67
N SER C 208 -12.91 31.03 1.50
CA SER C 208 -14.27 31.52 1.51
C SER C 208 -14.34 33.01 1.82
N ALA C 209 -13.49 33.49 2.72
CA ALA C 209 -13.58 34.89 3.16
C ALA C 209 -13.48 35.87 1.99
N ILE C 210 -12.79 35.50 0.91
CA ILE C 210 -12.61 36.39 -0.24
C ILE C 210 -13.54 35.97 -1.36
N PHE C 211 -13.47 34.71 -1.81
CA PHE C 211 -14.19 34.33 -3.02
C PHE C 211 -15.70 34.23 -2.82
N ASN C 212 -16.16 34.03 -1.58
CA ASN C 212 -17.59 34.03 -1.32
C ASN C 212 -18.14 35.41 -0.95
N ALA C 213 -17.31 36.41 -0.87
CA ALA C 213 -17.75 37.75 -0.56
C ALA C 213 -18.42 38.39 -1.78
N PRO C 214 -19.34 39.34 -1.55
CA PRO C 214 -20.00 39.99 -2.69
C PRO C 214 -19.08 40.91 -3.46
N ASP C 215 -18.08 41.50 -2.81
CA ASP C 215 -17.11 42.37 -3.45
C ASP C 215 -15.71 41.99 -2.99
N TYR C 216 -14.88 41.53 -3.93
CA TYR C 216 -13.54 41.06 -3.56
C TYR C 216 -12.67 42.22 -3.07
N ALA C 217 -12.78 43.39 -3.69
CA ALA C 217 -11.88 44.50 -3.36
C ALA C 217 -12.09 44.99 -1.92
N GLU C 218 -13.34 45.03 -1.46
CA GLU C 218 -13.59 45.52 -0.10
C GLU C 218 -12.97 44.60 0.94
N VAL C 219 -13.08 43.29 0.76
CA VAL C 219 -12.53 42.35 1.72
C VAL C 219 -11.01 42.45 1.78
N ILE C 220 -10.37 42.50 0.61
CA ILE C 220 -8.92 42.61 0.57
C ILE C 220 -8.46 43.93 1.16
N ARG C 221 -9.19 45.02 0.85
CA ARG C 221 -8.88 46.31 1.49
C ARG C 221 -9.06 46.23 3.00
N ALA C 222 -10.11 45.54 3.46
CA ALA C 222 -10.32 45.41 4.89
C ALA C 222 -9.19 44.61 5.53
N MET C 223 -8.71 43.56 4.85
CA MET C 223 -7.63 42.75 5.40
C MET C 223 -6.35 43.57 5.55
N HIS C 224 -5.98 44.33 4.52
CA HIS C 224 -4.76 45.11 4.57
C HIS C 224 -4.81 46.14 5.69
N ALA C 225 -6.00 46.66 6.00
CA ALA C 225 -6.12 47.59 7.12
C ALA C 225 -5.74 46.91 8.43
N GLU C 226 -6.18 45.68 8.64
CA GLU C 226 -5.80 44.96 9.84
C GLU C 226 -4.33 44.59 9.83
N LEU C 227 -3.77 44.30 8.64
CA LEU C 227 -2.35 43.98 8.55
C LEU C 227 -1.48 45.16 8.93
N ALA C 228 -2.01 46.38 8.76
CA ALA C 228 -1.24 47.57 9.08
C ALA C 228 -1.07 47.73 10.59
N GLN C 229 -2.11 47.46 11.36
CA GLN C 229 -2.01 47.57 12.81
C GLN C 229 -1.42 46.33 13.47
N ALA C 230 -0.40 45.74 12.87
CA ALA C 230 0.21 44.55 13.42
C ALA C 230 1.56 44.89 14.02
N HIS D 7 -29.84 -6.15 -32.28
CA HIS D 7 -29.04 -5.54 -31.23
C HIS D 7 -29.87 -4.60 -30.36
N HIS D 8 -30.05 -4.98 -29.08
CA HIS D 8 -30.81 -4.18 -28.13
C HIS D 8 -29.94 -3.02 -27.64
N MET D 9 -29.72 -2.06 -28.54
CA MET D 9 -28.88 -0.91 -28.25
C MET D 9 -29.71 0.19 -27.59
N GLN D 10 -29.08 1.34 -27.40
CA GLN D 10 -29.69 2.54 -26.86
C GLN D 10 -29.49 3.67 -27.86
N PRO D 11 -30.31 4.73 -27.81
CA PRO D 11 -30.15 5.81 -28.79
C PRO D 11 -28.74 6.38 -28.71
N PHE D 12 -28.15 6.63 -29.88
CA PHE D 12 -26.79 7.14 -29.95
C PHE D 12 -26.63 8.39 -29.10
N ALA D 13 -25.48 8.49 -28.44
CA ALA D 13 -25.18 9.59 -27.56
C ALA D 13 -23.72 9.96 -27.72
N ILE D 14 -23.44 11.24 -27.84
CA ILE D 14 -22.08 11.75 -27.95
C ILE D 14 -21.75 12.38 -26.61
N ALA D 15 -20.67 11.90 -25.98
CA ALA D 15 -20.28 12.29 -24.63
C ALA D 15 -18.88 12.88 -24.67
N PRO D 16 -18.74 14.14 -25.06
CA PRO D 16 -17.40 14.75 -25.06
C PRO D 16 -16.81 14.82 -23.66
N SER D 17 -15.52 14.50 -23.57
CA SER D 17 -14.81 14.52 -22.32
C SER D 17 -14.15 15.88 -22.13
N ILE D 18 -14.44 16.53 -21.00
CA ILE D 18 -14.01 17.90 -20.74
C ILE D 18 -12.56 18.03 -20.34
N LEU D 19 -11.80 16.94 -20.32
CA LEU D 19 -10.35 17.09 -20.15
C LEU D 19 -9.75 17.89 -21.27
N SER D 20 -10.36 17.83 -22.46
CA SER D 20 -9.90 18.61 -23.59
C SER D 20 -10.54 19.99 -23.64
N ALA D 21 -11.39 20.32 -22.66
CA ALA D 21 -12.06 21.60 -22.64
C ALA D 21 -11.16 22.66 -22.01
N ASP D 22 -11.64 23.90 -22.06
CA ASP D 22 -10.92 25.05 -21.52
C ASP D 22 -11.33 25.22 -20.06
N PHE D 23 -10.46 24.79 -19.14
CA PHE D 23 -10.75 24.91 -17.73
C PHE D 23 -10.66 26.32 -17.22
N ALA D 24 -10.20 27.26 -18.04
CA ALA D 24 -10.31 28.66 -17.67
C ALA D 24 -11.68 29.22 -17.98
N ARG D 25 -12.38 28.64 -18.95
CA ARG D 25 -13.73 29.03 -19.36
C ARG D 25 -14.62 27.79 -19.48
N LEU D 26 -14.66 26.96 -18.43
CA LEU D 26 -15.28 25.63 -18.56
C LEU D 26 -16.79 25.73 -18.81
N GLY D 27 -17.48 26.56 -18.02
CA GLY D 27 -18.92 26.70 -18.18
C GLY D 27 -19.30 27.13 -19.58
N GLU D 28 -18.60 28.13 -20.12
CA GLU D 28 -18.83 28.56 -21.49
C GLU D 28 -18.63 27.42 -22.47
N ASP D 29 -17.52 26.68 -22.31
CA ASP D 29 -17.18 25.62 -23.25
C ASP D 29 -18.17 24.47 -23.19
N VAL D 30 -18.65 24.13 -21.99
CA VAL D 30 -19.65 23.07 -21.87
C VAL D 30 -20.96 23.51 -22.50
N ASP D 31 -21.36 24.76 -22.29
CA ASP D 31 -22.58 25.26 -22.92
C ASP D 31 -22.48 25.16 -24.43
N LYS D 32 -21.33 25.54 -24.99
CA LYS D 32 -21.20 25.54 -26.44
C LYS D 32 -21.25 24.12 -26.99
N VAL D 33 -20.56 23.17 -26.35
CA VAL D 33 -20.55 21.81 -26.86
C VAL D 33 -21.92 21.15 -26.71
N LEU D 34 -22.67 21.49 -25.66
CA LEU D 34 -24.03 20.99 -25.55
C LEU D 34 -24.96 21.67 -26.55
N ALA D 35 -24.86 23.00 -26.68
CA ALA D 35 -25.63 23.69 -27.68
C ALA D 35 -25.26 23.24 -29.09
N ALA D 36 -24.06 22.69 -29.26
CA ALA D 36 -23.65 22.14 -30.53
C ALA D 36 -24.15 20.71 -30.75
N GLY D 37 -24.91 20.15 -29.81
CA GLY D 37 -25.54 18.85 -29.99
C GLY D 37 -24.99 17.71 -29.14
N ALA D 38 -24.03 17.97 -28.25
CA ALA D 38 -23.55 16.92 -27.38
C ALA D 38 -24.65 16.47 -26.43
N ASP D 39 -24.63 15.19 -26.09
CA ASP D 39 -25.66 14.59 -25.26
C ASP D 39 -25.27 14.48 -23.79
N ILE D 40 -24.01 14.12 -23.52
CA ILE D 40 -23.56 13.81 -22.17
C ILE D 40 -22.23 14.52 -21.93
N VAL D 41 -22.05 15.06 -20.73
CA VAL D 41 -20.79 15.67 -20.35
C VAL D 41 -19.94 14.59 -19.67
N HIS D 42 -18.84 14.22 -20.31
CA HIS D 42 -17.96 13.17 -19.80
C HIS D 42 -16.86 13.77 -18.93
N PHE D 43 -16.68 13.17 -17.76
CA PHE D 43 -15.92 13.70 -16.62
C PHE D 43 -14.84 12.68 -16.25
N ASP D 44 -13.58 12.96 -16.55
CA ASP D 44 -12.47 12.02 -16.31
C ASP D 44 -11.81 12.31 -14.96
N VAL D 45 -11.98 11.43 -13.99
CA VAL D 45 -11.46 11.65 -12.64
C VAL D 45 -10.25 10.72 -12.42
N MET D 46 -9.09 11.31 -12.15
CA MET D 46 -7.84 10.58 -11.95
C MET D 46 -7.20 11.01 -10.64
N ASP D 47 -6.75 10.04 -9.83
CA ASP D 47 -6.31 10.35 -8.46
C ASP D 47 -4.81 10.23 -8.27
N ASN D 48 -4.02 10.23 -9.34
CA ASN D 48 -2.56 10.13 -9.33
C ASN D 48 -2.04 8.79 -8.82
N HIS D 49 -2.92 7.83 -8.49
CA HIS D 49 -2.52 6.50 -8.04
C HIS D 49 -2.96 5.43 -9.02
N TYR D 50 -4.25 5.31 -9.31
CA TYR D 50 -4.71 4.30 -10.26
C TYR D 50 -4.16 4.57 -11.65
N VAL D 51 -3.93 5.84 -11.97
CA VAL D 51 -3.26 6.25 -13.20
C VAL D 51 -2.27 7.36 -12.86
N PRO D 52 -1.25 7.54 -13.69
CA PRO D 52 -0.21 8.53 -13.39
C PRO D 52 -0.60 9.97 -13.74
N ASN D 53 -1.77 10.40 -13.25
CA ASN D 53 -2.24 11.75 -13.51
C ASN D 53 -3.34 12.11 -12.52
N LEU D 54 -3.49 13.41 -12.27
CA LEU D 54 -4.51 13.93 -11.37
C LEU D 54 -5.30 14.99 -12.12
N THR D 55 -6.62 14.84 -12.17
CA THR D 55 -7.47 15.68 -13.01
C THR D 55 -8.38 16.49 -12.12
N ILE D 56 -9.65 16.13 -11.96
CA ILE D 56 -10.61 16.99 -11.29
C ILE D 56 -11.52 16.18 -10.39
N GLY D 57 -11.92 16.78 -9.27
CA GLY D 57 -12.73 16.08 -8.31
C GLY D 57 -14.17 16.51 -8.33
N PRO D 58 -14.93 16.09 -7.31
CA PRO D 58 -16.37 16.37 -7.29
C PRO D 58 -16.73 17.85 -7.30
N MET D 59 -15.86 18.74 -6.80
CA MET D 59 -16.22 20.15 -6.76
C MET D 59 -16.47 20.70 -8.17
N VAL D 60 -15.77 20.17 -9.16
CA VAL D 60 -15.98 20.63 -10.53
C VAL D 60 -17.30 20.10 -11.06
N CYS D 61 -17.71 18.89 -10.64
CA CYS D 61 -19.05 18.45 -10.95
C CYS D 61 -20.09 19.36 -10.29
N SER D 62 -19.87 19.73 -9.02
CA SER D 62 -20.74 20.71 -8.38
C SER D 62 -20.73 22.04 -9.13
N ALA D 63 -19.54 22.50 -9.53
CA ALA D 63 -19.45 23.81 -10.18
C ALA D 63 -20.24 23.85 -11.47
N LEU D 64 -20.27 22.75 -12.21
CA LEU D 64 -21.06 22.73 -13.44
C LEU D 64 -22.55 22.75 -13.15
N ARG D 65 -22.99 22.04 -12.10
CA ARG D 65 -24.41 22.05 -11.76
C ARG D 65 -24.83 23.39 -11.19
N LYS D 66 -23.99 24.01 -10.36
CA LYS D 66 -24.35 25.32 -9.82
C LYS D 66 -24.43 26.36 -10.92
N TYR D 67 -23.76 26.12 -12.03
CA TYR D 67 -23.72 27.04 -13.16
C TYR D 67 -24.94 26.90 -14.07
N GLY D 68 -25.58 25.74 -14.08
CA GLY D 68 -26.79 25.62 -14.87
C GLY D 68 -26.80 24.41 -15.78
N VAL D 69 -25.69 23.68 -15.85
CA VAL D 69 -25.61 22.51 -16.72
C VAL D 69 -26.59 21.47 -16.20
N SER D 70 -27.62 21.17 -16.99
CA SER D 70 -28.58 20.14 -16.63
C SER D 70 -28.39 18.84 -17.39
N ALA D 71 -27.46 18.80 -18.33
CA ALA D 71 -27.22 17.59 -19.11
C ALA D 71 -26.68 16.48 -18.22
N PRO D 72 -26.85 15.22 -18.62
CA PRO D 72 -26.29 14.12 -17.83
C PRO D 72 -24.77 14.21 -17.78
N ILE D 73 -24.24 14.08 -16.57
CA ILE D 73 -22.80 14.15 -16.33
C ILE D 73 -22.29 12.75 -16.03
N ASP D 74 -21.35 12.29 -16.83
CA ASP D 74 -20.85 10.92 -16.81
C ASP D 74 -19.46 10.95 -16.18
N VAL D 75 -19.35 10.48 -14.94
CA VAL D 75 -18.11 10.53 -14.19
C VAL D 75 -17.38 9.19 -14.33
N HIS D 76 -16.22 9.21 -14.99
CA HIS D 76 -15.39 8.03 -15.14
C HIS D 76 -14.30 8.08 -14.07
N LEU D 77 -14.39 7.17 -13.11
CA LEU D 77 -13.46 7.12 -11.98
C LEU D 77 -12.27 6.25 -12.36
N MET D 78 -11.13 6.89 -12.63
CA MET D 78 -9.83 6.23 -12.63
C MET D 78 -9.12 6.46 -11.30
N VAL D 79 -9.72 5.95 -10.23
CA VAL D 79 -9.20 6.10 -8.88
C VAL D 79 -9.34 4.76 -8.18
N SER D 80 -8.60 4.61 -7.07
CA SER D 80 -8.64 3.39 -6.29
C SER D 80 -8.15 3.65 -4.87
N PRO D 81 -8.93 3.32 -3.83
CA PRO D 81 -10.29 2.74 -3.83
C PRO D 81 -11.38 3.74 -4.27
N VAL D 82 -12.63 3.30 -4.43
CA VAL D 82 -13.64 4.13 -5.08
C VAL D 82 -14.78 4.53 -4.15
N ASP D 83 -15.03 3.82 -3.05
CA ASP D 83 -16.31 4.00 -2.34
C ASP D 83 -16.46 5.41 -1.78
N ARG D 84 -15.42 5.94 -1.14
CA ARG D 84 -15.57 7.24 -0.51
C ARG D 84 -15.90 8.32 -1.54
N ILE D 85 -15.12 8.39 -2.62
CA ILE D 85 -15.37 9.41 -3.61
C ILE D 85 -16.66 9.16 -4.39
N ILE D 86 -17.17 7.92 -4.39
CA ILE D 86 -18.47 7.67 -5.00
C ILE D 86 -19.55 8.48 -4.28
N GLY D 87 -19.52 8.48 -2.95
CA GLY D 87 -20.47 9.29 -2.21
C GLY D 87 -20.42 10.77 -2.57
N ASP D 88 -19.21 11.32 -2.74
CA ASP D 88 -19.10 12.74 -3.04
C ASP D 88 -19.62 13.04 -4.44
N PHE D 89 -19.41 12.15 -5.40
CA PHE D 89 -19.92 12.42 -6.74
C PHE D 89 -21.44 12.26 -6.81
N ILE D 90 -22.02 11.44 -5.94
CA ILE D 90 -23.49 11.37 -5.84
C ILE D 90 -24.05 12.71 -5.38
N GLU D 91 -23.50 13.26 -4.28
CA GLU D 91 -24.00 14.52 -3.76
C GLU D 91 -23.69 15.68 -4.68
N ALA D 92 -22.63 15.57 -5.48
CA ALA D 92 -22.24 16.63 -6.41
C ALA D 92 -23.12 16.68 -7.65
N GLY D 93 -24.01 15.71 -7.85
CA GLY D 93 -24.93 15.76 -8.97
C GLY D 93 -24.57 14.96 -10.22
N ALA D 94 -23.74 13.93 -10.11
CA ALA D 94 -23.41 13.09 -11.25
C ALA D 94 -24.61 12.28 -11.75
N THR D 95 -24.61 11.98 -13.04
CA THR D 95 -25.65 11.13 -13.63
C THR D 95 -25.20 9.68 -13.77
N TYR D 96 -24.06 9.46 -14.41
CA TYR D 96 -23.40 8.16 -14.40
C TYR D 96 -22.15 8.22 -13.54
N ILE D 97 -21.87 7.13 -12.81
CA ILE D 97 -20.59 6.93 -12.13
C ILE D 97 -20.10 5.55 -12.53
N THR D 98 -18.95 5.50 -13.20
CA THR D 98 -18.35 4.24 -13.63
C THR D 98 -16.93 4.13 -13.07
N PHE D 99 -16.52 2.90 -12.81
CA PHE D 99 -15.23 2.64 -12.19
C PHE D 99 -14.67 1.34 -12.72
N HIS D 100 -13.36 1.14 -12.52
CA HIS D 100 -12.69 -0.07 -12.99
C HIS D 100 -12.84 -1.18 -11.96
N PRO D 101 -13.18 -2.40 -12.36
CA PRO D 101 -13.30 -3.49 -11.39
C PRO D 101 -12.01 -3.76 -10.61
N GLU D 102 -10.84 -3.55 -11.23
CA GLU D 102 -9.60 -3.78 -10.50
C GLU D 102 -9.43 -2.80 -9.34
N ALA D 103 -10.13 -1.68 -9.37
CA ALA D 103 -9.93 -0.62 -8.40
C ALA D 103 -10.78 -0.76 -7.15
N SER D 104 -11.67 -1.75 -7.11
CA SER D 104 -12.54 -1.97 -5.96
C SER D 104 -12.35 -3.40 -5.46
N GLN D 105 -12.13 -3.55 -4.16
CA GLN D 105 -12.08 -4.88 -3.57
C GLN D 105 -13.46 -5.53 -3.55
N HIS D 106 -14.53 -4.76 -3.68
CA HIS D 106 -15.89 -5.31 -3.59
C HIS D 106 -16.77 -4.64 -4.66
N ILE D 107 -16.74 -5.22 -5.85
CA ILE D 107 -17.36 -4.61 -7.03
C ILE D 107 -18.85 -4.45 -6.82
N ASP D 108 -19.51 -5.48 -6.29
CA ASP D 108 -20.97 -5.46 -6.13
C ASP D 108 -21.40 -4.38 -5.16
N ARG D 109 -20.74 -4.29 -4.01
CA ARG D 109 -21.08 -3.25 -3.05
C ARG D 109 -20.85 -1.86 -3.64
N SER D 110 -19.81 -1.69 -4.45
CA SER D 110 -19.56 -0.41 -5.08
C SER D 110 -20.63 -0.07 -6.11
N LEU D 111 -21.01 -1.04 -6.95
CA LEU D 111 -22.10 -0.81 -7.89
C LEU D 111 -23.39 -0.48 -7.15
N GLN D 112 -23.70 -1.22 -6.08
CA GLN D 112 -24.91 -0.96 -5.32
C GLN D 112 -24.90 0.45 -4.72
N LEU D 113 -23.72 0.91 -4.30
CA LEU D 113 -23.61 2.25 -3.71
C LEU D 113 -24.04 3.33 -4.70
N ILE D 114 -23.65 3.16 -5.96
CA ILE D 114 -24.04 4.11 -6.99
C ILE D 114 -25.55 4.07 -7.20
N ARG D 115 -26.11 2.86 -7.33
CA ARG D 115 -27.55 2.74 -7.56
C ARG D 115 -28.34 3.33 -6.41
N ASP D 116 -27.89 3.11 -5.17
CA ASP D 116 -28.60 3.62 -4.01
C ASP D 116 -28.54 5.14 -3.87
N GLY D 117 -27.60 5.80 -4.53
CA GLY D 117 -27.60 7.25 -4.59
C GLY D 117 -28.52 7.82 -5.64
N GLY D 118 -29.17 6.97 -6.43
CA GLY D 118 -30.00 7.41 -7.53
C GLY D 118 -29.27 7.52 -8.85
N CYS D 119 -27.99 7.15 -8.92
CA CYS D 119 -27.19 7.29 -10.12
C CYS D 119 -27.20 6.02 -10.96
N LYS D 120 -26.76 6.17 -12.19
CA LYS D 120 -26.52 5.04 -13.07
C LYS D 120 -25.09 4.56 -12.89
N ALA D 121 -24.91 3.24 -12.85
CA ALA D 121 -23.63 2.63 -12.51
C ALA D 121 -23.00 1.99 -13.74
N GLY D 122 -21.67 1.89 -13.72
CA GLY D 122 -20.96 1.25 -14.81
C GLY D 122 -19.61 0.68 -14.42
N LEU D 123 -19.14 -0.23 -15.28
CA LEU D 123 -17.83 -0.83 -15.14
C LEU D 123 -17.00 -0.48 -16.38
N VAL D 124 -15.75 -0.08 -16.14
CA VAL D 124 -14.82 0.33 -17.18
C VAL D 124 -13.78 -0.76 -17.37
N PHE D 125 -13.46 -1.07 -18.63
CA PHE D 125 -12.53 -2.14 -18.96
C PHE D 125 -11.31 -1.57 -19.68
N ASN D 126 -10.14 -1.76 -19.06
CA ASN D 126 -8.86 -1.43 -19.68
C ASN D 126 -8.69 -2.28 -20.94
N PRO D 127 -7.81 -1.86 -21.86
CA PRO D 127 -7.60 -2.65 -23.08
C PRO D 127 -7.41 -4.15 -22.84
N ALA D 128 -6.70 -4.55 -21.79
CA ALA D 128 -6.45 -5.95 -21.51
C ALA D 128 -7.49 -6.59 -20.59
N THR D 129 -8.38 -5.82 -19.96
CA THR D 129 -9.30 -6.40 -18.98
C THR D 129 -10.37 -7.23 -19.68
N PRO D 130 -10.54 -8.50 -19.32
CA PRO D 130 -11.59 -9.31 -19.94
C PRO D 130 -12.97 -8.97 -19.40
N LEU D 131 -13.99 -9.34 -20.18
CA LEU D 131 -15.38 -9.00 -19.85
C LEU D 131 -16.00 -9.95 -18.86
N GLU D 132 -15.22 -10.90 -18.35
CA GLU D 132 -15.77 -11.98 -17.54
C GLU D 132 -16.48 -11.48 -16.29
N VAL D 133 -16.02 -10.37 -15.71
CA VAL D 133 -16.58 -9.92 -14.43
C VAL D 133 -18.04 -9.45 -14.56
N LEU D 134 -18.52 -9.20 -15.78
CA LEU D 134 -19.89 -8.71 -15.93
C LEU D 134 -20.95 -9.77 -15.64
N LYS D 135 -20.55 -11.04 -15.60
CA LYS D 135 -21.54 -12.12 -15.57
C LYS D 135 -22.50 -11.98 -14.39
N TYR D 136 -21.97 -11.64 -13.22
CA TYR D 136 -22.77 -11.62 -11.99
C TYR D 136 -23.09 -10.21 -11.51
N VAL D 137 -22.99 -9.22 -12.39
CA VAL D 137 -23.36 -7.86 -12.02
C VAL D 137 -24.18 -7.21 -13.13
N MET D 138 -24.68 -8.02 -14.07
CA MET D 138 -25.43 -7.47 -15.22
C MET D 138 -26.65 -6.68 -14.79
N ASP D 139 -27.30 -7.08 -13.70
CA ASP D 139 -28.47 -6.36 -13.25
C ASP D 139 -28.11 -5.04 -12.57
N LYS D 140 -26.83 -4.77 -12.34
CA LYS D 140 -26.40 -3.60 -11.59
C LYS D 140 -25.54 -2.64 -12.42
N VAL D 141 -25.31 -2.92 -13.70
CA VAL D 141 -24.58 -1.99 -14.56
C VAL D 141 -25.56 -1.37 -15.54
N ASP D 142 -25.53 -0.05 -15.62
CA ASP D 142 -26.30 0.67 -16.62
C ASP D 142 -25.48 1.03 -17.84
N MET D 143 -24.15 0.99 -17.72
CA MET D 143 -23.25 1.31 -18.82
C MET D 143 -21.99 0.47 -18.73
N VAL D 144 -21.47 0.07 -19.90
CA VAL D 144 -20.20 -0.62 -20.00
C VAL D 144 -19.29 0.22 -20.88
N LEU D 145 -18.15 0.65 -20.33
CA LEU D 145 -17.18 1.50 -21.02
C LEU D 145 -15.98 0.67 -21.43
N LEU D 146 -15.71 0.64 -22.74
CA LEU D 146 -14.53 -0.04 -23.27
C LEU D 146 -13.47 1.01 -23.56
N MET D 147 -12.29 0.86 -22.95
CA MET D 147 -11.16 1.74 -23.22
C MET D 147 -10.39 1.24 -24.44
N SER D 148 -10.29 2.06 -25.47
CA SER D 148 -9.51 1.73 -26.63
C SER D 148 -8.09 2.29 -26.58
N VAL D 149 -7.74 2.99 -25.50
CA VAL D 149 -6.35 3.33 -25.18
C VAL D 149 -6.13 3.04 -23.69
N ASN D 150 -4.88 3.09 -23.29
CA ASN D 150 -4.56 2.95 -21.88
C ASN D 150 -4.91 4.23 -21.15
N PRO D 151 -5.83 4.21 -20.18
CA PRO D 151 -6.32 5.46 -19.59
C PRO D 151 -5.26 6.18 -18.75
N GLY D 152 -5.24 7.51 -18.87
CA GLY D 152 -4.34 8.32 -18.08
C GLY D 152 -2.99 8.55 -18.71
N PHE D 153 -2.71 7.95 -19.86
CA PHE D 153 -1.42 8.10 -20.51
C PHE D 153 -1.51 8.97 -21.76
N GLN D 156 -2.75 7.17 -27.42
CA GLN D 156 -3.72 8.12 -27.96
C GLN D 156 -4.29 7.60 -29.28
N LYS D 157 -3.89 6.39 -29.66
CA LYS D 157 -4.34 5.74 -30.88
C LYS D 157 -5.25 4.56 -30.55
N PHE D 158 -6.35 4.45 -31.30
CA PHE D 158 -7.32 3.39 -31.10
C PHE D 158 -6.66 2.03 -31.23
N ILE D 159 -6.79 1.20 -30.20
CA ILE D 159 -6.24 -0.15 -30.24
C ILE D 159 -7.21 -1.01 -31.05
N PRO D 160 -6.77 -1.58 -32.18
CA PRO D 160 -7.73 -2.22 -33.10
C PRO D 160 -8.53 -3.36 -32.49
N GLY D 161 -7.97 -4.13 -31.57
CA GLY D 161 -8.70 -5.23 -30.96
C GLY D 161 -9.93 -4.80 -30.18
N THR D 162 -10.05 -3.51 -29.86
CA THR D 162 -11.22 -3.04 -29.11
C THR D 162 -12.51 -3.29 -29.88
N LEU D 163 -12.44 -3.22 -31.22
CA LEU D 163 -13.63 -3.50 -32.03
C LEU D 163 -14.12 -4.92 -31.81
N ASP D 164 -13.22 -5.88 -31.66
CA ASP D 164 -13.62 -7.24 -31.35
C ASP D 164 -14.25 -7.32 -29.97
N LYS D 165 -13.69 -6.60 -28.99
CA LYS D 165 -14.27 -6.63 -27.65
C LYS D 165 -15.62 -5.93 -27.63
N LEU D 166 -15.81 -4.89 -28.45
CA LEU D 166 -17.13 -4.26 -28.57
C LEU D 166 -18.17 -5.26 -29.04
N ARG D 167 -17.84 -6.03 -30.09
CA ARG D 167 -18.80 -7.03 -30.57
C ARG D 167 -19.09 -8.07 -29.50
N GLU D 168 -18.06 -8.47 -28.76
CA GLU D 168 -18.29 -9.38 -27.64
C GLU D 168 -19.15 -8.72 -26.57
N ALA D 169 -18.90 -7.43 -26.31
CA ALA D 169 -19.68 -6.72 -25.30
C ALA D 169 -21.12 -6.53 -25.75
N ARG D 170 -21.33 -6.10 -27.00
CA ARG D 170 -22.67 -5.91 -27.54
C ARG D 170 -23.46 -7.21 -27.50
N ALA D 171 -22.81 -8.34 -27.78
CA ALA D 171 -23.48 -9.63 -27.76
C ALA D 171 -23.92 -9.99 -26.36
N LEU D 172 -23.09 -9.71 -25.36
CA LEU D 172 -23.47 -9.98 -23.97
C LEU D 172 -24.65 -9.12 -23.56
N ILE D 173 -24.66 -7.85 -23.94
CA ILE D 173 -25.78 -6.98 -23.62
C ILE D 173 -27.03 -7.43 -24.34
N ASP D 174 -26.89 -7.80 -25.62
CA ASP D 174 -28.04 -8.26 -26.38
C ASP D 174 -28.68 -9.48 -25.74
N ALA D 175 -27.85 -10.36 -25.16
CA ALA D 175 -28.41 -11.58 -24.59
C ALA D 175 -28.97 -11.37 -23.19
N SER D 176 -28.76 -10.20 -22.59
CA SER D 176 -29.24 -9.96 -21.25
C SER D 176 -30.65 -9.37 -21.19
N GLY D 177 -31.10 -8.72 -22.26
CA GLY D 177 -32.39 -8.08 -22.22
C GLY D 177 -32.45 -6.81 -21.42
N ARG D 178 -31.33 -6.34 -20.89
CA ARG D 178 -31.30 -5.17 -20.03
C ARG D 178 -30.91 -3.93 -20.81
N GLU D 179 -31.32 -2.78 -20.29
CA GLU D 179 -30.99 -1.50 -20.92
C GLU D 179 -29.61 -1.09 -20.40
N ILE D 180 -28.57 -1.40 -21.18
CA ILE D 180 -27.19 -1.13 -20.80
C ILE D 180 -26.52 -0.44 -21.98
N ARG D 181 -25.95 0.73 -21.72
CA ARG D 181 -25.22 1.46 -22.75
C ARG D 181 -23.85 0.84 -22.96
N LEU D 182 -23.39 0.86 -24.21
CA LEU D 182 -22.05 0.38 -24.56
C LEU D 182 -21.23 1.59 -24.97
N GLU D 183 -20.31 2.00 -24.10
CA GLU D 183 -19.53 3.21 -24.28
C GLU D 183 -18.11 2.88 -24.72
N ILE D 184 -17.53 3.78 -25.49
CA ILE D 184 -16.20 3.62 -26.04
C ILE D 184 -15.43 4.91 -25.82
N ASP D 185 -14.14 4.80 -25.49
CA ASP D 185 -13.33 5.98 -25.20
C ASP D 185 -11.88 5.72 -25.56
N GLY D 186 -11.31 6.60 -26.38
CA GLY D 186 -9.92 6.53 -26.75
C GLY D 186 -9.67 6.65 -28.24
N GLY D 187 -9.25 7.83 -28.69
CA GLY D 187 -8.94 8.02 -30.09
C GLY D 187 -10.13 7.93 -31.02
N VAL D 188 -11.31 8.29 -30.54
CA VAL D 188 -12.53 8.24 -31.36
C VAL D 188 -12.65 9.53 -32.16
N ASN D 189 -12.77 9.40 -33.48
CA ASN D 189 -12.89 10.55 -34.37
C ASN D 189 -13.95 10.24 -35.42
N VAL D 190 -14.14 11.21 -36.33
CA VAL D 190 -15.13 11.08 -37.39
C VAL D 190 -14.75 9.96 -38.35
N LYS D 191 -13.46 9.76 -38.59
CA LYS D 191 -13.00 8.77 -39.57
C LYS D 191 -13.21 7.33 -39.13
N ASN D 192 -13.39 7.06 -37.83
CA ASN D 192 -13.59 5.70 -37.37
C ASN D 192 -14.88 5.49 -36.59
N ILE D 193 -15.67 6.54 -36.38
CA ILE D 193 -16.87 6.39 -35.54
C ILE D 193 -17.87 5.45 -36.20
N ARG D 194 -17.91 5.41 -37.53
CA ARG D 194 -18.82 4.50 -38.21
C ARG D 194 -18.44 3.05 -37.92
N GLU D 195 -17.17 2.71 -38.10
CA GLU D 195 -16.72 1.35 -37.85
C GLU D 195 -16.91 0.97 -36.39
N ILE D 196 -16.65 1.91 -35.48
CA ILE D 196 -16.82 1.64 -34.05
C ILE D 196 -18.28 1.34 -33.75
N ALA D 197 -19.19 2.15 -34.29
CA ALA D 197 -20.62 1.94 -34.03
C ALA D 197 -21.12 0.63 -34.62
N ALA D 198 -20.68 0.30 -35.84
CA ALA D 198 -21.09 -0.96 -36.45
C ALA D 198 -20.61 -2.16 -35.63
N ALA D 199 -19.48 -2.01 -34.94
CA ALA D 199 -19.03 -3.06 -34.03
C ALA D 199 -19.94 -3.19 -32.81
N GLY D 200 -20.72 -2.15 -32.49
CA GLY D 200 -21.72 -2.28 -31.45
C GLY D 200 -21.80 -1.21 -30.37
N ALA D 201 -21.01 -0.16 -30.49
CA ALA D 201 -21.02 0.90 -29.49
C ALA D 201 -22.18 1.85 -29.74
N ASP D 202 -22.79 2.35 -28.67
CA ASP D 202 -23.86 3.34 -28.80
C ASP D 202 -23.60 4.63 -28.03
N THR D 203 -22.49 4.73 -27.31
CA THR D 203 -22.15 5.94 -26.56
C THR D 203 -20.69 6.25 -26.81
N PHE D 204 -20.41 7.46 -27.30
CA PHE D 204 -19.11 7.78 -27.88
C PHE D 204 -18.50 8.94 -27.13
N VAL D 205 -17.34 8.70 -26.53
CA VAL D 205 -16.55 9.72 -25.84
C VAL D 205 -15.51 10.22 -26.81
N ALA D 206 -15.51 11.52 -27.07
CA ALA D 206 -14.47 12.18 -27.85
C ALA D 206 -13.99 13.41 -27.10
N GLY D 207 -12.71 13.70 -27.25
CA GLY D 207 -12.15 14.85 -26.58
C GLY D 207 -11.59 15.89 -27.53
N SER D 208 -10.33 15.68 -27.90
CA SER D 208 -9.66 16.62 -28.80
C SER D 208 -10.40 16.78 -30.12
N ALA D 209 -10.98 15.69 -30.63
CA ALA D 209 -11.65 15.71 -31.93
C ALA D 209 -12.72 16.79 -31.97
N ILE D 210 -13.36 17.08 -30.83
CA ILE D 210 -14.44 18.05 -30.76
C ILE D 210 -13.91 19.38 -30.23
N PHE D 211 -13.31 19.35 -29.04
CA PHE D 211 -12.96 20.60 -28.37
C PHE D 211 -11.81 21.34 -29.05
N ASN D 212 -10.96 20.64 -29.80
CA ASN D 212 -9.91 21.30 -30.56
C ASN D 212 -10.34 21.63 -31.98
N ALA D 213 -11.55 21.25 -32.37
CA ALA D 213 -12.03 21.67 -33.67
C ALA D 213 -12.45 23.13 -33.63
N PRO D 214 -12.37 23.84 -34.76
CA PRO D 214 -12.77 25.25 -34.74
C PRO D 214 -14.26 25.45 -34.59
N ASP D 215 -15.07 24.49 -35.02
CA ASP D 215 -16.53 24.54 -34.91
C ASP D 215 -17.00 23.22 -34.33
N TYR D 216 -17.55 23.25 -33.12
CA TYR D 216 -17.98 22.03 -32.44
C TYR D 216 -19.17 21.40 -33.15
N ALA D 217 -20.09 22.23 -33.64
CA ALA D 217 -21.32 21.72 -34.22
C ALA D 217 -21.05 20.94 -35.50
N GLU D 218 -20.11 21.41 -36.32
CA GLU D 218 -19.82 20.74 -37.58
C GLU D 218 -19.30 19.33 -37.33
N VAL D 219 -18.43 19.16 -36.33
CA VAL D 219 -17.91 17.84 -36.01
C VAL D 219 -19.04 16.93 -35.53
N ILE D 220 -19.88 17.43 -34.62
CA ILE D 220 -20.96 16.61 -34.08
C ILE D 220 -21.94 16.22 -35.17
N ARG D 221 -22.27 17.16 -36.07
CA ARG D 221 -23.12 16.82 -37.21
C ARG D 221 -22.46 15.77 -38.09
N ALA D 222 -21.15 15.89 -38.31
CA ALA D 222 -20.43 14.90 -39.11
C ALA D 222 -20.42 13.54 -38.43
N MET D 223 -20.23 13.52 -37.11
CA MET D 223 -20.28 12.26 -36.40
C MET D 223 -21.68 11.65 -36.51
N HIS D 224 -22.71 12.46 -36.26
CA HIS D 224 -24.07 11.98 -36.41
C HIS D 224 -24.36 11.56 -37.84
N ALA D 225 -23.71 12.21 -38.82
CA ALA D 225 -23.84 11.77 -40.20
C ALA D 225 -23.22 10.39 -40.42
N GLU D 226 -22.03 10.15 -39.86
CA GLU D 226 -21.40 8.83 -40.01
C GLU D 226 -22.15 7.73 -39.27
N LEU D 227 -22.77 8.07 -38.14
CA LEU D 227 -23.53 7.06 -37.40
C LEU D 227 -24.73 6.55 -38.20
N ALA D 228 -25.24 7.33 -39.15
CA ALA D 228 -26.36 6.89 -39.96
C ALA D 228 -25.93 5.79 -40.94
N GLN D 229 -24.75 5.92 -41.54
CA GLN D 229 -24.21 4.91 -42.45
C GLN D 229 -23.46 3.82 -41.69
N ALA D 230 -24.05 3.35 -40.59
CA ALA D 230 -23.42 2.37 -39.72
C ALA D 230 -23.96 0.97 -39.91
N HIS D 231 -24.97 0.60 -39.14
CA HIS D 231 -25.48 -0.77 -39.09
C HIS D 231 -25.86 -1.32 -40.47
N HIS E 7 4.90 16.40 41.59
CA HIS E 7 4.24 15.60 40.55
C HIS E 7 2.73 15.74 40.62
N HIS E 8 2.13 16.26 39.55
CA HIS E 8 0.68 16.40 39.45
C HIS E 8 0.08 15.14 38.82
N MET E 9 0.27 14.02 39.50
CA MET E 9 -0.14 12.72 38.96
C MET E 9 -1.64 12.53 39.09
N GLN E 10 -2.10 11.33 38.75
CA GLN E 10 -3.47 10.87 38.87
C GLN E 10 -3.50 9.59 39.70
N PRO E 11 -4.64 9.25 40.30
CA PRO E 11 -4.70 8.06 41.15
C PRO E 11 -4.32 6.78 40.41
N PHE E 12 -3.53 5.94 41.09
CA PHE E 12 -3.05 4.69 40.52
C PHE E 12 -4.20 3.83 40.01
N ALA E 13 -3.97 3.17 38.88
CA ALA E 13 -4.97 2.30 38.26
C ALA E 13 -4.29 1.09 37.65
N ILE E 14 -4.87 -0.08 37.87
CA ILE E 14 -4.36 -1.34 37.32
C ILE E 14 -5.26 -1.77 36.17
N ALA E 15 -4.67 -1.96 34.99
CA ALA E 15 -5.40 -2.21 33.74
C ALA E 15 -4.97 -3.54 33.13
N PRO E 16 -5.55 -4.66 33.57
CA PRO E 16 -5.22 -5.94 32.96
C PRO E 16 -5.62 -5.96 31.49
N SER E 17 -4.77 -6.52 30.65
CA SER E 17 -5.05 -6.65 29.23
C SER E 17 -5.72 -8.01 29.02
N ILE E 18 -6.91 -7.99 28.43
CA ILE E 18 -7.72 -9.20 28.33
C ILE E 18 -7.20 -10.10 27.22
N LEU E 19 -6.06 -9.73 26.63
CA LEU E 19 -5.38 -10.66 25.74
C LEU E 19 -4.98 -11.92 26.50
N SER E 20 -4.70 -11.78 27.79
CA SER E 20 -4.36 -12.93 28.63
C SER E 20 -5.59 -13.55 29.27
N ALA E 21 -6.77 -13.02 29.01
CA ALA E 21 -7.99 -13.54 29.62
C ALA E 21 -8.51 -14.72 28.82
N ASP E 22 -9.54 -15.36 29.38
CA ASP E 22 -10.16 -16.55 28.78
C ASP E 22 -11.27 -16.09 27.83
N PHE E 23 -10.98 -16.12 26.52
CA PHE E 23 -11.92 -15.68 25.51
C PHE E 23 -13.07 -16.66 25.27
N ALA E 24 -13.03 -17.85 25.87
CA ALA E 24 -14.20 -18.73 25.86
C ALA E 24 -15.16 -18.37 26.97
N ARG E 25 -14.66 -17.72 28.01
CA ARG E 25 -15.45 -17.25 29.15
C ARG E 25 -15.09 -15.81 29.46
N LEU E 26 -15.19 -14.91 28.47
CA LEU E 26 -14.64 -13.57 28.63
C LEU E 26 -15.37 -12.78 29.71
N GLY E 27 -16.70 -12.78 29.68
CA GLY E 27 -17.44 -12.04 30.68
C GLY E 27 -17.13 -12.50 32.10
N GLU E 28 -17.10 -13.81 32.32
CA GLU E 28 -16.74 -14.36 33.63
C GLU E 28 -15.33 -13.94 34.03
N ASP E 29 -14.38 -14.06 33.10
CA ASP E 29 -12.98 -13.76 33.43
C ASP E 29 -12.82 -12.28 33.75
N VAL E 30 -13.48 -11.40 33.00
CA VAL E 30 -13.41 -9.97 33.28
C VAL E 30 -14.09 -9.66 34.62
N ASP E 31 -15.23 -10.31 34.89
CA ASP E 31 -15.87 -10.15 36.19
C ASP E 31 -14.92 -10.56 37.31
N LYS E 32 -14.17 -11.65 37.13
CA LYS E 32 -13.29 -12.13 38.17
C LYS E 32 -12.14 -11.16 38.42
N VAL E 33 -11.52 -10.65 37.36
CA VAL E 33 -10.39 -9.73 37.57
C VAL E 33 -10.88 -8.40 38.13
N LEU E 34 -12.09 -7.96 37.75
CA LEU E 34 -12.64 -6.74 38.32
C LEU E 34 -13.05 -6.97 39.77
N ALA E 35 -13.65 -8.13 40.06
CA ALA E 35 -13.95 -8.48 41.45
C ALA E 35 -12.68 -8.62 42.28
N ALA E 36 -11.54 -8.87 41.65
CA ALA E 36 -10.25 -8.94 42.35
C ALA E 36 -9.63 -7.58 42.56
N GLY E 37 -10.30 -6.50 42.16
CA GLY E 37 -9.86 -5.15 42.44
C GLY E 37 -9.30 -4.39 41.26
N ALA E 38 -9.30 -4.98 40.07
CA ALA E 38 -8.80 -4.28 38.89
C ALA E 38 -9.69 -3.10 38.56
N ASP E 39 -9.07 -2.05 38.00
CA ASP E 39 -9.72 -0.77 37.73
C ASP E 39 -10.14 -0.62 36.27
N ILE E 40 -9.31 -1.04 35.33
CA ILE E 40 -9.51 -0.76 33.92
C ILE E 40 -9.37 -2.04 33.13
N VAL E 41 -10.25 -2.23 32.15
CA VAL E 41 -10.18 -3.33 31.22
C VAL E 41 -9.38 -2.85 30.02
N HIS E 42 -8.18 -3.39 29.84
CA HIS E 42 -7.31 -2.96 28.75
C HIS E 42 -7.56 -3.80 27.51
N PHE E 43 -7.67 -3.14 26.36
CA PHE E 43 -8.18 -3.75 25.15
C PHE E 43 -7.11 -3.58 24.07
N ASP E 44 -6.41 -4.67 23.73
CA ASP E 44 -5.33 -4.63 22.76
C ASP E 44 -5.85 -5.04 21.39
N VAL E 45 -5.94 -4.07 20.48
CA VAL E 45 -6.50 -4.27 19.15
C VAL E 45 -5.36 -4.25 18.13
N MET E 46 -5.21 -5.36 17.41
CA MET E 46 -4.17 -5.55 16.41
C MET E 46 -4.84 -5.94 15.11
N ASP E 47 -4.44 -5.31 14.00
CA ASP E 47 -5.13 -5.45 12.72
C ASP E 47 -4.35 -6.24 11.68
N ASN E 48 -3.32 -6.98 12.10
CA ASN E 48 -2.43 -7.79 11.28
C ASN E 48 -1.57 -6.98 10.31
N HIS E 49 -1.64 -5.64 10.36
CA HIS E 49 -0.82 -4.80 9.48
C HIS E 49 0.15 -3.93 10.27
N TYR E 50 -0.33 -3.14 11.23
CA TYR E 50 0.59 -2.34 12.03
C TYR E 50 1.49 -3.22 12.89
N VAL E 51 0.97 -4.38 13.30
CA VAL E 51 1.75 -5.42 13.98
C VAL E 51 1.36 -6.77 13.38
N PRO E 52 2.28 -7.75 13.44
CA PRO E 52 2.03 -9.04 12.78
C PRO E 52 1.11 -9.97 13.57
N ASN E 53 -0.07 -9.45 13.95
CA ASN E 53 -1.04 -10.22 14.71
C ASN E 53 -2.41 -9.56 14.63
N LEU E 54 -3.45 -10.37 14.79
CA LEU E 54 -4.86 -9.94 14.75
C LEU E 54 -5.55 -10.43 16.01
N THR E 55 -6.20 -9.52 16.75
CA THR E 55 -6.73 -9.88 18.06
C THR E 55 -8.25 -9.80 18.02
N ILE E 56 -8.87 -8.72 18.51
CA ILE E 56 -10.31 -8.63 18.68
C ILE E 56 -10.79 -7.25 18.27
N GLY E 57 -12.00 -7.20 17.72
CA GLY E 57 -12.54 -5.95 17.22
C GLY E 57 -13.61 -5.33 18.09
N PRO E 58 -14.28 -4.32 17.56
CA PRO E 58 -15.27 -3.58 18.36
C PRO E 58 -16.40 -4.45 18.90
N MET E 59 -16.74 -5.54 18.21
CA MET E 59 -17.82 -6.39 18.67
C MET E 59 -17.54 -6.99 20.04
N VAL E 60 -16.27 -7.20 20.38
CA VAL E 60 -15.94 -7.76 21.69
C VAL E 60 -16.15 -6.71 22.76
N CYS E 61 -15.80 -5.47 22.46
CA CYS E 61 -16.12 -4.37 23.36
C CYS E 61 -17.64 -4.23 23.53
N SER E 62 -18.38 -4.38 22.42
CA SER E 62 -19.84 -4.36 22.49
C SER E 62 -20.37 -5.48 23.37
N ALA E 63 -19.84 -6.69 23.18
CA ALA E 63 -20.33 -7.84 23.94
C ALA E 63 -20.09 -7.66 25.43
N LEU E 64 -18.97 -7.04 25.80
CA LEU E 64 -18.70 -6.82 27.22
C LEU E 64 -19.69 -5.83 27.81
N ARG E 65 -20.04 -4.80 27.05
CA ARG E 65 -21.00 -3.83 27.54
C ARG E 65 -22.38 -4.45 27.66
N LYS E 66 -22.79 -5.23 26.67
CA LYS E 66 -24.10 -5.86 26.72
C LYS E 66 -24.21 -6.89 27.83
N TYR E 67 -23.07 -7.41 28.30
CA TYR E 67 -23.04 -8.42 29.34
C TYR E 67 -23.15 -7.82 30.73
N GLY E 68 -22.80 -6.53 30.89
CA GLY E 68 -22.97 -5.88 32.16
C GLY E 68 -21.76 -5.13 32.66
N VAL E 69 -20.64 -5.28 31.96
CA VAL E 69 -19.39 -4.64 32.35
C VAL E 69 -19.53 -3.13 32.20
N SER E 70 -19.54 -2.40 33.32
CA SER E 70 -19.60 -0.95 33.29
C SER E 70 -18.26 -0.29 33.59
N ALA E 71 -17.22 -1.07 33.87
CA ALA E 71 -15.91 -0.54 34.16
C ALA E 71 -15.34 0.17 32.92
N PRO E 72 -14.41 1.10 33.11
CA PRO E 72 -13.80 1.75 31.95
C PRO E 72 -13.06 0.74 31.08
N ILE E 73 -13.30 0.82 29.77
CA ILE E 73 -12.67 -0.04 28.79
C ILE E 73 -11.67 0.81 28.02
N ASP E 74 -10.40 0.41 28.08
CA ASP E 74 -9.29 1.17 27.53
C ASP E 74 -8.82 0.47 26.25
N VAL E 75 -9.19 1.05 25.11
CA VAL E 75 -8.92 0.45 23.81
C VAL E 75 -7.62 1.05 23.29
N HIS E 76 -6.60 0.20 23.17
CA HIS E 76 -5.31 0.54 22.59
C HIS E 76 -5.32 0.08 21.14
N LEU E 77 -5.27 1.02 20.21
CA LEU E 77 -5.31 0.72 18.79
C LEU E 77 -3.88 0.52 18.29
N MET E 78 -3.53 -0.72 18.01
CA MET E 78 -2.36 -1.05 17.19
C MET E 78 -2.82 -1.36 15.77
N VAL E 79 -3.41 -0.35 15.13
CA VAL E 79 -3.95 -0.48 13.78
C VAL E 79 -3.55 0.75 12.97
N SER E 80 -3.63 0.62 11.66
CA SER E 80 -3.30 1.73 10.77
C SER E 80 -3.92 1.55 9.39
N PRO E 81 -4.73 2.51 8.90
CA PRO E 81 -5.17 3.77 9.52
C PRO E 81 -6.17 3.57 10.65
N VAL E 82 -6.50 4.64 11.37
CA VAL E 82 -7.21 4.52 12.62
C VAL E 82 -8.62 5.12 12.59
N ASP E 83 -8.90 6.04 11.67
CA ASP E 83 -10.09 6.88 11.83
C ASP E 83 -11.38 6.08 11.76
N ARG E 84 -11.51 5.16 10.78
CA ARG E 84 -12.77 4.44 10.60
C ARG E 84 -13.10 3.58 11.82
N ILE E 85 -12.13 2.78 12.28
CA ILE E 85 -12.40 1.89 13.40
C ILE E 85 -12.55 2.66 14.71
N ILE E 86 -12.02 3.89 14.80
CA ILE E 86 -12.26 4.73 15.97
C ILE E 86 -13.76 4.95 16.15
N GLY E 87 -14.46 5.25 15.05
CA GLY E 87 -15.90 5.42 15.11
C GLY E 87 -16.61 4.21 15.68
N ASP E 88 -16.16 3.01 15.29
CA ASP E 88 -16.81 1.78 15.76
C ASP E 88 -16.60 1.57 17.25
N PHE E 89 -15.42 1.92 17.76
CA PHE E 89 -15.17 1.72 19.19
C PHE E 89 -15.88 2.75 20.04
N ILE E 90 -16.13 3.93 19.49
CA ILE E 90 -16.98 4.90 20.19
C ILE E 90 -18.38 4.34 20.35
N GLU E 91 -18.96 3.84 19.25
CA GLU E 91 -20.31 3.27 19.32
C GLU E 91 -20.34 1.99 20.13
N ALA E 92 -19.21 1.26 20.18
CA ALA E 92 -19.17 0.03 20.94
C ALA E 92 -19.01 0.26 22.43
N GLY E 93 -18.79 1.51 22.85
CA GLY E 93 -18.70 1.83 24.26
C GLY E 93 -17.30 1.96 24.85
N ALA E 94 -16.28 2.22 24.05
CA ALA E 94 -14.95 2.42 24.62
C ALA E 94 -14.92 3.66 25.49
N THR E 95 -14.04 3.64 26.49
CA THR E 95 -13.82 4.76 27.40
C THR E 95 -12.58 5.56 27.02
N TYR E 96 -11.45 4.88 26.86
CA TYR E 96 -10.25 5.45 26.28
C TYR E 96 -10.05 4.87 24.89
N ILE E 97 -9.59 5.70 23.97
CA ILE E 97 -9.13 5.25 22.67
C ILE E 97 -7.76 5.89 22.46
N THR E 98 -6.74 5.07 22.33
CA THR E 98 -5.38 5.53 22.12
C THR E 98 -4.81 4.90 20.86
N PHE E 99 -3.91 5.63 20.20
CA PHE E 99 -3.35 5.16 18.94
C PHE E 99 -1.92 5.66 18.84
N HIS E 100 -1.17 5.07 17.92
CA HIS E 100 0.22 5.46 17.72
C HIS E 100 0.29 6.62 16.74
N PRO E 101 1.07 7.67 17.03
CA PRO E 101 1.17 8.79 16.08
C PRO E 101 1.62 8.36 14.68
N GLU E 102 2.44 7.33 14.58
CA GLU E 102 2.88 6.86 13.27
C GLU E 102 1.74 6.28 12.44
N ALA E 103 0.64 5.88 13.07
CA ALA E 103 -0.41 5.16 12.35
C ALA E 103 -1.48 6.07 11.75
N SER E 104 -1.45 7.37 12.02
CA SER E 104 -2.43 8.31 11.50
C SER E 104 -1.73 9.41 10.72
N GLN E 105 -2.19 9.66 9.49
CA GLN E 105 -1.62 10.74 8.71
C GLN E 105 -1.99 12.11 9.25
N HIS E 106 -3.02 12.21 10.08
CA HIS E 106 -3.49 13.49 10.61
C HIS E 106 -3.82 13.31 12.09
N ILE E 107 -2.78 13.46 12.92
CA ILE E 107 -2.88 13.11 14.33
C ILE E 107 -3.90 13.96 15.04
N ASP E 108 -3.89 15.27 14.77
CA ASP E 108 -4.79 16.18 15.47
C ASP E 108 -6.25 15.82 15.19
N ARG E 109 -6.59 15.64 13.92
CA ARG E 109 -7.95 15.26 13.56
C ARG E 109 -8.34 13.92 14.19
N SER E 110 -7.39 12.99 14.31
CA SER E 110 -7.71 11.69 14.92
C SER E 110 -7.97 11.83 16.41
N LEU E 111 -7.13 12.59 17.12
CA LEU E 111 -7.39 12.84 18.54
C LEU E 111 -8.73 13.56 18.73
N GLN E 112 -9.00 14.57 17.89
CA GLN E 112 -10.27 15.28 17.99
C GLN E 112 -11.45 14.37 17.74
N LEU E 113 -11.31 13.41 16.85
CA LEU E 113 -12.38 12.46 16.57
C LEU E 113 -12.81 11.70 17.82
N ILE E 114 -11.82 11.28 18.62
CA ILE E 114 -12.12 10.58 19.86
C ILE E 114 -12.82 11.49 20.85
N ARG E 115 -12.31 12.71 21.03
CA ARG E 115 -12.90 13.66 21.97
C ARG E 115 -14.33 14.00 21.59
N ASP E 116 -14.58 14.19 20.30
CA ASP E 116 -15.93 14.51 19.86
C ASP E 116 -16.86 13.32 20.01
N GLY E 117 -16.34 12.12 20.13
CA GLY E 117 -17.16 10.96 20.42
C GLY E 117 -17.50 10.80 21.88
N GLY E 118 -16.92 11.62 22.75
CA GLY E 118 -17.11 11.49 24.17
C GLY E 118 -16.11 10.61 24.88
N CYS E 119 -15.11 10.11 24.17
CA CYS E 119 -14.12 9.24 24.79
C CYS E 119 -12.91 10.04 25.23
N LYS E 120 -12.10 9.42 26.06
CA LYS E 120 -10.80 9.99 26.42
C LYS E 120 -9.78 9.48 25.41
N ALA E 121 -8.91 10.37 24.95
CA ALA E 121 -8.02 10.09 23.84
C ALA E 121 -6.58 10.01 24.32
N GLY E 122 -5.77 9.24 23.59
CA GLY E 122 -4.37 9.06 23.95
C GLY E 122 -3.47 8.74 22.79
N LEU E 123 -2.18 8.92 23.03
CA LEU E 123 -1.13 8.60 22.08
C LEU E 123 -0.24 7.51 22.68
N VAL E 124 0.09 6.50 21.89
CA VAL E 124 0.93 5.38 22.32
C VAL E 124 2.31 5.54 21.71
N PHE E 125 3.35 5.29 22.50
CA PHE E 125 4.72 5.49 22.05
C PHE E 125 5.49 4.18 22.07
N ASN E 126 5.92 3.73 20.89
CA ASN E 126 6.77 2.56 20.77
C ASN E 126 8.09 2.82 21.50
N PRO E 127 8.82 1.74 21.84
CA PRO E 127 10.12 1.92 22.52
C PRO E 127 11.02 2.97 21.89
N ALA E 128 11.07 3.04 20.56
CA ALA E 128 11.97 3.97 19.90
C ALA E 128 11.35 5.32 19.61
N THR E 129 10.04 5.47 19.77
CA THR E 129 9.36 6.70 19.37
C THR E 129 9.65 7.83 20.37
N PRO E 130 10.19 8.95 19.93
CA PRO E 130 10.37 10.09 20.84
C PRO E 130 9.07 10.83 21.10
N LEU E 131 9.07 11.61 22.18
CA LEU E 131 7.90 12.28 22.69
C LEU E 131 7.62 13.63 22.03
N GLU E 132 8.41 14.00 21.02
CA GLU E 132 8.33 15.36 20.47
C GLU E 132 6.94 15.68 19.92
N VAL E 133 6.22 14.68 19.40
CA VAL E 133 4.93 14.94 18.78
C VAL E 133 3.86 15.41 19.75
N LEU E 134 4.10 15.28 21.06
CA LEU E 134 3.13 15.72 22.05
C LEU E 134 3.05 17.23 22.17
N LYS E 135 4.05 17.96 21.65
CA LYS E 135 4.15 19.38 21.94
C LYS E 135 2.90 20.14 21.54
N TYR E 136 2.34 19.81 20.37
CA TYR E 136 1.24 20.58 19.80
C TYR E 136 -0.09 19.86 19.88
N VAL E 137 -0.22 18.85 20.75
CA VAL E 137 -1.49 18.14 20.94
C VAL E 137 -1.71 17.92 22.43
N MET E 138 -1.00 18.67 23.28
CA MET E 138 -1.11 18.48 24.72
C MET E 138 -2.53 18.69 25.24
N ASP E 139 -3.30 19.60 24.63
CA ASP E 139 -4.65 19.82 25.09
C ASP E 139 -5.62 18.73 24.66
N LYS E 140 -5.18 17.82 23.78
CA LYS E 140 -6.07 16.83 23.18
C LYS E 140 -5.74 15.39 23.54
N VAL E 141 -4.75 15.15 24.40
CA VAL E 141 -4.43 13.81 24.87
C VAL E 141 -4.82 13.72 26.33
N ASP E 142 -5.58 12.67 26.67
CA ASP E 142 -5.94 12.40 28.06
C ASP E 142 -5.06 11.34 28.71
N MET E 143 -4.39 10.52 27.91
CA MET E 143 -3.53 9.47 28.43
C MET E 143 -2.35 9.31 27.47
N VAL E 144 -1.19 9.01 28.03
CA VAL E 144 0.01 8.73 27.26
C VAL E 144 0.48 7.33 27.63
N LEU E 145 0.57 6.45 26.63
CA LEU E 145 0.99 5.07 26.83
C LEU E 145 2.39 4.86 26.27
N LEU E 146 3.32 4.46 27.13
CA LEU E 146 4.67 4.10 26.71
C LEU E 146 4.78 2.58 26.66
N MET E 147 5.20 2.06 25.52
CA MET E 147 5.43 0.63 25.38
C MET E 147 6.83 0.30 25.88
N SER E 148 6.92 -0.61 26.85
CA SER E 148 8.22 -1.10 27.32
C SER E 148 8.62 -2.41 26.64
N VAL E 149 7.79 -2.92 25.73
CA VAL E 149 8.18 -3.97 24.79
C VAL E 149 7.69 -3.54 23.42
N ASN E 150 8.14 -4.24 22.39
CA ASN E 150 7.64 -3.99 21.06
C ASN E 150 6.25 -4.59 20.93
N PRO E 151 5.20 -3.79 20.71
CA PRO E 151 3.85 -4.33 20.76
C PRO E 151 3.58 -5.30 19.62
N GLY E 152 2.85 -6.37 19.94
CA GLY E 152 2.45 -7.34 18.94
C GLY E 152 3.42 -8.47 18.72
N PHE E 153 4.58 -8.44 19.37
CA PHE E 153 5.57 -9.49 19.17
C PHE E 153 5.67 -10.34 20.43
N GLN E 156 8.82 -9.52 24.73
CA GLN E 156 8.19 -9.91 25.98
C GLN E 156 9.07 -9.61 27.19
N LYS E 157 10.21 -8.97 26.95
CA LYS E 157 11.12 -8.58 28.02
C LYS E 157 11.11 -7.06 28.17
N PHE E 158 10.99 -6.60 29.41
CA PHE E 158 10.92 -5.17 29.69
C PHE E 158 12.19 -4.46 29.24
N ILE E 159 12.02 -3.42 28.42
CA ILE E 159 13.15 -2.62 27.94
C ILE E 159 13.53 -1.61 29.03
N PRO E 160 14.74 -1.71 29.58
CA PRO E 160 15.09 -0.86 30.73
C PRO E 160 15.09 0.63 30.43
N GLY E 161 15.42 1.03 29.20
CA GLY E 161 15.43 2.44 28.84
C GLY E 161 14.09 3.13 28.97
N THR E 162 13.00 2.37 29.11
CA THR E 162 11.68 2.96 29.26
C THR E 162 11.58 3.81 30.52
N LEU E 163 12.32 3.44 31.57
CA LEU E 163 12.30 4.22 32.80
C LEU E 163 12.71 5.66 32.56
N ASP E 164 13.72 5.88 31.71
CA ASP E 164 14.11 7.24 31.35
C ASP E 164 13.00 7.94 30.59
N LYS E 165 12.33 7.22 29.67
CA LYS E 165 11.24 7.84 28.94
C LYS E 165 10.03 8.08 29.84
N LEU E 166 9.80 7.21 30.82
CA LEU E 166 8.75 7.46 31.79
C LEU E 166 9.00 8.75 32.56
N ARG E 167 10.25 8.95 33.01
CA ARG E 167 10.58 10.16 33.76
C ARG E 167 10.45 11.41 32.90
N GLU E 168 10.88 11.35 31.64
CA GLU E 168 10.72 12.49 30.76
C GLU E 168 9.25 12.80 30.51
N ALA E 169 8.43 11.76 30.35
CA ALA E 169 7.00 11.95 30.12
C ALA E 169 6.31 12.54 31.34
N ARG E 170 6.65 12.03 32.55
CA ARG E 170 6.09 12.58 33.77
C ARG E 170 6.42 14.07 33.91
N ALA E 171 7.63 14.46 33.52
CA ALA E 171 8.00 15.87 33.58
C ALA E 171 7.18 16.71 32.61
N LEU E 172 6.99 16.21 31.38
CA LEU E 172 6.24 16.97 30.38
C LEU E 172 4.79 17.18 30.80
N ILE E 173 4.15 16.16 31.36
CA ILE E 173 2.76 16.28 31.80
C ILE E 173 2.65 17.24 32.98
N ASP E 174 3.58 17.16 33.93
CA ASP E 174 3.53 18.03 35.11
C ASP E 174 3.58 19.50 34.73
N ALA E 175 4.37 19.84 33.70
CA ALA E 175 4.53 21.23 33.30
C ALA E 175 3.39 21.74 32.43
N SER E 176 2.47 20.86 32.01
CA SER E 176 1.37 21.27 31.16
C SER E 176 0.18 21.77 31.94
N GLY E 177 0.06 21.37 33.20
CA GLY E 177 -1.08 21.71 34.03
C GLY E 177 -2.34 20.95 33.70
N ARG E 178 -2.31 20.03 32.74
CA ARG E 178 -3.48 19.28 32.35
C ARG E 178 -3.43 17.90 33.00
N GLU E 179 -4.60 17.32 33.21
CA GLU E 179 -4.72 16.02 33.87
C GLU E 179 -4.55 14.93 32.80
N ILE E 180 -3.35 14.39 32.70
CA ILE E 180 -3.02 13.39 31.69
C ILE E 180 -2.40 12.18 32.38
N ARG E 181 -2.96 11.01 32.12
CA ARG E 181 -2.45 9.76 32.68
C ARG E 181 -1.20 9.29 31.96
N LEU E 182 -0.29 8.70 32.71
CA LEU E 182 0.94 8.11 32.17
C LEU E 182 0.83 6.60 32.31
N GLU E 183 0.63 5.93 31.17
CA GLU E 183 0.38 4.50 31.13
C GLU E 183 1.61 3.75 30.65
N ILE E 184 1.80 2.54 31.17
CA ILE E 184 2.94 1.69 30.83
C ILE E 184 2.43 0.28 30.56
N ASP E 185 3.00 -0.37 29.55
CA ASP E 185 2.59 -1.72 29.17
C ASP E 185 3.79 -2.46 28.61
N GLY E 186 4.08 -3.63 29.16
CA GLY E 186 5.15 -4.45 28.64
C GLY E 186 6.09 -4.97 29.71
N GLY E 187 5.92 -6.25 30.07
CA GLY E 187 6.78 -6.85 31.07
C GLY E 187 6.58 -6.31 32.47
N VAL E 188 5.37 -5.84 32.78
CA VAL E 188 5.10 -5.30 34.11
C VAL E 188 4.76 -6.46 35.05
N ASN E 189 5.53 -6.59 36.13
CA ASN E 189 5.36 -7.65 37.10
C ASN E 189 5.45 -7.06 38.50
N VAL E 190 5.30 -7.91 39.50
CA VAL E 190 5.34 -7.44 40.89
C VAL E 190 6.73 -6.95 41.25
N LYS E 191 7.78 -7.58 40.72
CA LYS E 191 9.15 -7.26 41.11
C LYS E 191 9.61 -5.91 40.60
N ASN E 192 8.95 -5.34 39.59
CA ASN E 192 9.39 -4.07 39.03
C ASN E 192 8.34 -2.98 39.06
N ILE E 193 7.12 -3.28 39.52
CA ILE E 193 6.09 -2.24 39.49
C ILE E 193 6.42 -1.13 40.48
N ARG E 194 7.14 -1.44 41.56
CA ARG E 194 7.53 -0.39 42.49
C ARG E 194 8.46 0.60 41.80
N GLU E 195 9.47 0.10 41.11
CA GLU E 195 10.41 0.96 40.39
C GLU E 195 9.72 1.72 39.26
N ILE E 196 8.76 1.08 38.58
CA ILE E 196 8.05 1.72 37.47
C ILE E 196 7.28 2.94 37.93
N ALA E 197 6.56 2.83 39.05
CA ALA E 197 5.81 3.97 39.56
C ALA E 197 6.73 5.10 39.98
N ALA E 198 7.88 4.78 40.58
CA ALA E 198 8.83 5.81 40.98
C ALA E 198 9.34 6.60 39.79
N ALA E 199 9.39 5.99 38.61
CA ALA E 199 9.74 6.72 37.41
C ALA E 199 8.68 7.73 36.99
N GLY E 200 7.43 7.53 37.41
CA GLY E 200 6.40 8.52 37.14
C GLY E 200 5.13 7.97 36.54
N ALA E 201 5.04 6.65 36.38
CA ALA E 201 3.85 6.04 35.81
C ALA E 201 2.75 5.94 36.86
N ASP E 202 1.51 6.17 36.42
CA ASP E 202 0.35 6.04 37.29
C ASP E 202 -0.72 5.11 36.75
N THR E 203 -0.52 4.53 35.56
CA THR E 203 -1.47 3.59 34.97
C THR E 203 -0.70 2.39 34.45
N PHE E 204 -1.05 1.20 34.92
CA PHE E 204 -0.22 0.01 34.77
C PHE E 204 -0.99 -1.09 34.06
N VAL E 205 -0.47 -1.53 32.92
CA VAL E 205 -1.02 -2.67 32.18
C VAL E 205 -0.24 -3.93 32.56
N ALA E 206 -0.95 -4.95 33.01
CA ALA E 206 -0.38 -6.26 33.21
C ALA E 206 -1.27 -7.27 32.51
N GLY E 207 -0.66 -8.32 31.96
CA GLY E 207 -1.44 -9.32 31.28
C GLY E 207 -1.27 -10.68 31.90
N SER E 208 -0.21 -11.37 31.47
CA SER E 208 0.07 -12.72 31.98
C SER E 208 0.25 -12.72 33.49
N ALA E 209 0.85 -11.66 34.04
CA ALA E 209 1.13 -11.63 35.47
C ALA E 209 -0.14 -11.80 36.30
N ILE E 210 -1.28 -11.38 35.78
CA ILE E 210 -2.54 -11.49 36.52
C ILE E 210 -3.36 -12.67 36.04
N PHE E 211 -3.67 -12.72 34.74
CA PHE E 211 -4.63 -13.69 34.27
C PHE E 211 -4.10 -15.13 34.27
N ASN E 212 -2.79 -15.32 34.18
CA ASN E 212 -2.21 -16.66 34.24
C ASN E 212 -1.84 -17.08 35.66
N ALA E 213 -2.02 -16.21 36.65
CA ALA E 213 -1.74 -16.55 38.03
C ALA E 213 -2.86 -17.39 38.63
N PRO E 214 -2.55 -18.22 39.64
CA PRO E 214 -3.61 -19.05 40.25
C PRO E 214 -4.59 -18.24 41.07
N ASP E 215 -4.18 -17.10 41.63
CA ASP E 215 -5.06 -16.25 42.43
C ASP E 215 -4.90 -14.81 41.95
N TYR E 216 -5.97 -14.26 41.35
CA TYR E 216 -5.90 -12.90 40.84
C TYR E 216 -5.83 -11.88 41.97
N ALA E 217 -6.56 -12.11 43.06
CA ALA E 217 -6.67 -11.11 44.12
C ALA E 217 -5.36 -10.88 44.85
N GLU E 218 -4.60 -11.95 45.12
CA GLU E 218 -3.33 -11.80 45.81
C GLU E 218 -2.34 -11.02 44.96
N VAL E 219 -2.32 -11.29 43.65
CA VAL E 219 -1.40 -10.59 42.75
C VAL E 219 -1.71 -9.10 42.73
N ILE E 220 -2.99 -8.75 42.60
CA ILE E 220 -3.38 -7.34 42.63
C ILE E 220 -3.11 -6.76 44.00
N ARG E 221 -3.40 -7.51 45.06
CA ARG E 221 -3.06 -7.06 46.41
C ARG E 221 -1.56 -6.86 46.55
N ALA E 222 -0.77 -7.77 45.97
CA ALA E 222 0.68 -7.62 46.02
C ALA E 222 1.14 -6.40 45.25
N MET E 223 0.51 -6.13 44.10
CA MET E 223 0.88 -4.95 43.31
C MET E 223 0.59 -3.66 44.07
N HIS E 224 -0.62 -3.52 44.62
CA HIS E 224 -0.95 -2.31 45.37
C HIS E 224 -0.08 -2.16 46.60
N ALA E 225 0.32 -3.27 47.23
CA ALA E 225 1.23 -3.20 48.37
C ALA E 225 2.57 -2.62 47.96
N GLU E 226 3.11 -3.06 46.82
CA GLU E 226 4.37 -2.52 46.33
C GLU E 226 4.21 -1.07 45.87
N LEU E 227 3.04 -0.73 45.32
CA LEU E 227 2.79 0.63 44.86
C LEU E 227 2.76 1.63 46.01
N ALA E 228 2.37 1.19 47.21
CA ALA E 228 2.33 2.12 48.33
C ALA E 228 3.73 2.49 48.80
N GLN E 229 4.63 1.51 48.90
CA GLN E 229 6.02 1.78 49.28
C GLN E 229 6.90 2.09 48.06
N ALA E 230 6.35 2.83 47.09
CA ALA E 230 7.06 3.19 45.87
C ALA E 230 7.40 4.68 45.81
N HIS E 231 6.37 5.52 45.78
CA HIS E 231 6.49 6.95 45.50
C HIS E 231 7.64 7.64 46.25
N HIS F 8 2.45 -25.13 -34.91
CA HIS F 8 3.45 -24.12 -35.24
C HIS F 8 4.15 -23.58 -33.99
N MET F 9 5.34 -24.12 -33.72
CA MET F 9 6.17 -23.72 -32.59
C MET F 9 7.32 -22.83 -33.06
N GLN F 10 8.25 -22.57 -32.14
CA GLN F 10 9.51 -21.86 -32.38
C GLN F 10 10.67 -22.76 -31.99
N PRO F 11 11.87 -22.53 -32.54
CA PRO F 11 12.99 -23.43 -32.26
C PRO F 11 13.30 -23.54 -30.78
N PHE F 12 13.61 -24.77 -30.35
CA PHE F 12 13.93 -25.05 -28.96
C PHE F 12 15.05 -24.15 -28.45
N ALA F 13 14.91 -23.74 -27.19
CA ALA F 13 15.89 -22.88 -26.54
C ALA F 13 16.02 -23.29 -25.09
N ILE F 14 17.26 -23.39 -24.60
CA ILE F 14 17.56 -23.69 -23.21
C ILE F 14 18.03 -22.40 -22.56
N ALA F 15 17.32 -21.96 -21.52
CA ALA F 15 17.52 -20.66 -20.88
C ALA F 15 17.84 -20.83 -19.41
N PRO F 16 19.10 -21.12 -19.07
CA PRO F 16 19.48 -21.26 -17.66
C PRO F 16 19.27 -19.96 -16.89
N SER F 17 18.79 -20.11 -15.66
CA SER F 17 18.59 -18.96 -14.76
C SER F 17 19.81 -18.79 -13.88
N ILE F 18 20.38 -17.58 -13.89
CA ILE F 18 21.63 -17.31 -13.22
C ILE F 18 21.46 -17.16 -11.71
N LEU F 19 20.26 -17.47 -11.19
CA LEU F 19 20.11 -17.55 -9.74
C LEU F 19 21.00 -18.61 -9.14
N SER F 20 21.25 -19.69 -9.86
CA SER F 20 22.12 -20.77 -9.42
C SER F 20 23.57 -20.56 -9.82
N ALA F 21 23.91 -19.46 -10.48
CA ALA F 21 25.28 -19.20 -10.91
C ALA F 21 26.10 -18.59 -9.77
N ASP F 22 27.40 -18.42 -10.03
CA ASP F 22 28.34 -17.89 -9.04
C ASP F 22 28.42 -16.37 -9.20
N PHE F 23 27.77 -15.64 -8.29
CA PHE F 23 27.75 -14.18 -8.44
C PHE F 23 29.09 -13.54 -8.09
N ALA F 24 30.04 -14.28 -7.54
CA ALA F 24 31.38 -13.72 -7.37
C ALA F 24 32.21 -13.80 -8.64
N ARG F 25 31.88 -14.72 -9.53
CA ARG F 25 32.55 -14.89 -10.82
C ARG F 25 31.52 -14.99 -11.92
N LEU F 26 30.61 -13.99 -11.96
CA LEU F 26 29.40 -14.13 -12.75
C LEU F 26 29.70 -14.17 -14.24
N GLY F 27 30.53 -13.25 -14.73
CA GLY F 27 30.91 -13.27 -16.13
C GLY F 27 31.52 -14.59 -16.55
N GLU F 28 32.41 -15.13 -15.70
CA GLU F 28 32.99 -16.44 -15.99
C GLU F 28 31.91 -17.53 -16.08
N ASP F 29 31.02 -17.61 -15.10
CA ASP F 29 30.06 -18.70 -15.08
C ASP F 29 29.10 -18.60 -16.27
N VAL F 30 28.73 -17.38 -16.66
CA VAL F 30 27.84 -17.21 -17.80
C VAL F 30 28.53 -17.60 -19.10
N ASP F 31 29.81 -17.25 -19.25
CA ASP F 31 30.55 -17.69 -20.43
C ASP F 31 30.58 -19.22 -20.53
N LYS F 32 30.81 -19.90 -19.40
CA LYS F 32 30.92 -21.35 -19.42
C LYS F 32 29.59 -22.01 -19.74
N VAL F 33 28.50 -21.54 -19.14
CA VAL F 33 27.21 -22.18 -19.42
C VAL F 33 26.78 -21.90 -20.85
N LEU F 34 27.14 -20.73 -21.40
CA LEU F 34 26.81 -20.44 -22.79
C LEU F 34 27.67 -21.26 -23.73
N ALA F 35 28.96 -21.38 -23.44
CA ALA F 35 29.84 -22.24 -24.22
C ALA F 35 29.43 -23.69 -24.14
N ALA F 36 28.70 -24.09 -23.10
CA ALA F 36 28.20 -25.45 -22.98
C ALA F 36 26.93 -25.70 -23.78
N GLY F 37 26.43 -24.71 -24.52
CA GLY F 37 25.29 -24.89 -25.41
C GLY F 37 24.01 -24.22 -24.99
N ALA F 38 24.01 -23.49 -23.88
CA ALA F 38 22.82 -22.75 -23.48
C ALA F 38 22.51 -21.65 -24.49
N ASP F 39 21.22 -21.37 -24.67
CA ASP F 39 20.79 -20.39 -25.67
C ASP F 39 20.50 -19.03 -25.09
N ILE F 40 19.86 -18.96 -23.93
CA ILE F 40 19.35 -17.72 -23.38
C ILE F 40 19.79 -17.61 -21.92
N VAL F 41 20.17 -16.41 -21.52
CA VAL F 41 20.49 -16.13 -20.12
C VAL F 41 19.20 -15.62 -19.46
N HIS F 42 18.66 -16.40 -18.53
CA HIS F 42 17.43 -16.07 -17.84
C HIS F 42 17.75 -15.30 -16.56
N PHE F 43 17.04 -14.19 -16.35
CA PHE F 43 17.36 -13.18 -15.34
C PHE F 43 16.15 -13.03 -14.42
N ASP F 44 16.25 -13.53 -13.18
CA ASP F 44 15.14 -13.51 -12.22
C ASP F 44 15.26 -12.30 -11.30
N VAL F 45 14.36 -11.33 -11.48
CA VAL F 45 14.40 -10.08 -10.74
C VAL F 45 13.28 -10.10 -9.71
N MET F 46 13.65 -9.98 -8.43
CA MET F 46 12.68 -10.00 -7.33
C MET F 46 12.88 -8.75 -6.49
N ASP F 47 11.77 -8.09 -6.12
CA ASP F 47 11.80 -6.78 -5.48
C ASP F 47 11.39 -6.81 -4.02
N ASN F 48 11.38 -7.99 -3.40
CA ASN F 48 11.02 -8.21 -2.01
C ASN F 48 9.56 -7.87 -1.70
N HIS F 49 8.79 -7.49 -2.72
CA HIS F 49 7.38 -7.17 -2.50
C HIS F 49 6.45 -8.13 -3.24
N TYR F 50 6.56 -8.25 -4.56
CA TYR F 50 5.72 -9.18 -5.27
C TYR F 50 6.01 -10.62 -4.89
N VAL F 51 7.27 -10.91 -4.53
CA VAL F 51 7.63 -12.20 -3.98
C VAL F 51 8.51 -11.95 -2.77
N PRO F 52 8.56 -12.85 -1.79
CA PRO F 52 9.31 -12.59 -0.57
C PRO F 52 10.82 -12.82 -0.68
N ASN F 53 11.44 -12.16 -1.66
CA ASN F 53 12.88 -12.27 -1.87
C ASN F 53 13.34 -11.11 -2.73
N LEU F 54 14.64 -10.77 -2.61
CA LEU F 54 15.27 -9.70 -3.39
C LEU F 54 16.54 -10.26 -4.04
N THR F 55 16.64 -10.15 -5.37
CA THR F 55 17.71 -10.82 -6.12
C THR F 55 18.61 -9.76 -6.74
N ILE F 56 18.45 -9.43 -8.02
CA ILE F 56 19.41 -8.59 -8.73
C ILE F 56 18.68 -7.62 -9.64
N GLY F 57 19.24 -6.43 -9.79
CA GLY F 57 18.63 -5.41 -10.59
C GLY F 57 19.33 -5.17 -11.92
N PRO F 58 18.94 -4.07 -12.59
CA PRO F 58 19.48 -3.81 -13.93
C PRO F 58 20.97 -3.62 -14.00
N MET F 59 21.63 -3.16 -12.93
CA MET F 59 23.08 -3.00 -13.01
C MET F 59 23.77 -4.32 -13.29
N VAL F 60 23.17 -5.44 -12.87
CA VAL F 60 23.77 -6.74 -13.15
C VAL F 60 23.58 -7.11 -14.62
N CYS F 61 22.42 -6.79 -15.19
CA CYS F 61 22.27 -6.93 -16.63
C CYS F 61 23.26 -6.04 -17.37
N SER F 62 23.39 -4.80 -16.91
CA SER F 62 24.37 -3.89 -17.50
C SER F 62 25.79 -4.43 -17.39
N ALA F 63 26.15 -5.00 -16.22
CA ALA F 63 27.51 -5.48 -16.04
C ALA F 63 27.84 -6.60 -17.02
N LEU F 64 26.87 -7.48 -17.30
CA LEU F 64 27.11 -8.57 -18.23
C LEU F 64 27.29 -8.06 -19.66
N ARG F 65 26.56 -7.02 -20.03
CA ARG F 65 26.72 -6.47 -21.38
C ARG F 65 28.08 -5.81 -21.55
N LYS F 66 28.53 -5.06 -20.55
CA LYS F 66 29.84 -4.42 -20.63
C LYS F 66 30.96 -5.46 -20.61
N TYR F 67 30.69 -6.66 -20.09
CA TYR F 67 31.69 -7.71 -19.98
C TYR F 67 31.88 -8.45 -21.29
N GLY F 68 30.89 -8.43 -22.17
CA GLY F 68 31.04 -9.04 -23.48
C GLY F 68 29.93 -10.00 -23.84
N VAL F 69 29.02 -10.26 -22.91
CA VAL F 69 27.93 -11.20 -23.14
C VAL F 69 27.00 -10.63 -24.20
N SER F 70 26.96 -11.25 -25.37
CA SER F 70 26.08 -10.84 -26.46
C SER F 70 24.86 -11.73 -26.59
N ALA F 71 24.76 -12.78 -25.79
CA ALA F 71 23.61 -13.67 -25.86
C ALA F 71 22.35 -12.93 -25.43
N PRO F 72 21.18 -13.39 -25.87
CA PRO F 72 19.93 -12.78 -25.41
C PRO F 72 19.79 -12.96 -23.90
N ILE F 73 19.45 -11.88 -23.21
CA ILE F 73 19.22 -11.89 -21.77
C ILE F 73 17.73 -11.72 -21.54
N ASP F 74 17.13 -12.69 -20.86
CA ASP F 74 15.69 -12.79 -20.67
C ASP F 74 15.38 -12.37 -19.24
N VAL F 75 14.84 -11.17 -19.07
CA VAL F 75 14.58 -10.60 -17.76
C VAL F 75 13.15 -10.92 -17.33
N HIS F 76 13.04 -11.72 -16.28
CA HIS F 76 11.75 -12.07 -15.68
C HIS F 76 11.55 -11.16 -14.47
N LEU F 77 10.56 -10.28 -14.54
CA LEU F 77 10.25 -9.33 -13.48
C LEU F 77 9.24 -9.95 -12.53
N MET F 78 9.70 -10.34 -11.35
CA MET F 78 8.83 -10.64 -10.22
C MET F 78 8.80 -9.44 -9.27
N VAL F 79 8.32 -8.32 -9.80
CA VAL F 79 8.26 -7.05 -9.10
C VAL F 79 6.90 -6.41 -9.31
N SER F 80 6.55 -5.46 -8.44
CA SER F 80 5.30 -4.73 -8.64
C SER F 80 5.34 -3.41 -7.89
N PRO F 81 5.10 -2.26 -8.56
CA PRO F 81 4.78 -2.04 -9.98
C PRO F 81 5.97 -2.24 -10.92
N VAL F 82 5.76 -2.21 -12.24
CA VAL F 82 6.79 -2.65 -13.18
C VAL F 82 7.31 -1.55 -14.10
N ASP F 83 6.57 -0.46 -14.32
CA ASP F 83 6.87 0.43 -15.46
C ASP F 83 8.24 1.10 -15.33
N ARG F 84 8.59 1.58 -14.14
CA ARG F 84 9.87 2.28 -13.99
C ARG F 84 11.06 1.35 -14.24
N ILE F 85 11.05 0.17 -13.62
CA ILE F 85 12.19 -0.72 -13.77
C ILE F 85 12.24 -1.35 -15.17
N ILE F 86 11.12 -1.39 -15.89
CA ILE F 86 11.17 -1.81 -17.28
C ILE F 86 12.08 -0.89 -18.08
N GLY F 87 11.96 0.42 -17.86
CA GLY F 87 12.80 1.38 -18.55
C GLY F 87 14.28 1.15 -18.32
N ASP F 88 14.64 0.82 -17.07
CA ASP F 88 16.05 0.60 -16.76
C ASP F 88 16.57 -0.66 -17.44
N PHE F 89 15.73 -1.69 -17.53
CA PHE F 89 16.17 -2.91 -18.18
C PHE F 89 16.24 -2.74 -19.69
N ILE F 90 15.45 -1.84 -20.26
CA ILE F 90 15.65 -1.49 -21.66
C ILE F 90 17.04 -0.87 -21.84
N GLU F 91 17.37 0.12 -21.01
CA GLU F 91 18.67 0.76 -21.12
C GLU F 91 19.80 -0.18 -20.73
N ALA F 92 19.52 -1.16 -19.87
CA ALA F 92 20.56 -2.07 -19.44
C ALA F 92 20.91 -3.13 -20.47
N GLY F 93 20.16 -3.22 -21.57
CA GLY F 93 20.47 -4.18 -22.61
C GLY F 93 19.69 -5.48 -22.57
N ALA F 94 18.53 -5.51 -21.93
CA ALA F 94 17.72 -6.72 -21.91
C ALA F 94 17.21 -7.05 -23.30
N THR F 95 16.98 -8.34 -23.54
CA THR F 95 16.43 -8.82 -24.80
C THR F 95 14.95 -9.16 -24.68
N TYR F 96 14.57 -9.97 -23.70
CA TYR F 96 13.18 -10.17 -23.34
C TYR F 96 12.92 -9.50 -22.00
N ILE F 97 11.74 -8.93 -21.84
CA ILE F 97 11.27 -8.45 -20.55
C ILE F 97 9.88 -9.02 -20.35
N THR F 98 9.69 -9.80 -19.28
CA THR F 98 8.41 -10.42 -18.95
C THR F 98 7.99 -10.01 -17.56
N PHE F 99 6.67 -9.94 -17.35
CA PHE F 99 6.11 -9.52 -16.07
C PHE F 99 4.77 -10.22 -15.84
N HIS F 100 4.33 -10.21 -14.59
CA HIS F 100 3.07 -10.83 -14.21
C HIS F 100 1.91 -9.85 -14.45
N PRO F 101 0.80 -10.30 -15.05
CA PRO F 101 -0.33 -9.38 -15.26
C PRO F 101 -0.87 -8.79 -13.98
N GLU F 102 -0.82 -9.54 -12.86
CA GLU F 102 -1.30 -9.01 -11.59
C GLU F 102 -0.44 -7.87 -11.07
N ALA F 103 0.79 -7.73 -11.56
CA ALA F 103 1.73 -6.77 -11.01
C ALA F 103 1.63 -5.41 -11.67
N SER F 104 0.84 -5.29 -12.73
CA SER F 104 0.70 -4.05 -13.49
C SER F 104 -0.76 -3.64 -13.53
N GLN F 105 -1.03 -2.38 -13.20
CA GLN F 105 -2.39 -1.88 -13.28
C GLN F 105 -2.86 -1.71 -14.72
N HIS F 106 -1.95 -1.62 -15.68
CA HIS F 106 -2.32 -1.37 -17.07
C HIS F 106 -1.45 -2.26 -17.95
N ILE F 107 -1.93 -3.48 -18.18
CA ILE F 107 -1.12 -4.51 -18.81
C ILE F 107 -0.72 -4.10 -20.22
N ASP F 108 -1.67 -3.52 -20.98
CA ASP F 108 -1.38 -3.15 -22.36
C ASP F 108 -0.32 -2.07 -22.44
N ARG F 109 -0.42 -1.05 -21.59
CA ARG F 109 0.61 -0.01 -21.59
C ARG F 109 1.97 -0.58 -21.20
N SER F 110 2.01 -1.52 -20.25
CA SER F 110 3.28 -2.09 -19.82
C SER F 110 3.89 -2.94 -20.93
N LEU F 111 3.09 -3.78 -21.59
CA LEU F 111 3.60 -4.53 -22.73
C LEU F 111 4.04 -3.60 -23.83
N GLN F 112 3.27 -2.55 -24.09
CA GLN F 112 3.64 -1.58 -25.12
C GLN F 112 4.93 -0.86 -24.76
N LEU F 113 5.15 -0.60 -23.47
CA LEU F 113 6.36 0.04 -23.02
C LEU F 113 7.59 -0.79 -23.39
N ILE F 114 7.49 -2.11 -23.23
CA ILE F 114 8.61 -2.99 -23.56
C ILE F 114 8.87 -2.97 -25.06
N ARG F 115 7.80 -3.10 -25.86
CA ARG F 115 7.96 -3.13 -27.31
C ARG F 115 8.59 -1.84 -27.82
N ASP F 116 8.19 -0.70 -27.25
CA ASP F 116 8.73 0.58 -27.71
C ASP F 116 10.20 0.75 -27.35
N GLY F 117 10.72 -0.01 -26.38
CA GLY F 117 12.13 0.03 -26.10
C GLY F 117 12.97 -0.83 -27.01
N GLY F 118 12.33 -1.64 -27.86
CA GLY F 118 12.99 -2.58 -28.73
C GLY F 118 13.13 -3.98 -28.18
N CYS F 119 12.58 -4.26 -27.00
CA CYS F 119 12.71 -5.60 -26.44
C CYS F 119 11.51 -6.47 -26.81
N LYS F 120 11.69 -7.76 -26.61
CA LYS F 120 10.60 -8.71 -26.75
C LYS F 120 9.90 -8.81 -25.41
N ALA F 121 8.56 -8.82 -25.44
CA ALA F 121 7.74 -8.74 -24.24
C ALA F 121 7.03 -10.05 -23.97
N GLY F 122 6.73 -10.29 -22.69
CA GLY F 122 6.02 -11.48 -22.30
C GLY F 122 5.23 -11.27 -21.02
N LEU F 123 4.28 -12.19 -20.79
CA LEU F 123 3.49 -12.22 -19.58
C LEU F 123 3.73 -13.54 -18.86
N VAL F 124 3.92 -13.47 -17.55
CA VAL F 124 4.19 -14.64 -16.73
C VAL F 124 2.95 -15.00 -15.96
N PHE F 125 2.63 -16.30 -15.92
CA PHE F 125 1.40 -16.77 -15.29
C PHE F 125 1.75 -17.63 -14.09
N ASN F 126 1.29 -17.20 -12.92
CA ASN F 126 1.41 -18.00 -11.71
C ASN F 126 0.65 -19.32 -11.90
N PRO F 127 0.99 -20.34 -11.10
CA PRO F 127 0.25 -21.61 -11.19
C PRO F 127 -1.25 -21.46 -11.24
N ALA F 128 -1.83 -20.52 -10.46
CA ALA F 128 -3.27 -20.36 -10.40
C ALA F 128 -3.81 -19.40 -11.45
N THR F 129 -2.95 -18.64 -12.11
CA THR F 129 -3.41 -17.60 -13.01
C THR F 129 -3.98 -18.22 -14.27
N PRO F 130 -5.25 -17.96 -14.62
CA PRO F 130 -5.78 -18.50 -15.87
C PRO F 130 -5.20 -17.73 -17.05
N LEU F 131 -5.34 -18.31 -18.23
CA LEU F 131 -4.77 -17.75 -19.44
C LEU F 131 -5.67 -16.72 -20.10
N GLU F 132 -6.78 -16.36 -19.44
CA GLU F 132 -7.78 -15.53 -20.09
C GLU F 132 -7.23 -14.17 -20.50
N VAL F 133 -6.30 -13.61 -19.73
CA VAL F 133 -5.86 -12.24 -19.98
C VAL F 133 -5.11 -12.09 -21.30
N LEU F 134 -4.74 -13.20 -21.95
CA LEU F 134 -4.03 -13.15 -23.22
C LEU F 134 -4.92 -12.74 -24.39
N LYS F 135 -6.25 -12.75 -24.22
CA LYS F 135 -7.15 -12.63 -25.36
C LYS F 135 -6.92 -11.36 -26.16
N TYR F 136 -6.72 -10.23 -25.47
CA TYR F 136 -6.66 -8.93 -26.12
C TYR F 136 -5.25 -8.35 -26.16
N VAL F 137 -4.23 -9.18 -25.96
CA VAL F 137 -2.84 -8.72 -26.00
C VAL F 137 -1.99 -9.73 -26.77
N MET F 138 -2.64 -10.61 -27.53
CA MET F 138 -1.89 -11.61 -28.27
C MET F 138 -0.92 -10.98 -29.25
N ASP F 139 -1.25 -9.80 -29.76
CA ASP F 139 -0.38 -9.11 -30.71
C ASP F 139 0.82 -8.48 -30.04
N LYS F 140 0.87 -8.45 -28.72
CA LYS F 140 1.93 -7.73 -28.01
C LYS F 140 2.82 -8.62 -27.15
N VAL F 141 2.57 -9.92 -27.08
CA VAL F 141 3.41 -10.84 -26.33
C VAL F 141 4.23 -11.65 -27.30
N ASP F 142 5.54 -11.67 -27.07
CA ASP F 142 6.47 -12.51 -27.83
C ASP F 142 6.77 -13.80 -27.12
N MET F 143 6.50 -13.87 -25.82
CA MET F 143 6.76 -15.04 -25.02
C MET F 143 5.69 -15.17 -23.96
N VAL F 144 5.34 -16.41 -23.64
CA VAL F 144 4.44 -16.72 -22.55
C VAL F 144 5.19 -17.65 -21.62
N LEU F 145 5.36 -17.22 -20.36
CA LEU F 145 6.08 -18.00 -19.37
C LEU F 145 5.09 -18.58 -18.36
N LEU F 146 5.04 -19.90 -18.27
CA LEU F 146 4.23 -20.60 -17.29
C LEU F 146 5.11 -21.02 -16.11
N MET F 147 4.71 -20.60 -14.92
CA MET F 147 5.41 -21.00 -13.69
C MET F 147 4.88 -22.34 -13.23
N SER F 148 5.77 -23.33 -13.13
CA SER F 148 5.41 -24.62 -12.59
C SER F 148 5.73 -24.74 -11.10
N VAL F 149 6.27 -23.68 -10.50
CA VAL F 149 6.37 -23.56 -9.05
C VAL F 149 5.90 -22.16 -8.67
N ASN F 150 5.69 -21.95 -7.39
CA ASN F 150 5.37 -20.62 -6.90
C ASN F 150 6.64 -19.77 -6.87
N PRO F 151 6.71 -18.69 -7.64
CA PRO F 151 7.98 -17.97 -7.79
C PRO F 151 8.43 -17.30 -6.51
N GLY F 152 9.73 -17.37 -6.23
CA GLY F 152 10.31 -16.70 -5.10
C GLY F 152 10.27 -17.47 -3.79
N PHE F 153 9.65 -18.64 -3.78
CA PHE F 153 9.51 -19.41 -2.55
C PHE F 153 10.43 -20.63 -2.54
N GLN F 156 8.92 -25.71 -4.68
CA GLN F 156 10.14 -25.97 -5.43
C GLN F 156 10.02 -27.29 -6.21
N LYS F 157 8.84 -27.89 -6.18
CA LYS F 157 8.54 -29.14 -6.88
C LYS F 157 7.57 -28.86 -8.02
N PHE F 158 7.84 -29.44 -9.19
CA PHE F 158 7.03 -29.21 -10.38
C PHE F 158 5.56 -29.56 -10.15
N ILE F 159 4.68 -28.60 -10.39
CA ILE F 159 3.23 -28.79 -10.25
C ILE F 159 2.67 -29.49 -11.48
N PRO F 160 2.14 -30.71 -11.33
CA PRO F 160 1.77 -31.51 -12.51
C PRO F 160 0.72 -30.87 -13.39
N GLY F 161 -0.23 -30.12 -12.81
CA GLY F 161 -1.27 -29.46 -13.58
C GLY F 161 -0.75 -28.46 -14.60
N THR F 162 0.52 -28.09 -14.51
CA THR F 162 1.09 -27.15 -15.47
C THR F 162 1.06 -27.69 -16.89
N LEU F 163 1.22 -29.02 -17.04
CA LEU F 163 1.18 -29.62 -18.37
C LEU F 163 -0.15 -29.37 -19.06
N ASP F 164 -1.26 -29.42 -18.31
CA ASP F 164 -2.56 -29.11 -18.89
C ASP F 164 -2.61 -27.68 -19.37
N LYS F 165 -2.05 -26.75 -18.59
CA LYS F 165 -2.02 -25.36 -19.01
C LYS F 165 -1.09 -25.15 -20.19
N LEU F 166 -0.01 -25.93 -20.28
CA LEU F 166 0.89 -25.85 -21.42
C LEU F 166 0.14 -26.17 -22.71
N ARG F 167 -0.64 -27.25 -22.71
CA ARG F 167 -1.39 -27.63 -23.91
C ARG F 167 -2.44 -26.58 -24.27
N GLU F 168 -3.11 -26.00 -23.27
CA GLU F 168 -4.04 -24.91 -23.54
C GLU F 168 -3.31 -23.71 -24.11
N ALA F 169 -2.11 -23.41 -23.59
CA ALA F 169 -1.33 -22.29 -24.09
C ALA F 169 -0.86 -22.54 -25.52
N ARG F 170 -0.37 -23.76 -25.80
CA ARG F 170 0.07 -24.10 -27.15
C ARG F 170 -1.07 -23.94 -28.15
N ALA F 171 -2.29 -24.30 -27.75
CA ALA F 171 -3.43 -24.17 -28.65
C ALA F 171 -3.73 -22.71 -28.96
N LEU F 172 -3.68 -21.84 -27.94
CA LEU F 172 -3.96 -20.42 -28.17
C LEU F 172 -2.92 -19.79 -29.09
N ILE F 173 -1.64 -20.12 -28.89
CA ILE F 173 -0.58 -19.56 -29.73
C ILE F 173 -0.73 -20.05 -31.16
N ASP F 174 -1.01 -21.34 -31.34
CA ASP F 174 -1.18 -21.88 -32.68
C ASP F 174 -2.32 -21.18 -33.42
N ALA F 175 -3.38 -20.83 -32.70
CA ALA F 175 -4.55 -20.22 -33.34
C ALA F 175 -4.35 -18.73 -33.58
N SER F 176 -3.26 -18.14 -33.10
CA SER F 176 -3.00 -16.73 -33.30
C SER F 176 -2.21 -16.45 -34.57
N GLY F 177 -1.44 -17.43 -35.05
CA GLY F 177 -0.59 -17.23 -36.20
C GLY F 177 0.64 -16.40 -35.94
N ARG F 178 0.85 -15.97 -34.70
CA ARG F 178 1.97 -15.12 -34.35
C ARG F 178 3.10 -15.94 -33.75
N GLU F 179 4.30 -15.40 -33.83
CA GLU F 179 5.48 -16.06 -33.30
C GLU F 179 5.60 -15.72 -31.82
N ILE F 180 5.13 -16.65 -30.98
CA ILE F 180 5.12 -16.47 -29.53
C ILE F 180 5.77 -17.70 -28.93
N ARG F 181 6.80 -17.49 -28.12
CA ARG F 181 7.46 -18.60 -27.43
C ARG F 181 6.65 -19.05 -26.23
N LEU F 182 6.69 -20.35 -25.97
CA LEU F 182 6.05 -20.93 -24.78
C LEU F 182 7.16 -21.39 -23.84
N GLU F 183 7.35 -20.64 -22.75
CA GLU F 183 8.42 -20.87 -21.80
C GLU F 183 7.87 -21.53 -20.55
N ILE F 184 8.72 -22.33 -19.89
CA ILE F 184 8.37 -23.02 -18.68
C ILE F 184 9.50 -22.83 -17.67
N ASP F 185 9.15 -22.66 -16.40
CA ASP F 185 10.18 -22.44 -15.38
C ASP F 185 9.69 -23.01 -14.06
N GLY F 186 10.49 -23.91 -13.48
CA GLY F 186 10.18 -24.48 -12.20
C GLY F 186 10.29 -25.99 -12.20
N GLY F 187 11.40 -26.50 -11.66
CA GLY F 187 11.62 -27.93 -11.58
C GLY F 187 11.83 -28.63 -12.90
N VAL F 188 12.38 -27.94 -13.90
CA VAL F 188 12.64 -28.55 -15.20
C VAL F 188 14.00 -29.24 -15.14
N ASN F 189 14.00 -30.55 -15.44
CA ASN F 189 15.19 -31.38 -15.37
C ASN F 189 15.26 -32.28 -16.60
N VAL F 190 16.31 -33.11 -16.65
CA VAL F 190 16.47 -34.02 -17.78
C VAL F 190 15.38 -35.08 -17.77
N LYS F 191 14.96 -35.52 -16.59
CA LYS F 191 13.99 -36.61 -16.51
C LYS F 191 12.59 -36.18 -16.95
N ASN F 192 12.30 -34.88 -16.99
CA ASN F 192 10.97 -34.42 -17.38
C ASN F 192 10.93 -33.49 -18.58
N ILE F 193 12.07 -33.09 -19.15
CA ILE F 193 11.99 -32.10 -20.22
C ILE F 193 11.30 -32.65 -21.45
N ARG F 194 11.34 -33.97 -21.66
CA ARG F 194 10.67 -34.55 -22.82
C ARG F 194 9.16 -34.34 -22.74
N GLU F 195 8.54 -34.71 -21.60
CA GLU F 195 7.10 -34.52 -21.47
C GLU F 195 6.72 -33.05 -21.48
N ILE F 196 7.54 -32.20 -20.86
CA ILE F 196 7.27 -30.77 -20.86
C ILE F 196 7.26 -30.24 -22.30
N ALA F 197 8.25 -30.65 -23.09
CA ALA F 197 8.28 -30.23 -24.48
C ALA F 197 7.10 -30.81 -25.26
N ALA F 198 6.76 -32.09 -25.00
CA ALA F 198 5.64 -32.72 -25.67
C ALA F 198 4.31 -32.05 -25.33
N ALA F 199 4.20 -31.47 -24.14
CA ALA F 199 3.01 -30.71 -23.78
C ALA F 199 2.89 -29.42 -24.58
N GLY F 200 4.00 -28.91 -25.11
CA GLY F 200 3.95 -27.74 -25.97
C GLY F 200 4.96 -26.65 -25.64
N ALA F 201 5.85 -26.91 -24.68
CA ALA F 201 6.88 -25.95 -24.34
C ALA F 201 8.03 -26.02 -25.34
N ASP F 202 8.57 -24.86 -25.69
CA ASP F 202 9.73 -24.78 -26.56
C ASP F 202 10.87 -23.98 -25.95
N THR F 203 10.67 -23.41 -24.77
CA THR F 203 11.70 -22.62 -24.10
C THR F 203 11.74 -23.08 -22.65
N PHE F 204 12.93 -23.48 -22.20
CA PHE F 204 13.08 -24.23 -20.95
C PHE F 204 14.06 -23.50 -20.04
N VAL F 205 13.58 -23.12 -18.86
CA VAL F 205 14.42 -22.53 -17.82
C VAL F 205 14.84 -23.63 -16.88
N ALA F 206 16.14 -23.80 -16.70
CA ALA F 206 16.68 -24.69 -15.67
C ALA F 206 17.72 -23.92 -14.86
N GLY F 207 17.77 -24.20 -13.56
CA GLY F 207 18.72 -23.51 -12.73
C GLY F 207 19.67 -24.47 -12.06
N SER F 208 19.20 -25.07 -10.96
CA SER F 208 20.04 -25.97 -10.18
C SER F 208 20.56 -27.10 -11.05
N ALA F 209 19.71 -27.61 -11.96
CA ALA F 209 20.07 -28.78 -12.77
C ALA F 209 21.32 -28.55 -13.61
N ILE F 210 21.63 -27.29 -13.95
CA ILE F 210 22.79 -27.00 -14.79
C ILE F 210 23.95 -26.48 -13.96
N PHE F 211 23.71 -25.41 -13.20
CA PHE F 211 24.82 -24.70 -12.56
C PHE F 211 25.43 -25.48 -11.39
N ASN F 212 24.66 -26.38 -10.77
CA ASN F 212 25.17 -27.20 -9.69
C ASN F 212 25.74 -28.52 -10.19
N ALA F 213 25.65 -28.81 -11.47
CA ALA F 213 26.29 -29.98 -12.04
C ALA F 213 27.79 -29.69 -12.23
N PRO F 214 28.64 -30.72 -12.21
CA PRO F 214 30.07 -30.44 -12.40
C PRO F 214 30.44 -30.09 -13.83
N ASP F 215 29.69 -30.56 -14.82
CA ASP F 215 29.98 -30.30 -16.22
C ASP F 215 28.72 -29.83 -16.92
N TYR F 216 28.71 -28.56 -17.36
CA TYR F 216 27.52 -27.95 -17.95
C TYR F 216 27.19 -28.58 -19.30
N ALA F 217 28.20 -28.94 -20.09
CA ALA F 217 27.96 -29.40 -21.45
C ALA F 217 27.19 -30.72 -21.48
N GLU F 218 27.50 -31.63 -20.55
CA GLU F 218 26.83 -32.92 -20.54
C GLU F 218 25.33 -32.78 -20.28
N VAL F 219 24.95 -31.93 -19.34
CA VAL F 219 23.53 -31.78 -19.01
C VAL F 219 22.75 -31.22 -20.19
N ILE F 220 23.27 -30.15 -20.80
CA ILE F 220 22.58 -29.53 -21.93
C ILE F 220 22.50 -30.49 -23.11
N ARG F 221 23.60 -31.22 -23.37
CA ARG F 221 23.59 -32.25 -24.40
C ARG F 221 22.58 -33.34 -24.06
N ALA F 222 22.49 -33.70 -22.78
CA ALA F 222 21.50 -34.69 -22.36
C ALA F 222 20.08 -34.18 -22.56
N MET F 223 19.85 -32.90 -22.26
CA MET F 223 18.52 -32.33 -22.41
C MET F 223 18.06 -32.34 -23.86
N HIS F 224 18.94 -31.91 -24.79
CA HIS F 224 18.58 -31.92 -26.19
C HIS F 224 18.30 -33.34 -26.69
N ALA F 225 18.94 -34.35 -26.10
CA ALA F 225 18.64 -35.72 -26.47
C ALA F 225 17.19 -36.04 -26.16
N GLU F 226 16.68 -35.60 -25.00
CA GLU F 226 15.28 -35.80 -24.69
C GLU F 226 14.38 -34.94 -25.57
N LEU F 227 14.85 -33.73 -25.93
CA LEU F 227 14.08 -32.89 -26.83
C LEU F 227 14.01 -33.52 -28.22
N ALA F 228 15.02 -34.33 -28.57
CA ALA F 228 15.01 -35.00 -29.87
C ALA F 228 13.95 -36.09 -29.90
N GLN F 229 13.79 -36.81 -28.79
CA GLN F 229 12.73 -37.82 -28.67
C GLN F 229 11.46 -37.09 -28.23
N ALA F 230 10.85 -36.40 -29.20
CA ALA F 230 9.68 -35.56 -28.95
C ALA F 230 8.39 -36.23 -29.40
#